data_2O60
# 
_entry.id   2O60 
# 
_audit_conform.dict_name       mmcif_pdbx.dic 
_audit_conform.dict_version    5.399 
_audit_conform.dict_location   http://mmcif.pdb.org/dictionaries/ascii/mmcif_pdbx.dic 
# 
loop_
_database_2.database_id 
_database_2.database_code 
_database_2.pdbx_database_accession 
_database_2.pdbx_DOI 
PDB   2O60         pdb_00002o60 10.2210/pdb2o60/pdb 
RCSB  RCSB040730   ?            ?                   
WWPDB D_1000040730 ?            ?                   
# 
loop_
_pdbx_audit_revision_history.ordinal 
_pdbx_audit_revision_history.data_content_type 
_pdbx_audit_revision_history.major_revision 
_pdbx_audit_revision_history.minor_revision 
_pdbx_audit_revision_history.revision_date 
1 'Structure model' 1 0 2007-12-25 
2 'Structure model' 1 1 2011-07-13 
3 'Structure model' 1 2 2017-10-18 
4 'Structure model' 1 3 2023-12-27 
5 'Structure model' 1 4 2024-11-20 
# 
_pdbx_audit_revision_details.ordinal             1 
_pdbx_audit_revision_details.revision_ordinal    1 
_pdbx_audit_revision_details.data_content_type   'Structure model' 
_pdbx_audit_revision_details.provider            repository 
_pdbx_audit_revision_details.type                'Initial release' 
_pdbx_audit_revision_details.description         ? 
_pdbx_audit_revision_details.details             ? 
# 
loop_
_pdbx_audit_revision_group.ordinal 
_pdbx_audit_revision_group.revision_ordinal 
_pdbx_audit_revision_group.data_content_type 
_pdbx_audit_revision_group.group 
1 2 'Structure model' Advisory                    
2 2 'Structure model' 'Refinement description'    
3 2 'Structure model' 'Version format compliance' 
4 3 'Structure model' 'Refinement description'    
5 4 'Structure model' 'Data collection'           
6 4 'Structure model' 'Database references'       
7 4 'Structure model' 'Derived calculations'      
8 5 'Structure model' 'Structure summary'         
# 
loop_
_pdbx_audit_revision_category.ordinal 
_pdbx_audit_revision_category.revision_ordinal 
_pdbx_audit_revision_category.data_content_type 
_pdbx_audit_revision_category.category 
1 3 'Structure model' software                  
2 4 'Structure model' chem_comp_atom            
3 4 'Structure model' chem_comp_bond            
4 4 'Structure model' database_2                
5 4 'Structure model' struct_conn               
6 4 'Structure model' struct_site               
7 5 'Structure model' pdbx_entry_details        
8 5 'Structure model' pdbx_modification_feature 
# 
loop_
_pdbx_audit_revision_item.ordinal 
_pdbx_audit_revision_item.revision_ordinal 
_pdbx_audit_revision_item.data_content_type 
_pdbx_audit_revision_item.item 
1 3 'Structure model' '_software.name'                      
2 4 'Structure model' '_database_2.pdbx_DOI'                
3 4 'Structure model' '_database_2.pdbx_database_accession' 
4 4 'Structure model' '_struct_conn.pdbx_leaving_atom_flag' 
5 4 'Structure model' '_struct_site.pdbx_auth_asym_id'      
6 4 'Structure model' '_struct_site.pdbx_auth_comp_id'      
7 4 'Structure model' '_struct_site.pdbx_auth_seq_id'       
# 
_pdbx_database_status.status_code                     REL 
_pdbx_database_status.entry_id                        2O60 
_pdbx_database_status.recvd_initial_deposition_date   2006-12-06 
_pdbx_database_status.deposit_site                    RCSB 
_pdbx_database_status.process_site                    RCSB 
_pdbx_database_status.status_code_sf                  REL 
_pdbx_database_status.status_code_mr                  ? 
_pdbx_database_status.SG_entry                        ? 
_pdbx_database_status.pdb_format_compatible           Y 
_pdbx_database_status.status_code_cs                  ? 
_pdbx_database_status.methods_development_category    ? 
_pdbx_database_status.status_code_nmr_data            ? 
# 
_pdbx_database_related.db_name        PDB 
_pdbx_database_related.db_id          2o5g 
_pdbx_database_related.details        . 
_pdbx_database_related.content_type   unspecified 
# 
loop_
_audit_author.name 
_audit_author.pdbx_ordinal 
'Ng, H.L.'   1 
'Alber, T.'  2 
'Wand, A.J.' 3 
# 
_citation.id                        primary 
_citation.title                     'Crystal structure of calmodulin-neuronal nitric oxide synthase complex' 
_citation.journal_abbrev            'To be Published' 
_citation.journal_volume            ? 
_citation.page_first                ? 
_citation.page_last                 ? 
_citation.year                      ? 
_citation.journal_id_ASTM           ? 
_citation.country                   ? 
_citation.journal_id_ISSN           ? 
_citation.journal_id_CSD            0353 
_citation.book_publisher            ? 
_citation.pdbx_database_id_PubMed   ? 
_citation.pdbx_database_id_DOI      ? 
# 
loop_
_citation_author.citation_id 
_citation_author.name 
_citation_author.ordinal 
_citation_author.identifier_ORCID 
primary 'Valentine, K.G.' 1 ? 
primary 'Ng, H.L.'        2 ? 
primary 'Schneeweis, L.'  3 ? 
primary 'Kranz, J.K.'     4 ? 
primary 'Frederick, K.K.' 5 ? 
primary 'Alber, T.'       6 ? 
primary 'Wand, A.J.'      7 ? 
# 
loop_
_entity.id 
_entity.type 
_entity.src_method 
_entity.pdbx_description 
_entity.formula_weight 
_entity.pdbx_number_of_molecules 
_entity.pdbx_ec 
_entity.pdbx_mutation 
_entity.pdbx_fragment 
_entity.details 
1 polymer     man Calmodulin                                                                             16721.350 1   ? ? ? ? 
2 polymer     syn 'Peptide corresponding to calmodulin binding domain of neuronal nitric oxide synthase' 2583.192  1   ? ? ? ? 
3 non-polymer syn 'CALCIUM ION'                                                                          40.078    4   ? ? ? ? 
4 water       nat water                                                                                  18.015    165 ? ? ? ? 
# 
_entity_name_com.entity_id   1 
_entity_name_com.name        CaM 
# 
loop_
_entity_poly.entity_id 
_entity_poly.type 
_entity_poly.nstd_linkage 
_entity_poly.nstd_monomer 
_entity_poly.pdbx_seq_one_letter_code 
_entity_poly.pdbx_seq_one_letter_code_can 
_entity_poly.pdbx_strand_id 
_entity_poly.pdbx_target_identifier 
1 'polypeptide(L)' no no  
;ADQLTEEQIAEFKEAFSLFDKDGDGTITTKELGTVMRSLGQNPTEAELQDMINEVDADGNGTIDFPEFLTMMARKMKDTD
SEEEIREAFRVFDKDGNGYISAAELRHVMTNLGEKLTDEEVDEMIREADIDGDGQVNYEEFVQMMTAK
;
;ADQLTEEQIAEFKEAFSLFDKDGDGTITTKELGTVMRSLGQNPTEAELQDMINEVDADGNGTIDFPEFLTMMARKMKDTD
SEEEIREAFRVFDKDGNGYISAAELRHVMTNLGEKLTDEEVDEMIREADIDGDGQVNYEEFVQMMTAK
;
A ? 
2 'polypeptide(L)' no yes 'KRRAIGFKKLAEAVKFSAKLMGQ(NH2)' KRRAIGFKKLAEAVKFSAKLMGQX B ? 
# 
loop_
_pdbx_entity_nonpoly.entity_id 
_pdbx_entity_nonpoly.name 
_pdbx_entity_nonpoly.comp_id 
3 'CALCIUM ION' CA  
4 water         HOH 
# 
loop_
_entity_poly_seq.entity_id 
_entity_poly_seq.num 
_entity_poly_seq.mon_id 
_entity_poly_seq.hetero 
1 1   ALA n 
1 2   ASP n 
1 3   GLN n 
1 4   LEU n 
1 5   THR n 
1 6   GLU n 
1 7   GLU n 
1 8   GLN n 
1 9   ILE n 
1 10  ALA n 
1 11  GLU n 
1 12  PHE n 
1 13  LYS n 
1 14  GLU n 
1 15  ALA n 
1 16  PHE n 
1 17  SER n 
1 18  LEU n 
1 19  PHE n 
1 20  ASP n 
1 21  LYS n 
1 22  ASP n 
1 23  GLY n 
1 24  ASP n 
1 25  GLY n 
1 26  THR n 
1 27  ILE n 
1 28  THR n 
1 29  THR n 
1 30  LYS n 
1 31  GLU n 
1 32  LEU n 
1 33  GLY n 
1 34  THR n 
1 35  VAL n 
1 36  MET n 
1 37  ARG n 
1 38  SER n 
1 39  LEU n 
1 40  GLY n 
1 41  GLN n 
1 42  ASN n 
1 43  PRO n 
1 44  THR n 
1 45  GLU n 
1 46  ALA n 
1 47  GLU n 
1 48  LEU n 
1 49  GLN n 
1 50  ASP n 
1 51  MET n 
1 52  ILE n 
1 53  ASN n 
1 54  GLU n 
1 55  VAL n 
1 56  ASP n 
1 57  ALA n 
1 58  ASP n 
1 59  GLY n 
1 60  ASN n 
1 61  GLY n 
1 62  THR n 
1 63  ILE n 
1 64  ASP n 
1 65  PHE n 
1 66  PRO n 
1 67  GLU n 
1 68  PHE n 
1 69  LEU n 
1 70  THR n 
1 71  MET n 
1 72  MET n 
1 73  ALA n 
1 74  ARG n 
1 75  LYS n 
1 76  MET n 
1 77  LYS n 
1 78  ASP n 
1 79  THR n 
1 80  ASP n 
1 81  SER n 
1 82  GLU n 
1 83  GLU n 
1 84  GLU n 
1 85  ILE n 
1 86  ARG n 
1 87  GLU n 
1 88  ALA n 
1 89  PHE n 
1 90  ARG n 
1 91  VAL n 
1 92  PHE n 
1 93  ASP n 
1 94  LYS n 
1 95  ASP n 
1 96  GLY n 
1 97  ASN n 
1 98  GLY n 
1 99  TYR n 
1 100 ILE n 
1 101 SER n 
1 102 ALA n 
1 103 ALA n 
1 104 GLU n 
1 105 LEU n 
1 106 ARG n 
1 107 HIS n 
1 108 VAL n 
1 109 MET n 
1 110 THR n 
1 111 ASN n 
1 112 LEU n 
1 113 GLY n 
1 114 GLU n 
1 115 LYS n 
1 116 LEU n 
1 117 THR n 
1 118 ASP n 
1 119 GLU n 
1 120 GLU n 
1 121 VAL n 
1 122 ASP n 
1 123 GLU n 
1 124 MET n 
1 125 ILE n 
1 126 ARG n 
1 127 GLU n 
1 128 ALA n 
1 129 ASP n 
1 130 ILE n 
1 131 ASP n 
1 132 GLY n 
1 133 ASP n 
1 134 GLY n 
1 135 GLN n 
1 136 VAL n 
1 137 ASN n 
1 138 TYR n 
1 139 GLU n 
1 140 GLU n 
1 141 PHE n 
1 142 VAL n 
1 143 GLN n 
1 144 MET n 
1 145 MET n 
1 146 THR n 
1 147 ALA n 
1 148 LYS n 
2 1   LYS n 
2 2   ARG n 
2 3   ARG n 
2 4   ALA n 
2 5   ILE n 
2 6   GLY n 
2 7   PHE n 
2 8   LYS n 
2 9   LYS n 
2 10  LEU n 
2 11  ALA n 
2 12  GLU n 
2 13  ALA n 
2 14  VAL n 
2 15  LYS n 
2 16  PHE n 
2 17  SER n 
2 18  ALA n 
2 19  LYS n 
2 20  LEU n 
2 21  MET n 
2 22  GLY n 
2 23  GLN n 
2 24  NH2 n 
# 
_entity_src_gen.entity_id                          1 
_entity_src_gen.pdbx_src_id                        1 
_entity_src_gen.pdbx_alt_source_flag               sample 
_entity_src_gen.pdbx_seq_type                      ? 
_entity_src_gen.pdbx_beg_seq_num                   ? 
_entity_src_gen.pdbx_end_seq_num                   ? 
_entity_src_gen.gene_src_common_name               chicken 
_entity_src_gen.gene_src_genus                     Gallus 
_entity_src_gen.pdbx_gene_src_gene                 CALM 
_entity_src_gen.gene_src_species                   ? 
_entity_src_gen.gene_src_strain                    ? 
_entity_src_gen.gene_src_tissue                    ? 
_entity_src_gen.gene_src_tissue_fraction           ? 
_entity_src_gen.gene_src_details                   ? 
_entity_src_gen.pdbx_gene_src_fragment             ? 
_entity_src_gen.pdbx_gene_src_scientific_name      'Gallus gallus' 
_entity_src_gen.pdbx_gene_src_ncbi_taxonomy_id     9031 
_entity_src_gen.pdbx_gene_src_variant              ? 
_entity_src_gen.pdbx_gene_src_cell_line            ? 
_entity_src_gen.pdbx_gene_src_atcc                 ? 
_entity_src_gen.pdbx_gene_src_organ                ? 
_entity_src_gen.pdbx_gene_src_organelle            ? 
_entity_src_gen.pdbx_gene_src_cell                 ? 
_entity_src_gen.pdbx_gene_src_cellular_location    ? 
_entity_src_gen.host_org_common_name               ? 
_entity_src_gen.pdbx_host_org_scientific_name      'Escherichia coli BL21(DE3)' 
_entity_src_gen.pdbx_host_org_ncbi_taxonomy_id     469008 
_entity_src_gen.host_org_genus                     Escherichia 
_entity_src_gen.pdbx_host_org_gene                 ? 
_entity_src_gen.pdbx_host_org_organ                ? 
_entity_src_gen.host_org_species                   'Escherichia coli' 
_entity_src_gen.pdbx_host_org_tissue               ? 
_entity_src_gen.pdbx_host_org_tissue_fraction      ? 
_entity_src_gen.pdbx_host_org_strain               'BL21 (DE3)' 
_entity_src_gen.pdbx_host_org_variant              ? 
_entity_src_gen.pdbx_host_org_cell_line            ? 
_entity_src_gen.pdbx_host_org_atcc                 ? 
_entity_src_gen.pdbx_host_org_culture_collection   ? 
_entity_src_gen.pdbx_host_org_cell                 ? 
_entity_src_gen.pdbx_host_org_organelle            ? 
_entity_src_gen.pdbx_host_org_cellular_location    ? 
_entity_src_gen.pdbx_host_org_vector_type          plasmid 
_entity_src_gen.pdbx_host_org_vector               ? 
_entity_src_gen.host_org_details                   ? 
_entity_src_gen.expression_system_id               ? 
_entity_src_gen.plasmid_name                       'pET 15b' 
_entity_src_gen.plasmid_details                    ? 
_entity_src_gen.pdbx_description                   ? 
# 
_pdbx_entity_src_syn.entity_id              2 
_pdbx_entity_src_syn.pdbx_src_id            1 
_pdbx_entity_src_syn.pdbx_alt_source_flag   sample 
_pdbx_entity_src_syn.pdbx_beg_seq_num       ? 
_pdbx_entity_src_syn.pdbx_end_seq_num       ? 
_pdbx_entity_src_syn.organism_scientific    ? 
_pdbx_entity_src_syn.organism_common_name   ? 
_pdbx_entity_src_syn.ncbi_taxonomy_id       ? 
_pdbx_entity_src_syn.details                
;The peptide was chemically synthesized. This sequence occurs naturally in mice. Peptide is acetylated at N-terminus and amidated at C-terminus.
;
# 
loop_
_chem_comp.id 
_chem_comp.type 
_chem_comp.mon_nstd_flag 
_chem_comp.name 
_chem_comp.pdbx_synonyms 
_chem_comp.formula 
_chem_comp.formula_weight 
ALA 'L-peptide linking' y ALANINE         ? 'C3 H7 N O2'     89.093  
ARG 'L-peptide linking' y ARGININE        ? 'C6 H15 N4 O2 1' 175.209 
ASN 'L-peptide linking' y ASPARAGINE      ? 'C4 H8 N2 O3'    132.118 
ASP 'L-peptide linking' y 'ASPARTIC ACID' ? 'C4 H7 N O4'     133.103 
CA  non-polymer         . 'CALCIUM ION'   ? 'Ca 2'           40.078  
GLN 'L-peptide linking' y GLUTAMINE       ? 'C5 H10 N2 O3'   146.144 
GLU 'L-peptide linking' y 'GLUTAMIC ACID' ? 'C5 H9 N O4'     147.129 
GLY 'peptide linking'   y GLYCINE         ? 'C2 H5 N O2'     75.067  
HIS 'L-peptide linking' y HISTIDINE       ? 'C6 H10 N3 O2 1' 156.162 
HOH non-polymer         . WATER           ? 'H2 O'           18.015  
ILE 'L-peptide linking' y ISOLEUCINE      ? 'C6 H13 N O2'    131.173 
LEU 'L-peptide linking' y LEUCINE         ? 'C6 H13 N O2'    131.173 
LYS 'L-peptide linking' y LYSINE          ? 'C6 H15 N2 O2 1' 147.195 
MET 'L-peptide linking' y METHIONINE      ? 'C5 H11 N O2 S'  149.211 
NH2 non-polymer         . 'AMINO GROUP'   ? 'H2 N'           16.023  
PHE 'L-peptide linking' y PHENYLALANINE   ? 'C9 H11 N O2'    165.189 
PRO 'L-peptide linking' y PROLINE         ? 'C5 H9 N O2'     115.130 
SER 'L-peptide linking' y SERINE          ? 'C3 H7 N O3'     105.093 
THR 'L-peptide linking' y THREONINE       ? 'C4 H9 N O3'     119.119 
TYR 'L-peptide linking' y TYROSINE        ? 'C9 H11 N O3'    181.189 
VAL 'L-peptide linking' y VALINE          ? 'C5 H11 N O2'    117.146 
# 
loop_
_pdbx_poly_seq_scheme.asym_id 
_pdbx_poly_seq_scheme.entity_id 
_pdbx_poly_seq_scheme.seq_id 
_pdbx_poly_seq_scheme.mon_id 
_pdbx_poly_seq_scheme.ndb_seq_num 
_pdbx_poly_seq_scheme.pdb_seq_num 
_pdbx_poly_seq_scheme.auth_seq_num 
_pdbx_poly_seq_scheme.pdb_mon_id 
_pdbx_poly_seq_scheme.auth_mon_id 
_pdbx_poly_seq_scheme.pdb_strand_id 
_pdbx_poly_seq_scheme.pdb_ins_code 
_pdbx_poly_seq_scheme.hetero 
A 1 1   ALA 1   1   1   ALA ALA A . n 
A 1 2   ASP 2   2   2   ASP ASP A . n 
A 1 3   GLN 3   3   3   GLN GLN A . n 
A 1 4   LEU 4   4   4   LEU LEU A . n 
A 1 5   THR 5   5   5   THR THR A . n 
A 1 6   GLU 6   6   6   GLU GLU A . n 
A 1 7   GLU 7   7   7   GLU GLU A . n 
A 1 8   GLN 8   8   8   GLN GLN A . n 
A 1 9   ILE 9   9   9   ILE ILE A . n 
A 1 10  ALA 10  10  10  ALA ALA A . n 
A 1 11  GLU 11  11  11  GLU GLU A . n 
A 1 12  PHE 12  12  12  PHE PHE A . n 
A 1 13  LYS 13  13  13  LYS LYS A . n 
A 1 14  GLU 14  14  14  GLU GLU A . n 
A 1 15  ALA 15  15  15  ALA ALA A . n 
A 1 16  PHE 16  16  16  PHE PHE A . n 
A 1 17  SER 17  17  17  SER SER A . n 
A 1 18  LEU 18  18  18  LEU LEU A . n 
A 1 19  PHE 19  19  19  PHE PHE A . n 
A 1 20  ASP 20  20  20  ASP ASP A . n 
A 1 21  LYS 21  21  21  LYS LYS A . n 
A 1 22  ASP 22  22  22  ASP ASP A . n 
A 1 23  GLY 23  23  23  GLY GLY A . n 
A 1 24  ASP 24  24  24  ASP ASP A . n 
A 1 25  GLY 25  25  25  GLY GLY A . n 
A 1 26  THR 26  26  26  THR THR A . n 
A 1 27  ILE 27  27  27  ILE ILE A . n 
A 1 28  THR 28  28  28  THR THR A . n 
A 1 29  THR 29  29  29  THR THR A . n 
A 1 30  LYS 30  30  30  LYS LYS A . n 
A 1 31  GLU 31  31  31  GLU GLU A . n 
A 1 32  LEU 32  32  32  LEU LEU A . n 
A 1 33  GLY 33  33  33  GLY GLY A . n 
A 1 34  THR 34  34  34  THR THR A . n 
A 1 35  VAL 35  35  35  VAL VAL A . n 
A 1 36  MET 36  36  36  MET MET A . n 
A 1 37  ARG 37  37  37  ARG ARG A . n 
A 1 38  SER 38  38  38  SER SER A . n 
A 1 39  LEU 39  39  39  LEU LEU A . n 
A 1 40  GLY 40  40  40  GLY GLY A . n 
A 1 41  GLN 41  41  41  GLN GLN A . n 
A 1 42  ASN 42  42  42  ASN ASN A . n 
A 1 43  PRO 43  43  43  PRO PRO A . n 
A 1 44  THR 44  44  44  THR THR A . n 
A 1 45  GLU 45  45  45  GLU GLU A . n 
A 1 46  ALA 46  46  46  ALA ALA A . n 
A 1 47  GLU 47  47  47  GLU GLU A . n 
A 1 48  LEU 48  48  48  LEU LEU A . n 
A 1 49  GLN 49  49  49  GLN GLN A . n 
A 1 50  ASP 50  50  50  ASP ASP A . n 
A 1 51  MET 51  51  51  MET MET A . n 
A 1 52  ILE 52  52  52  ILE ILE A . n 
A 1 53  ASN 53  53  53  ASN ASN A . n 
A 1 54  GLU 54  54  54  GLU GLU A . n 
A 1 55  VAL 55  55  55  VAL VAL A . n 
A 1 56  ASP 56  56  56  ASP ASP A . n 
A 1 57  ALA 57  57  57  ALA ALA A . n 
A 1 58  ASP 58  58  58  ASP ASP A . n 
A 1 59  GLY 59  59  59  GLY GLY A . n 
A 1 60  ASN 60  60  60  ASN ASN A . n 
A 1 61  GLY 61  61  61  GLY GLY A . n 
A 1 62  THR 62  62  62  THR THR A . n 
A 1 63  ILE 63  63  63  ILE ILE A . n 
A 1 64  ASP 64  64  64  ASP ASP A . n 
A 1 65  PHE 65  65  65  PHE PHE A . n 
A 1 66  PRO 66  66  66  PRO PRO A . n 
A 1 67  GLU 67  67  67  GLU GLU A . n 
A 1 68  PHE 68  68  68  PHE PHE A . n 
A 1 69  LEU 69  69  69  LEU LEU A . n 
A 1 70  THR 70  70  70  THR THR A . n 
A 1 71  MET 71  71  71  MET MET A . n 
A 1 72  MET 72  72  72  MET MET A . n 
A 1 73  ALA 73  73  73  ALA ALA A . n 
A 1 74  ARG 74  74  74  ARG ARG A . n 
A 1 75  LYS 75  75  75  LYS LYS A . n 
A 1 76  MET 76  76  76  MET MET A . n 
A 1 77  LYS 77  77  77  LYS LYS A . n 
A 1 78  ASP 78  78  78  ASP ASP A . n 
A 1 79  THR 79  79  79  THR THR A . n 
A 1 80  ASP 80  80  80  ASP ASP A . n 
A 1 81  SER 81  81  81  SER SER A . n 
A 1 82  GLU 82  82  82  GLU GLU A . n 
A 1 83  GLU 83  83  83  GLU GLU A . n 
A 1 84  GLU 84  84  84  GLU GLU A . n 
A 1 85  ILE 85  85  85  ILE ILE A . n 
A 1 86  ARG 86  86  86  ARG ARG A . n 
A 1 87  GLU 87  87  87  GLU GLU A . n 
A 1 88  ALA 88  88  88  ALA ALA A . n 
A 1 89  PHE 89  89  89  PHE PHE A . n 
A 1 90  ARG 90  90  90  ARG ARG A . n 
A 1 91  VAL 91  91  91  VAL VAL A . n 
A 1 92  PHE 92  92  92  PHE PHE A . n 
A 1 93  ASP 93  93  93  ASP ASP A . n 
A 1 94  LYS 94  94  94  LYS LYS A . n 
A 1 95  ASP 95  95  95  ASP ASP A . n 
A 1 96  GLY 96  96  96  GLY GLY A . n 
A 1 97  ASN 97  97  97  ASN ASN A . n 
A 1 98  GLY 98  98  98  GLY GLY A . n 
A 1 99  TYR 99  99  99  TYR TYR A . n 
A 1 100 ILE 100 100 100 ILE ILE A . n 
A 1 101 SER 101 101 101 SER SER A . n 
A 1 102 ALA 102 102 102 ALA ALA A . n 
A 1 103 ALA 103 103 103 ALA ALA A . n 
A 1 104 GLU 104 104 104 GLU GLU A . n 
A 1 105 LEU 105 105 105 LEU LEU A . n 
A 1 106 ARG 106 106 106 ARG ARG A . n 
A 1 107 HIS 107 107 107 HIS HIS A . n 
A 1 108 VAL 108 108 108 VAL VAL A . n 
A 1 109 MET 109 109 109 MET MET A . n 
A 1 110 THR 110 110 110 THR THR A . n 
A 1 111 ASN 111 111 111 ASN ASN A . n 
A 1 112 LEU 112 112 112 LEU LEU A . n 
A 1 113 GLY 113 113 113 GLY GLY A . n 
A 1 114 GLU 114 114 114 GLU GLU A . n 
A 1 115 LYS 115 115 115 LYS LYS A . n 
A 1 116 LEU 116 116 116 LEU LEU A . n 
A 1 117 THR 117 117 117 THR THR A . n 
A 1 118 ASP 118 118 118 ASP ASP A . n 
A 1 119 GLU 119 119 119 GLU GLU A . n 
A 1 120 GLU 120 120 120 GLU GLU A . n 
A 1 121 VAL 121 121 121 VAL VAL A . n 
A 1 122 ASP 122 122 122 ASP ASP A . n 
A 1 123 GLU 123 123 123 GLU GLU A . n 
A 1 124 MET 124 124 124 MET MET A . n 
A 1 125 ILE 125 125 125 ILE ILE A . n 
A 1 126 ARG 126 126 126 ARG ARG A . n 
A 1 127 GLU 127 127 127 GLU GLU A . n 
A 1 128 ALA 128 128 128 ALA ALA A . n 
A 1 129 ASP 129 129 129 ASP ASP A . n 
A 1 130 ILE 130 130 130 ILE ILE A . n 
A 1 131 ASP 131 131 131 ASP ASP A . n 
A 1 132 GLY 132 132 132 GLY GLY A . n 
A 1 133 ASP 133 133 133 ASP ASP A . n 
A 1 134 GLY 134 134 134 GLY GLY A . n 
A 1 135 GLN 135 135 135 GLN GLN A . n 
A 1 136 VAL 136 136 136 VAL VAL A . n 
A 1 137 ASN 137 137 137 ASN ASN A . n 
A 1 138 TYR 138 138 138 TYR TYR A . n 
A 1 139 GLU 139 139 139 GLU GLU A . n 
A 1 140 GLU 140 140 140 GLU GLU A . n 
A 1 141 PHE 141 141 141 PHE PHE A . n 
A 1 142 VAL 142 142 142 VAL VAL A . n 
A 1 143 GLN 143 143 143 GLN GLN A . n 
A 1 144 MET 144 144 144 MET MET A . n 
A 1 145 MET 145 145 145 MET MET A . n 
A 1 146 THR 146 146 146 THR THR A . n 
A 1 147 ALA 147 147 147 ALA ALA A . n 
A 1 148 LYS 148 148 148 LYS LYS A . n 
B 2 1   LYS 1   1   ?   ?   ?   B . n 
B 2 2   ARG 2   2   ?   ?   ?   B . n 
B 2 3   ARG 3   3   ?   ?   ?   B . n 
B 2 4   ALA 4   4   4   ALA ALA B . n 
B 2 5   ILE 5   5   5   ILE ILE B . n 
B 2 6   GLY 6   6   6   GLY GLY B . n 
B 2 7   PHE 7   7   7   PHE PHE B . n 
B 2 8   LYS 8   8   8   LYS LYS B . n 
B 2 9   LYS 9   9   9   LYS LYS B . n 
B 2 10  LEU 10  10  10  LEU LEU B . n 
B 2 11  ALA 11  11  11  ALA ALA B . n 
B 2 12  GLU 12  12  12  GLU GLU B . n 
B 2 13  ALA 13  13  13  ALA ALA B . n 
B 2 14  VAL 14  14  14  VAL VAL B . n 
B 2 15  LYS 15  15  15  LYS LYS B . n 
B 2 16  PHE 16  16  16  PHE PHE B . n 
B 2 17  SER 17  17  17  SER SER B . n 
B 2 18  ALA 18  18  18  ALA ALA B . n 
B 2 19  LYS 19  19  19  LYS LYS B . n 
B 2 20  LEU 20  20  20  LEU LEU B . n 
B 2 21  MET 21  21  21  MET MET B . n 
B 2 22  GLY 22  22  22  GLY GLY B . n 
B 2 23  GLN 23  23  23  GLN GLN B . n 
B 2 24  NH2 24  24  24  NH2 NH2 B . n 
# 
loop_
_pdbx_nonpoly_scheme.asym_id 
_pdbx_nonpoly_scheme.entity_id 
_pdbx_nonpoly_scheme.mon_id 
_pdbx_nonpoly_scheme.ndb_seq_num 
_pdbx_nonpoly_scheme.pdb_seq_num 
_pdbx_nonpoly_scheme.auth_seq_num 
_pdbx_nonpoly_scheme.pdb_mon_id 
_pdbx_nonpoly_scheme.auth_mon_id 
_pdbx_nonpoly_scheme.pdb_strand_id 
_pdbx_nonpoly_scheme.pdb_ins_code 
C 3 CA  1   401 401 CA  CA  A . 
D 3 CA  1   402 402 CA  CA  A . 
E 3 CA  1   403 403 CA  CA  A . 
F 3 CA  1   404 404 CA  CA  A . 
G 4 HOH 1   405 1   HOH HOH A . 
G 4 HOH 2   406 2   HOH HOH A . 
G 4 HOH 3   407 3   HOH HOH A . 
G 4 HOH 4   408 4   HOH HOH A . 
G 4 HOH 5   409 5   HOH HOH A . 
G 4 HOH 6   410 6   HOH HOH A . 
G 4 HOH 7   411 7   HOH HOH A . 
G 4 HOH 8   412 8   HOH HOH A . 
G 4 HOH 9   413 9   HOH HOH A . 
G 4 HOH 10  414 10  HOH HOH A . 
G 4 HOH 11  415 11  HOH HOH A . 
G 4 HOH 12  416 12  HOH HOH A . 
G 4 HOH 13  417 13  HOH HOH A . 
G 4 HOH 14  418 14  HOH HOH A . 
G 4 HOH 15  419 15  HOH HOH A . 
G 4 HOH 16  420 18  HOH HOH A . 
G 4 HOH 17  421 19  HOH HOH A . 
G 4 HOH 18  422 20  HOH HOH A . 
G 4 HOH 19  423 21  HOH HOH A . 
G 4 HOH 20  424 22  HOH HOH A . 
G 4 HOH 21  425 23  HOH HOH A . 
G 4 HOH 22  426 24  HOH HOH A . 
G 4 HOH 23  427 26  HOH HOH A . 
G 4 HOH 24  428 27  HOH HOH A . 
G 4 HOH 25  429 28  HOH HOH A . 
G 4 HOH 26  430 29  HOH HOH A . 
G 4 HOH 27  431 30  HOH HOH A . 
G 4 HOH 28  432 32  HOH HOH A . 
G 4 HOH 29  433 33  HOH HOH A . 
G 4 HOH 30  434 35  HOH HOH A . 
G 4 HOH 31  435 36  HOH HOH A . 
G 4 HOH 32  436 38  HOH HOH A . 
G 4 HOH 33  437 39  HOH HOH A . 
G 4 HOH 34  438 40  HOH HOH A . 
G 4 HOH 35  439 41  HOH HOH A . 
G 4 HOH 36  440 42  HOH HOH A . 
G 4 HOH 37  441 43  HOH HOH A . 
G 4 HOH 38  442 44  HOH HOH A . 
G 4 HOH 39  443 45  HOH HOH A . 
G 4 HOH 40  444 46  HOH HOH A . 
G 4 HOH 41  445 47  HOH HOH A . 
G 4 HOH 42  446 48  HOH HOH A . 
G 4 HOH 43  447 49  HOH HOH A . 
G 4 HOH 44  448 50  HOH HOH A . 
G 4 HOH 45  449 51  HOH HOH A . 
G 4 HOH 46  450 53  HOH HOH A . 
G 4 HOH 47  451 55  HOH HOH A . 
G 4 HOH 48  452 56  HOH HOH A . 
G 4 HOH 49  453 58  HOH HOH A . 
G 4 HOH 50  454 60  HOH HOH A . 
G 4 HOH 51  455 63  HOH HOH A . 
G 4 HOH 52  456 64  HOH HOH A . 
G 4 HOH 53  457 65  HOH HOH A . 
G 4 HOH 54  458 66  HOH HOH A . 
G 4 HOH 55  459 67  HOH HOH A . 
G 4 HOH 56  460 68  HOH HOH A . 
G 4 HOH 57  461 69  HOH HOH A . 
G 4 HOH 58  462 70  HOH HOH A . 
G 4 HOH 59  463 71  HOH HOH A . 
G 4 HOH 60  464 72  HOH HOH A . 
G 4 HOH 61  465 73  HOH HOH A . 
G 4 HOH 62  466 74  HOH HOH A . 
G 4 HOH 63  467 75  HOH HOH A . 
G 4 HOH 64  468 76  HOH HOH A . 
G 4 HOH 65  469 77  HOH HOH A . 
G 4 HOH 66  470 78  HOH HOH A . 
G 4 HOH 67  471 79  HOH HOH A . 
G 4 HOH 68  472 80  HOH HOH A . 
G 4 HOH 69  473 82  HOH HOH A . 
G 4 HOH 70  474 84  HOH HOH A . 
G 4 HOH 71  475 86  HOH HOH A . 
G 4 HOH 72  476 87  HOH HOH A . 
G 4 HOH 73  477 89  HOH HOH A . 
G 4 HOH 74  478 90  HOH HOH A . 
G 4 HOH 75  479 92  HOH HOH A . 
G 4 HOH 76  480 93  HOH HOH A . 
G 4 HOH 77  481 94  HOH HOH A . 
G 4 HOH 78  482 95  HOH HOH A . 
G 4 HOH 79  483 96  HOH HOH A . 
G 4 HOH 80  484 97  HOH HOH A . 
G 4 HOH 81  485 98  HOH HOH A . 
G 4 HOH 82  486 99  HOH HOH A . 
G 4 HOH 83  487 103 HOH HOH A . 
G 4 HOH 84  488 104 HOH HOH A . 
G 4 HOH 85  489 105 HOH HOH A . 
G 4 HOH 86  490 106 HOH HOH A . 
G 4 HOH 87  491 107 HOH HOH A . 
G 4 HOH 88  492 109 HOH HOH A . 
G 4 HOH 89  493 111 HOH HOH A . 
G 4 HOH 90  494 112 HOH HOH A . 
G 4 HOH 91  495 113 HOH HOH A . 
G 4 HOH 92  496 114 HOH HOH A . 
G 4 HOH 93  497 115 HOH HOH A . 
G 4 HOH 94  498 116 HOH HOH A . 
G 4 HOH 95  499 117 HOH HOH A . 
G 4 HOH 96  500 118 HOH HOH A . 
G 4 HOH 97  501 119 HOH HOH A . 
G 4 HOH 98  502 120 HOH HOH A . 
G 4 HOH 99  503 121 HOH HOH A . 
G 4 HOH 100 504 123 HOH HOH A . 
G 4 HOH 101 505 124 HOH HOH A . 
G 4 HOH 102 506 125 HOH HOH A . 
G 4 HOH 103 507 126 HOH HOH A . 
G 4 HOH 104 508 127 HOH HOH A . 
G 4 HOH 105 509 129 HOH HOH A . 
G 4 HOH 106 510 130 HOH HOH A . 
G 4 HOH 107 511 132 HOH HOH A . 
G 4 HOH 108 512 134 HOH HOH A . 
G 4 HOH 109 513 135 HOH HOH A . 
G 4 HOH 110 514 136 HOH HOH A . 
G 4 HOH 111 515 137 HOH HOH A . 
G 4 HOH 112 516 139 HOH HOH A . 
G 4 HOH 113 517 140 HOH HOH A . 
G 4 HOH 114 518 141 HOH HOH A . 
G 4 HOH 115 519 142 HOH HOH A . 
G 4 HOH 116 520 143 HOH HOH A . 
G 4 HOH 117 521 144 HOH HOH A . 
G 4 HOH 118 522 145 HOH HOH A . 
G 4 HOH 119 523 147 HOH HOH A . 
G 4 HOH 120 524 148 HOH HOH A . 
G 4 HOH 121 525 150 HOH HOH A . 
G 4 HOH 122 526 151 HOH HOH A . 
G 4 HOH 123 527 153 HOH HOH A . 
G 4 HOH 124 528 154 HOH HOH A . 
G 4 HOH 125 529 155 HOH HOH A . 
G 4 HOH 126 530 156 HOH HOH A . 
G 4 HOH 127 531 157 HOH HOH A . 
G 4 HOH 128 532 160 HOH HOH A . 
G 4 HOH 129 533 161 HOH HOH A . 
G 4 HOH 130 534 163 HOH HOH A . 
G 4 HOH 131 535 164 HOH HOH A . 
G 4 HOH 132 536 167 HOH HOH A . 
G 4 HOH 133 537 168 HOH HOH A . 
G 4 HOH 134 538 175 HOH HOH A . 
G 4 HOH 135 539 176 HOH HOH A . 
G 4 HOH 136 540 177 HOH HOH A . 
G 4 HOH 137 541 178 HOH HOH A . 
G 4 HOH 138 542 186 HOH HOH A . 
G 4 HOH 139 543 192 HOH HOH A . 
G 4 HOH 140 544 194 HOH HOH A . 
G 4 HOH 141 545 195 HOH HOH A . 
G 4 HOH 142 546 197 HOH HOH A . 
G 4 HOH 143 547 198 HOH HOH A . 
G 4 HOH 144 548 199 HOH HOH A . 
G 4 HOH 145 549 200 HOH HOH A . 
G 4 HOH 146 550 203 HOH HOH A . 
G 4 HOH 147 551 206 HOH HOH A . 
G 4 HOH 148 552 214 HOH HOH A . 
G 4 HOH 149 553 217 HOH HOH A . 
G 4 HOH 150 554 301 HOH HOH A . 
G 4 HOH 151 555 302 HOH HOH A . 
G 4 HOH 152 556 303 HOH HOH A . 
G 4 HOH 153 557 308 HOH HOH A . 
G 4 HOH 154 558 309 HOH HOH A . 
G 4 HOH 155 559 310 HOH HOH A . 
H 4 HOH 1   25  17  HOH HOH B . 
H 4 HOH 2   26  31  HOH HOH B . 
H 4 HOH 3   27  52  HOH HOH B . 
H 4 HOH 4   28  59  HOH HOH B . 
H 4 HOH 5   29  85  HOH HOH B . 
H 4 HOH 6   30  91  HOH HOH B . 
H 4 HOH 7   31  108 HOH HOH B . 
H 4 HOH 8   32  159 HOH HOH B . 
H 4 HOH 9   33  170 HOH HOH B . 
H 4 HOH 10  34  208 HOH HOH B . 
# 
loop_
_software.name 
_software.classification 
_software.version 
_software.citation_id 
_software.pdbx_ordinal 
REFMAC  refinement        5.1.24 ? 1 
Blu-Ice 'data collection' Ice    ? 2 
MOSFLM  'data reduction'  .      ? 3 
SCALA   'data scaling'    .      ? 4 
EPMR    phasing           .      ? 5 
# 
_cell.entry_id           2O60 
_cell.length_a           67.126 
_cell.length_b           32.930 
_cell.length_c           73.830 
_cell.angle_alpha        90.00 
_cell.angle_beta         93.30 
_cell.angle_gamma        90.00 
_cell.Z_PDB              4 
_cell.pdbx_unique_axis   ? 
_cell.length_a_esd       ? 
_cell.length_b_esd       ? 
_cell.length_c_esd       ? 
_cell.angle_alpha_esd    ? 
_cell.angle_beta_esd     ? 
_cell.angle_gamma_esd    ? 
# 
_symmetry.entry_id                         2O60 
_symmetry.space_group_name_H-M             'C 1 2 1' 
_symmetry.pdbx_full_space_group_name_H-M   ? 
_symmetry.cell_setting                     ? 
_symmetry.Int_Tables_number                5 
_symmetry.space_group_name_Hall            ? 
# 
_exptl.entry_id          2O60 
_exptl.method            'X-RAY DIFFRACTION' 
_exptl.crystals_number   1 
# 
_exptl_crystal.id                    1 
_exptl_crystal.density_meas          ? 
_exptl_crystal.density_Matthews      2.11 
_exptl_crystal.density_percent_sol   41.69 
_exptl_crystal.description           ? 
_exptl_crystal.F_000                 ? 
_exptl_crystal.preparation           ? 
# 
_exptl_crystal_grow.crystal_id      1 
_exptl_crystal_grow.method          'VAPOR DIFFUSION, SITTING DROP' 
_exptl_crystal_grow.temp            298 
_exptl_crystal_grow.temp_details    ? 
_exptl_crystal_grow.pH              5.6 
_exptl_crystal_grow.pdbx_details    
'20% PEG 4000, 0.2 M sodium acetate, 0.1 M sodium citrate pH 5.6, VAPOR DIFFUSION, SITTING DROP, temperature 298K' 
_exptl_crystal_grow.pdbx_pH_range   . 
# 
_diffrn.id                     1 
_diffrn.ambient_temp           100 
_diffrn.ambient_temp_details   ? 
_diffrn.crystal_id             1 
# 
_diffrn_detector.diffrn_id              1 
_diffrn_detector.detector               CCD 
_diffrn_detector.type                   'ADSC QUANTUM 210' 
_diffrn_detector.pdbx_collection_date   2002-10-05 
_diffrn_detector.details                ? 
# 
_diffrn_radiation.diffrn_id                        1 
_diffrn_radiation.wavelength_id                    1 
_diffrn_radiation.pdbx_monochromatic_or_laue_m_l   M 
_diffrn_radiation.monochromator                    ? 
_diffrn_radiation.pdbx_diffrn_protocol             'SINGLE WAVELENGTH' 
_diffrn_radiation.pdbx_scattering_type             x-ray 
# 
_diffrn_radiation_wavelength.id           1 
_diffrn_radiation_wavelength.wavelength   1.1 
_diffrn_radiation_wavelength.wt           1.0 
# 
_diffrn_source.diffrn_id                   1 
_diffrn_source.source                      SYNCHROTRON 
_diffrn_source.type                        'ALS BEAMLINE 8.3.1' 
_diffrn_source.pdbx_synchrotron_site       ALS 
_diffrn_source.pdbx_synchrotron_beamline   8.3.1 
_diffrn_source.pdbx_wavelength             1.1 
_diffrn_source.pdbx_wavelength_list        ? 
# 
_reflns.entry_id                     2O60 
_reflns.observed_criterion_sigma_I   ? 
_reflns.observed_criterion_sigma_F   ? 
_reflns.d_resolution_low             74.536 
_reflns.d_resolution_high            1.55 
_reflns.number_obs                   23547 
_reflns.number_all                   ? 
_reflns.percent_possible_obs         ? 
_reflns.pdbx_Rmerge_I_obs            ? 
_reflns.pdbx_Rsym_value              0.039 
_reflns.pdbx_netI_over_sigmaI        18.1 
_reflns.B_iso_Wilson_estimate        ? 
_reflns.pdbx_redundancy              3.6 
_reflns.R_free_details               ? 
_reflns.limit_h_max                  ? 
_reflns.limit_h_min                  ? 
_reflns.limit_k_max                  ? 
_reflns.limit_k_min                  ? 
_reflns.limit_l_max                  ? 
_reflns.limit_l_min                  ? 
_reflns.observed_criterion_F_max     ? 
_reflns.observed_criterion_F_min     ? 
_reflns.pdbx_chi_squared             ? 
_reflns.pdbx_scaling_rejects         ? 
_reflns.pdbx_ordinal                 1 
_reflns.pdbx_diffrn_id               1 
# 
_reflns_shell.d_res_high             1.55 
_reflns_shell.d_res_low              1.63 
_reflns_shell.percent_possible_all   ? 
_reflns_shell.Rmerge_I_obs           ? 
_reflns_shell.pdbx_Rsym_value        0.254 
_reflns_shell.meanI_over_sigI_obs    3.9 
_reflns_shell.pdbx_redundancy        3.5 
_reflns_shell.percent_possible_obs   ? 
_reflns_shell.number_unique_all      ? 
_reflns_shell.number_measured_all    ? 
_reflns_shell.number_measured_obs    ? 
_reflns_shell.number_unique_obs      ? 
_reflns_shell.pdbx_chi_squared       ? 
_reflns_shell.pdbx_ordinal           1 
_reflns_shell.pdbx_diffrn_id         1 
# 
_refine.entry_id                                 2O60 
_refine.ls_number_reflns_obs                     22393 
_refine.ls_number_reflns_all                     ? 
_refine.pdbx_ls_sigma_I                          ? 
_refine.pdbx_ls_sigma_F                          ? 
_refine.pdbx_data_cutoff_high_absF               ? 
_refine.pdbx_data_cutoff_low_absF                ? 
_refine.pdbx_data_cutoff_high_rms_absF           ? 
_refine.ls_d_res_low                             74.54 
_refine.ls_d_res_high                            1.55 
_refine.ls_percent_reflns_obs                    99.42 
_refine.ls_R_factor_obs                          0.20378 
_refine.ls_R_factor_all                          ? 
_refine.ls_R_factor_R_work                       0.20162 
_refine.ls_R_factor_R_free                       0.24375 
_refine.ls_R_factor_R_free_error                 ? 
_refine.ls_R_factor_R_free_error_details         ? 
_refine.ls_percent_reflns_R_free                 5.1 
_refine.ls_number_reflns_R_free                  1208 
_refine.ls_number_parameters                     ? 
_refine.ls_number_restraints                     ? 
_refine.occupancy_min                            ? 
_refine.occupancy_max                            ? 
_refine.correlation_coeff_Fo_to_Fc               0.948 
_refine.correlation_coeff_Fo_to_Fc_free          0.928 
_refine.B_iso_mean                               28.633 
_refine.aniso_B[1][1]                            -0.03 
_refine.aniso_B[2][2]                            0.30 
_refine.aniso_B[3][3]                            -0.33 
_refine.aniso_B[1][2]                            0.00 
_refine.aniso_B[1][3]                            -0.47 
_refine.aniso_B[2][3]                            0.00 
_refine.solvent_model_details                    'BABINET MODEL WITH MASK' 
_refine.solvent_model_param_ksol                 ? 
_refine.solvent_model_param_bsol                 ? 
_refine.pdbx_solvent_vdw_probe_radii             1.20 
_refine.pdbx_solvent_ion_probe_radii             0.80 
_refine.pdbx_solvent_shrinkage_radii             0.80 
_refine.pdbx_ls_cross_valid_method               THROUGHOUT 
_refine.details                                  'HYDROGENS HAVE BEEN ADDED IN THE RIDING POSITIONS' 
_refine.pdbx_starting_model                      ? 
_refine.pdbx_method_to_determine_struct          'MOLECULAR REPLACEMENT' 
_refine.pdbx_isotropic_thermal_model             ? 
_refine.pdbx_stereochemistry_target_values       'MAXIMUM LIKELIHOOD' 
_refine.pdbx_stereochem_target_val_spec_case     ? 
_refine.pdbx_R_Free_selection_details            RANDOM 
_refine.pdbx_overall_ESU_R                       0.097 
_refine.pdbx_overall_ESU_R_Free                  0.100 
_refine.overall_SU_ML                            0.061 
_refine.overall_SU_B                             3.231 
_refine.ls_redundancy_reflns_obs                 ? 
_refine.B_iso_min                                ? 
_refine.B_iso_max                                ? 
_refine.overall_SU_R_Cruickshank_DPI             ? 
_refine.overall_SU_R_free                        ? 
_refine.ls_wR_factor_R_free                      ? 
_refine.ls_wR_factor_R_work                      ? 
_refine.overall_FOM_free_R_set                   ? 
_refine.overall_FOM_work_R_set                   ? 
_refine.pdbx_refine_id                           'X-RAY DIFFRACTION' 
_refine.pdbx_TLS_residual_ADP_flag               'LIKELY RESIDUAL' 
_refine.pdbx_diffrn_id                           1 
_refine.pdbx_overall_phase_error                 ? 
_refine.pdbx_overall_SU_R_free_Cruickshank_DPI   ? 
_refine.pdbx_overall_SU_R_Blow_DPI               ? 
_refine.pdbx_overall_SU_R_free_Blow_DPI          ? 
# 
_refine_hist.pdbx_refine_id                   'X-RAY DIFFRACTION' 
_refine_hist.cycle_id                         LAST 
_refine_hist.pdbx_number_atoms_protein        1316 
_refine_hist.pdbx_number_atoms_nucleic_acid   0 
_refine_hist.pdbx_number_atoms_ligand         4 
_refine_hist.number_atoms_solvent             165 
_refine_hist.number_atoms_total               1485 
_refine_hist.d_res_high                       1.55 
_refine_hist.d_res_low                        74.54 
# 
loop_
_refine_ls_restr.type 
_refine_ls_restr.dev_ideal 
_refine_ls_restr.dev_ideal_target 
_refine_ls_restr.weight 
_refine_ls_restr.number 
_refine_ls_restr.pdbx_refine_id 
_refine_ls_restr.pdbx_restraint_function 
r_bond_refined_d             0.016  0.022  ? 1357 'X-RAY DIFFRACTION' ? 
r_bond_other_d               0.002  0.020  ? 922  'X-RAY DIFFRACTION' ? 
r_angle_refined_deg          1.656  1.974  ? 1812 'X-RAY DIFFRACTION' ? 
r_angle_other_deg            1.505  3.000  ? 2279 'X-RAY DIFFRACTION' ? 
r_dihedral_angle_1_deg       6.118  5.000  ? 166  'X-RAY DIFFRACTION' ? 
r_dihedral_angle_2_deg       28.061 26.575 ? 73   'X-RAY DIFFRACTION' ? 
r_dihedral_angle_3_deg       15.569 15.000 ? 275  'X-RAY DIFFRACTION' ? 
r_dihedral_angle_4_deg       15.492 15.000 ? 6    'X-RAY DIFFRACTION' ? 
r_chiral_restr               0.095  0.200  ? 199  'X-RAY DIFFRACTION' ? 
r_gen_planes_refined         0.006  0.020  ? 1506 'X-RAY DIFFRACTION' ? 
r_gen_planes_other           0.001  0.020  ? 248  'X-RAY DIFFRACTION' ? 
r_nbd_refined                0.249  0.200  ? 377  'X-RAY DIFFRACTION' ? 
r_nbd_other                  0.179  0.200  ? 971  'X-RAY DIFFRACTION' ? 
r_nbtor_refined              0.187  0.200  ? 701  'X-RAY DIFFRACTION' ? 
r_nbtor_other                0.090  0.200  ? 642  'X-RAY DIFFRACTION' ? 
r_xyhbond_nbd_refined        0.205  0.200  ? 111  'X-RAY DIFFRACTION' ? 
r_xyhbond_nbd_other          ?      ?      ? ?    'X-RAY DIFFRACTION' ? 
r_metal_ion_refined          0.120  0.200  ? 13   'X-RAY DIFFRACTION' ? 
r_metal_ion_other            ?      ?      ? ?    'X-RAY DIFFRACTION' ? 
r_symmetry_vdw_refined       0.180  0.200  ? 14   'X-RAY DIFFRACTION' ? 
r_symmetry_vdw_other         0.227  0.200  ? 40   'X-RAY DIFFRACTION' ? 
r_symmetry_hbond_refined     0.184  0.200  ? 30   'X-RAY DIFFRACTION' ? 
r_symmetry_hbond_other       ?      ?      ? ?    'X-RAY DIFFRACTION' ? 
r_symmetry_metal_ion_refined ?      ?      ? ?    'X-RAY DIFFRACTION' ? 
r_symmetry_metal_ion_other   ?      ?      ? ?    'X-RAY DIFFRACTION' ? 
r_mcbond_it                  1.190  1.500  ? 870  'X-RAY DIFFRACTION' ? 
r_mcbond_other               0.376  1.500  ? 345  'X-RAY DIFFRACTION' ? 
r_mcangle_it                 1.659  2.000  ? 1332 'X-RAY DIFFRACTION' ? 
r_scbond_it                  2.462  3.000  ? 549  'X-RAY DIFFRACTION' ? 
r_scangle_it                 3.473  4.500  ? 480  'X-RAY DIFFRACTION' ? 
r_rigid_bond_restr           ?      ?      ? ?    'X-RAY DIFFRACTION' ? 
r_sphericity_free            ?      ?      ? ?    'X-RAY DIFFRACTION' ? 
r_sphericity_bonded          ?      ?      ? ?    'X-RAY DIFFRACTION' ? 
# 
_refine_ls_shell.pdbx_total_number_of_bins_used   20 
_refine_ls_shell.d_res_high                       1.550 
_refine_ls_shell.d_res_low                        1.590 
_refine_ls_shell.number_reflns_R_work             1673 
_refine_ls_shell.R_factor_R_work                  0.205 
_refine_ls_shell.percent_reflns_obs               99.89 
_refine_ls_shell.R_factor_R_free                  0.273 
_refine_ls_shell.R_factor_R_free_error            ? 
_refine_ls_shell.percent_reflns_R_free            ? 
_refine_ls_shell.number_reflns_R_free             80 
_refine_ls_shell.number_reflns_all                ? 
_refine_ls_shell.R_factor_all                     ? 
_refine_ls_shell.redundancy_reflns_obs            ? 
_refine_ls_shell.number_reflns_obs                ? 
_refine_ls_shell.pdbx_refine_id                   'X-RAY DIFFRACTION' 
# 
_struct.entry_id                  2O60 
_struct.title                     'Calmodulin bound to peptide from neuronal nitric oxide synthase' 
_struct.pdbx_model_details        ? 
_struct.pdbx_CASP_flag            ? 
_struct.pdbx_model_type_details   ? 
# 
_struct_keywords.entry_id        2O60 
_struct_keywords.pdbx_keywords   'METAL BINDING PROTEIN' 
_struct_keywords.text            'protein-peptide complex, METAL BINDING PROTEIN' 
# 
loop_
_struct_asym.id 
_struct_asym.pdbx_blank_PDB_chainid_flag 
_struct_asym.pdbx_modified 
_struct_asym.entity_id 
_struct_asym.details 
A N N 1 ? 
B N N 2 ? 
C N N 3 ? 
D N N 3 ? 
E N N 3 ? 
F N N 3 ? 
G N N 4 ? 
H N N 4 ? 
# 
loop_
_struct_ref.id 
_struct_ref.db_name 
_struct_ref.db_code 
_struct_ref.pdbx_db_accession 
_struct_ref.entity_id 
_struct_ref.pdbx_seq_one_letter_code 
_struct_ref.pdbx_align_begin 
_struct_ref.pdbx_db_isoform 
1 UNP CALM_CHICK P62149 1 
;ADQLTEEQIAEFKEAFSLFDKDGDGTITTKELGTVMRSLGQNPTEAELQDMINEVDADGNGTIDFPEFLTMMARKMKDTD
SEEEIREAFRVFDKDGNGYISAAELRHVMTNLGEKLTDEEVDEMIREADIDGDGQVNYEEFVQMMTAK
;
1   ? 
2 UNP NOS1_MOUSE Q9Z0J4 2 KRRAIGFKKLAEAVKFSAKLMGQ 725 ? 
# 
loop_
_struct_ref_seq.align_id 
_struct_ref_seq.ref_id 
_struct_ref_seq.pdbx_PDB_id_code 
_struct_ref_seq.pdbx_strand_id 
_struct_ref_seq.seq_align_beg 
_struct_ref_seq.pdbx_seq_align_beg_ins_code 
_struct_ref_seq.seq_align_end 
_struct_ref_seq.pdbx_seq_align_end_ins_code 
_struct_ref_seq.pdbx_db_accession 
_struct_ref_seq.db_align_beg 
_struct_ref_seq.pdbx_db_align_beg_ins_code 
_struct_ref_seq.db_align_end 
_struct_ref_seq.pdbx_db_align_end_ins_code 
_struct_ref_seq.pdbx_auth_seq_align_beg 
_struct_ref_seq.pdbx_auth_seq_align_end 
1 1 2O60 A 1 ? 148 ? P62149 1   ? 148 ? 1 148 
2 2 2O60 B 1 ? 23  ? Q9Z0J4 725 ? 747 ? 1 23  
# 
_pdbx_struct_assembly.id                   1 
_pdbx_struct_assembly.details              author_defined_assembly 
_pdbx_struct_assembly.method_details       ? 
_pdbx_struct_assembly.oligomeric_details   dimeric 
_pdbx_struct_assembly.oligomeric_count     2 
# 
_pdbx_struct_assembly_gen.assembly_id       1 
_pdbx_struct_assembly_gen.oper_expression   1 
_pdbx_struct_assembly_gen.asym_id_list      A,B,C,D,E,F,G,H 
# 
_pdbx_struct_oper_list.id                   1 
_pdbx_struct_oper_list.type                 'identity operation' 
_pdbx_struct_oper_list.name                 1_555 
_pdbx_struct_oper_list.symmetry_operation   x,y,z 
_pdbx_struct_oper_list.matrix[1][1]         1.0000000000 
_pdbx_struct_oper_list.matrix[1][2]         0.0000000000 
_pdbx_struct_oper_list.matrix[1][3]         0.0000000000 
_pdbx_struct_oper_list.vector[1]            0.0000000000 
_pdbx_struct_oper_list.matrix[2][1]         0.0000000000 
_pdbx_struct_oper_list.matrix[2][2]         1.0000000000 
_pdbx_struct_oper_list.matrix[2][3]         0.0000000000 
_pdbx_struct_oper_list.vector[2]            0.0000000000 
_pdbx_struct_oper_list.matrix[3][1]         0.0000000000 
_pdbx_struct_oper_list.matrix[3][2]         0.0000000000 
_pdbx_struct_oper_list.matrix[3][3]         1.0000000000 
_pdbx_struct_oper_list.vector[3]            0.0000000000 
# 
_struct_biol.id        1 
_struct_biol.details   ? 
# 
loop_
_struct_conf.conf_type_id 
_struct_conf.id 
_struct_conf.pdbx_PDB_helix_id 
_struct_conf.beg_label_comp_id 
_struct_conf.beg_label_asym_id 
_struct_conf.beg_label_seq_id 
_struct_conf.pdbx_beg_PDB_ins_code 
_struct_conf.end_label_comp_id 
_struct_conf.end_label_asym_id 
_struct_conf.end_label_seq_id 
_struct_conf.pdbx_end_PDB_ins_code 
_struct_conf.beg_auth_comp_id 
_struct_conf.beg_auth_asym_id 
_struct_conf.beg_auth_seq_id 
_struct_conf.end_auth_comp_id 
_struct_conf.end_auth_asym_id 
_struct_conf.end_auth_seq_id 
_struct_conf.pdbx_PDB_helix_class 
_struct_conf.details 
_struct_conf.pdbx_PDB_helix_length 
HELX_P HELX_P1 1 THR A 5   ? ASP A 20  ? THR A 5   ASP A 20  1 ? 16 
HELX_P HELX_P2 2 THR A 28  ? LEU A 39  ? THR A 28  LEU A 39  1 ? 12 
HELX_P HELX_P3 3 THR A 44  ? ASP A 56  ? THR A 44  ASP A 56  1 ? 13 
HELX_P HELX_P4 4 ASP A 64  ? MET A 76  ? ASP A 64  MET A 76  1 ? 13 
HELX_P HELX_P5 5 GLU A 84  ? ASP A 93  ? GLU A 84  ASP A 93  1 ? 10 
HELX_P HELX_P6 6 SER A 101 ? LEU A 112 ? SER A 101 LEU A 112 1 ? 12 
HELX_P HELX_P7 7 THR A 117 ? ARG A 126 ? THR A 117 ARG A 126 1 ? 10 
HELX_P HELX_P8 8 TYR A 138 ? ALA A 147 ? TYR A 138 ALA A 147 1 ? 10 
HELX_P HELX_P9 9 GLY B 6   ? MET B 21  ? GLY B 6   MET B 21  1 ? 16 
# 
_struct_conf_type.id          HELX_P 
_struct_conf_type.criteria    ? 
_struct_conf_type.reference   ? 
# 
_struct_conn.id                            covale1 
_struct_conn.conn_type_id                  covale 
_struct_conn.pdbx_leaving_atom_flag        both 
_struct_conn.pdbx_PDB_id                   ? 
_struct_conn.ptnr1_label_asym_id           B 
_struct_conn.ptnr1_label_comp_id           GLN 
_struct_conn.ptnr1_label_seq_id            23 
_struct_conn.ptnr1_label_atom_id           C 
_struct_conn.pdbx_ptnr1_label_alt_id       ? 
_struct_conn.pdbx_ptnr1_PDB_ins_code       ? 
_struct_conn.pdbx_ptnr1_standard_comp_id   ? 
_struct_conn.ptnr1_symmetry                1_555 
_struct_conn.ptnr2_label_asym_id           B 
_struct_conn.ptnr2_label_comp_id           NH2 
_struct_conn.ptnr2_label_seq_id            24 
_struct_conn.ptnr2_label_atom_id           N 
_struct_conn.pdbx_ptnr2_label_alt_id       ? 
_struct_conn.pdbx_ptnr2_PDB_ins_code       ? 
_struct_conn.ptnr1_auth_asym_id            B 
_struct_conn.ptnr1_auth_comp_id            GLN 
_struct_conn.ptnr1_auth_seq_id             23 
_struct_conn.ptnr2_auth_asym_id            B 
_struct_conn.ptnr2_auth_comp_id            NH2 
_struct_conn.ptnr2_auth_seq_id             24 
_struct_conn.ptnr2_symmetry                1_555 
_struct_conn.pdbx_ptnr3_label_atom_id      ? 
_struct_conn.pdbx_ptnr3_label_seq_id       ? 
_struct_conn.pdbx_ptnr3_label_comp_id      ? 
_struct_conn.pdbx_ptnr3_label_asym_id      ? 
_struct_conn.pdbx_ptnr3_label_alt_id       ? 
_struct_conn.pdbx_ptnr3_PDB_ins_code       ? 
_struct_conn.details                       ? 
_struct_conn.pdbx_dist_value               1.344 
_struct_conn.pdbx_value_order              ? 
_struct_conn.pdbx_role                     ? 
# 
_struct_conn_type.id          covale 
_struct_conn_type.criteria    ? 
_struct_conn_type.reference   ? 
# 
_pdbx_modification_feature.ordinal                            1 
_pdbx_modification_feature.label_comp_id                      NH2 
_pdbx_modification_feature.label_asym_id                      B 
_pdbx_modification_feature.label_seq_id                       24 
_pdbx_modification_feature.label_alt_id                       ? 
_pdbx_modification_feature.modified_residue_label_comp_id     GLN 
_pdbx_modification_feature.modified_residue_label_asym_id     B 
_pdbx_modification_feature.modified_residue_label_seq_id      23 
_pdbx_modification_feature.modified_residue_label_alt_id      ? 
_pdbx_modification_feature.auth_comp_id                       NH2 
_pdbx_modification_feature.auth_asym_id                       B 
_pdbx_modification_feature.auth_seq_id                        24 
_pdbx_modification_feature.PDB_ins_code                       ? 
_pdbx_modification_feature.symmetry                           1_555 
_pdbx_modification_feature.modified_residue_auth_comp_id      GLN 
_pdbx_modification_feature.modified_residue_auth_asym_id      B 
_pdbx_modification_feature.modified_residue_auth_seq_id       23 
_pdbx_modification_feature.modified_residue_PDB_ins_code      ? 
_pdbx_modification_feature.modified_residue_symmetry          1_555 
_pdbx_modification_feature.comp_id_linking_atom               . 
_pdbx_modification_feature.modified_residue_id_linking_atom   . 
_pdbx_modification_feature.modified_residue_id                GLN 
_pdbx_modification_feature.ref_pcm_id                         18 
_pdbx_modification_feature.ref_comp_id                        NH2 
_pdbx_modification_feature.type                               None 
_pdbx_modification_feature.category                           'Terminal amidation' 
# 
_struct_sheet.id               A 
_struct_sheet.type             ? 
_struct_sheet.number_strands   2 
_struct_sheet.details          ? 
# 
_struct_sheet_order.sheet_id     A 
_struct_sheet_order.range_id_1   1 
_struct_sheet_order.range_id_2   2 
_struct_sheet_order.offset       ? 
_struct_sheet_order.sense        anti-parallel 
# 
loop_
_struct_sheet_range.sheet_id 
_struct_sheet_range.id 
_struct_sheet_range.beg_label_comp_id 
_struct_sheet_range.beg_label_asym_id 
_struct_sheet_range.beg_label_seq_id 
_struct_sheet_range.pdbx_beg_PDB_ins_code 
_struct_sheet_range.end_label_comp_id 
_struct_sheet_range.end_label_asym_id 
_struct_sheet_range.end_label_seq_id 
_struct_sheet_range.pdbx_end_PDB_ins_code 
_struct_sheet_range.beg_auth_comp_id 
_struct_sheet_range.beg_auth_asym_id 
_struct_sheet_range.beg_auth_seq_id 
_struct_sheet_range.end_auth_comp_id 
_struct_sheet_range.end_auth_asym_id 
_struct_sheet_range.end_auth_seq_id 
A 1 TYR A 99  ? ILE A 100 ? TYR A 99  ILE A 100 
A 2 VAL A 136 ? ASN A 137 ? VAL A 136 ASN A 137 
# 
_pdbx_struct_sheet_hbond.sheet_id                A 
_pdbx_struct_sheet_hbond.range_id_1              1 
_pdbx_struct_sheet_hbond.range_id_2              2 
_pdbx_struct_sheet_hbond.range_1_label_atom_id   N 
_pdbx_struct_sheet_hbond.range_1_label_comp_id   ILE 
_pdbx_struct_sheet_hbond.range_1_label_asym_id   A 
_pdbx_struct_sheet_hbond.range_1_label_seq_id    100 
_pdbx_struct_sheet_hbond.range_1_PDB_ins_code    ? 
_pdbx_struct_sheet_hbond.range_1_auth_atom_id    N 
_pdbx_struct_sheet_hbond.range_1_auth_comp_id    ILE 
_pdbx_struct_sheet_hbond.range_1_auth_asym_id    A 
_pdbx_struct_sheet_hbond.range_1_auth_seq_id     100 
_pdbx_struct_sheet_hbond.range_2_label_atom_id   O 
_pdbx_struct_sheet_hbond.range_2_label_comp_id   VAL 
_pdbx_struct_sheet_hbond.range_2_label_asym_id   A 
_pdbx_struct_sheet_hbond.range_2_label_seq_id    136 
_pdbx_struct_sheet_hbond.range_2_PDB_ins_code    ? 
_pdbx_struct_sheet_hbond.range_2_auth_atom_id    O 
_pdbx_struct_sheet_hbond.range_2_auth_comp_id    VAL 
_pdbx_struct_sheet_hbond.range_2_auth_asym_id    A 
_pdbx_struct_sheet_hbond.range_2_auth_seq_id     136 
# 
loop_
_struct_site.id 
_struct_site.pdbx_evidence_code 
_struct_site.pdbx_auth_asym_id 
_struct_site.pdbx_auth_comp_id 
_struct_site.pdbx_auth_seq_id 
_struct_site.pdbx_auth_ins_code 
_struct_site.pdbx_num_residues 
_struct_site.details 
AC1 Software A CA 401 ? 6 'BINDING SITE FOR RESIDUE CA A 401' 
AC2 Software A CA 402 ? 6 'BINDING SITE FOR RESIDUE CA A 402' 
AC3 Software A CA 403 ? 6 'BINDING SITE FOR RESIDUE CA A 403' 
AC4 Software A CA 404 ? 6 'BINDING SITE FOR RESIDUE CA A 404' 
# 
loop_
_struct_site_gen.id 
_struct_site_gen.site_id 
_struct_site_gen.pdbx_num_res 
_struct_site_gen.label_comp_id 
_struct_site_gen.label_asym_id 
_struct_site_gen.label_seq_id 
_struct_site_gen.pdbx_auth_ins_code 
_struct_site_gen.auth_comp_id 
_struct_site_gen.auth_asym_id 
_struct_site_gen.auth_seq_id 
_struct_site_gen.label_atom_id 
_struct_site_gen.label_alt_id 
_struct_site_gen.symmetry 
_struct_site_gen.details 
1  AC1 6 ASP A 129 ? ASP A 129 . ? 1_555 ? 
2  AC1 6 ASP A 131 ? ASP A 131 . ? 1_555 ? 
3  AC1 6 ASP A 133 ? ASP A 133 . ? 1_555 ? 
4  AC1 6 GLN A 135 ? GLN A 135 . ? 1_555 ? 
5  AC1 6 GLU A 140 ? GLU A 140 . ? 1_555 ? 
6  AC1 6 HOH G .   ? HOH A 432 . ? 1_555 ? 
7  AC2 6 ASP A 56  ? ASP A 56  . ? 1_555 ? 
8  AC2 6 ASP A 58  ? ASP A 58  . ? 1_555 ? 
9  AC2 6 ASN A 60  ? ASN A 60  . ? 1_555 ? 
10 AC2 6 THR A 62  ? THR A 62  . ? 1_555 ? 
11 AC2 6 GLU A 67  ? GLU A 67  . ? 1_555 ? 
12 AC2 6 HOH G .   ? HOH A 410 . ? 1_555 ? 
13 AC3 6 ASP A 20  ? ASP A 20  . ? 1_555 ? 
14 AC3 6 ASP A 22  ? ASP A 22  . ? 1_555 ? 
15 AC3 6 ASP A 24  ? ASP A 24  . ? 1_555 ? 
16 AC3 6 THR A 26  ? THR A 26  . ? 1_555 ? 
17 AC3 6 GLU A 31  ? GLU A 31  . ? 1_555 ? 
18 AC3 6 HOH G .   ? HOH A 419 . ? 1_555 ? 
19 AC4 6 ASP A 93  ? ASP A 93  . ? 1_555 ? 
20 AC4 6 ASP A 95  ? ASP A 95  . ? 1_555 ? 
21 AC4 6 ASN A 97  ? ASN A 97  . ? 1_555 ? 
22 AC4 6 TYR A 99  ? TYR A 99  . ? 1_555 ? 
23 AC4 6 GLU A 104 ? GLU A 104 . ? 1_555 ? 
24 AC4 6 HOH G .   ? HOH A 476 . ? 1_555 ? 
# 
_pdbx_entry_details.entry_id                   2O60 
_pdbx_entry_details.compound_details           ? 
_pdbx_entry_details.source_details             ? 
_pdbx_entry_details.nonpolymer_details         ? 
_pdbx_entry_details.sequence_details           ? 
_pdbx_entry_details.has_ligand_of_interest     ? 
_pdbx_entry_details.has_protein_modification   Y 
# 
loop_
_pdbx_validate_close_contact.id 
_pdbx_validate_close_contact.PDB_model_num 
_pdbx_validate_close_contact.auth_atom_id_1 
_pdbx_validate_close_contact.auth_asym_id_1 
_pdbx_validate_close_contact.auth_comp_id_1 
_pdbx_validate_close_contact.auth_seq_id_1 
_pdbx_validate_close_contact.PDB_ins_code_1 
_pdbx_validate_close_contact.label_alt_id_1 
_pdbx_validate_close_contact.auth_atom_id_2 
_pdbx_validate_close_contact.auth_asym_id_2 
_pdbx_validate_close_contact.auth_comp_id_2 
_pdbx_validate_close_contact.auth_seq_id_2 
_pdbx_validate_close_contact.PDB_ins_code_2 
_pdbx_validate_close_contact.label_alt_id_2 
_pdbx_validate_close_contact.dist 
1 1 OE1 A GLU 7  ? B O A HOH 557 ? ? 1.47 
2 1 NZ  A LYS 13 ? B O A HOH 457 ? ? 1.86 
# 
loop_
_pdbx_validate_rmsd_angle.id 
_pdbx_validate_rmsd_angle.PDB_model_num 
_pdbx_validate_rmsd_angle.auth_atom_id_1 
_pdbx_validate_rmsd_angle.auth_asym_id_1 
_pdbx_validate_rmsd_angle.auth_comp_id_1 
_pdbx_validate_rmsd_angle.auth_seq_id_1 
_pdbx_validate_rmsd_angle.PDB_ins_code_1 
_pdbx_validate_rmsd_angle.label_alt_id_1 
_pdbx_validate_rmsd_angle.auth_atom_id_2 
_pdbx_validate_rmsd_angle.auth_asym_id_2 
_pdbx_validate_rmsd_angle.auth_comp_id_2 
_pdbx_validate_rmsd_angle.auth_seq_id_2 
_pdbx_validate_rmsd_angle.PDB_ins_code_2 
_pdbx_validate_rmsd_angle.label_alt_id_2 
_pdbx_validate_rmsd_angle.auth_atom_id_3 
_pdbx_validate_rmsd_angle.auth_asym_id_3 
_pdbx_validate_rmsd_angle.auth_comp_id_3 
_pdbx_validate_rmsd_angle.auth_seq_id_3 
_pdbx_validate_rmsd_angle.PDB_ins_code_3 
_pdbx_validate_rmsd_angle.label_alt_id_3 
_pdbx_validate_rmsd_angle.angle_value 
_pdbx_validate_rmsd_angle.angle_target_value 
_pdbx_validate_rmsd_angle.angle_deviation 
_pdbx_validate_rmsd_angle.angle_standard_deviation 
_pdbx_validate_rmsd_angle.linker_flag 
1 1 CG A MET 72 ? B SD A MET 72 ? B CE A MET 72 ? B 90.02  100.20 -10.18 1.60 N 
2 1 CA B GLN 23 ? ? C  B GLN 23 ? ? N  B NH2 24 ? ? 100.58 117.20 -16.62 2.20 Y 
# 
loop_
_pdbx_validate_torsion.id 
_pdbx_validate_torsion.PDB_model_num 
_pdbx_validate_torsion.auth_comp_id 
_pdbx_validate_torsion.auth_asym_id 
_pdbx_validate_torsion.auth_seq_id 
_pdbx_validate_torsion.PDB_ins_code 
_pdbx_validate_torsion.label_alt_id 
_pdbx_validate_torsion.phi 
_pdbx_validate_torsion.psi 
1 1 ASP A 2  ? ? -24.83  -58.76  
2 1 MET A 76 ? ? -86.11  -99.21  
3 1 LYS A 77 ? ? 51.57   -130.32 
4 1 ASP A 78 ? ? -149.18 -125.77 
5 1 THR A 79 ? ? 57.02   -162.96 
6 1 ASP A 80 ? ? 37.64   96.38   
7 1 SER A 81 ? ? 79.97   -73.29  
8 1 GLU A 82 ? ? 55.01   -159.18 
# 
loop_
_pdbx_refine_tls.pdbx_refine_id 
_pdbx_refine_tls.id 
_pdbx_refine_tls.details 
_pdbx_refine_tls.method 
_pdbx_refine_tls.origin_x 
_pdbx_refine_tls.origin_y 
_pdbx_refine_tls.origin_z 
_pdbx_refine_tls.T[1][1] 
_pdbx_refine_tls.T[2][2] 
_pdbx_refine_tls.T[3][3] 
_pdbx_refine_tls.T[1][2] 
_pdbx_refine_tls.T[1][3] 
_pdbx_refine_tls.T[2][3] 
_pdbx_refine_tls.L[1][1] 
_pdbx_refine_tls.L[2][2] 
_pdbx_refine_tls.L[3][3] 
_pdbx_refine_tls.L[1][2] 
_pdbx_refine_tls.L[1][3] 
_pdbx_refine_tls.L[2][3] 
_pdbx_refine_tls.S[1][1] 
_pdbx_refine_tls.S[2][2] 
_pdbx_refine_tls.S[3][3] 
_pdbx_refine_tls.S[1][2] 
_pdbx_refine_tls.S[1][3] 
_pdbx_refine_tls.S[2][3] 
_pdbx_refine_tls.S[2][1] 
_pdbx_refine_tls.S[3][1] 
_pdbx_refine_tls.S[3][2] 
'X-RAY DIFFRACTION' 1 ? refined 15.1176 4.2697  -6.0863  -0.2260 -0.1653 -0.1906 0.0360  -0.0271 -0.0664 20.7708 10.4540 4.2954  8.5022  1.6183  0.9678  0.0289  0.0220  -0.0509 -0.2283 0.6050  0.2197  -0.1684 -0.2388 0.0514  
'X-RAY DIFFRACTION' 2 ? refined -3.0959 -1.5270 -11.5806 -0.2376 -0.2129 -0.2178 -0.0225 -0.0161 -0.0053 4.9401  1.8712  2.0288  -0.0488 0.1523  -0.6886 0.0283  0.0107  -0.0390 -0.2554 -0.2555 0.0805  0.0508  0.0722  -0.1156 
'X-RAY DIFFRACTION' 3 ? refined -5.0533 -4.6069 10.9611  -0.1116 0.0542  -0.1361 0.0019  0.0280  0.0797  0.5382  3.8538  12.6525 -0.6996 -1.4602 1.0523  0.0309  0.1248  -0.1558 0.1063  -0.3917 0.3360  -0.0165 -0.1724 -0.9119 
'X-RAY DIFFRACTION' 4 ? refined 5.0920  -1.8253 13.0908  -0.0571 0.0090  -0.1202 -0.0581 0.0331  0.0934  2.2915  3.2342  9.8524  0.1715  0.4282  -1.2152 -0.0215 0.0972  -0.0756 -0.0277 -0.1309 -0.2171 -0.0340 -0.5451 0.5064  
'X-RAY DIFFRACTION' 5 ? refined 1.7866  1.3965  2.0166   -0.1709 -0.0716 -0.1938 -0.0198 0.0001  0.0043  9.2489  8.0384  13.5208 -2.9958 8.0230  -5.3943 -0.0078 -0.2992 0.3069  0.1774  0.0743  -0.7024 -0.0007 -0.0619 0.7351  
'X-RAY DIFFRACTION' 6 ? refined -9.6006 6.7340  -3.6893  -0.0613 -0.0574 -0.1911 0.0304  -0.0158 -0.0328 30.4371 16.3013 8.6004  6.5350  3.6623  -0.7294 -0.1368 -0.5635 0.7003  -0.8698 0.7747  1.2074  1.0602  -0.5869 -1.1845 
# 
loop_
_pdbx_refine_tls_group.pdbx_refine_id 
_pdbx_refine_tls_group.id 
_pdbx_refine_tls_group.refine_tls_id 
_pdbx_refine_tls_group.beg_auth_asym_id 
_pdbx_refine_tls_group.beg_auth_seq_id 
_pdbx_refine_tls_group.end_auth_asym_id 
_pdbx_refine_tls_group.end_auth_seq_id 
_pdbx_refine_tls_group.selection_details 
_pdbx_refine_tls_group.beg_label_asym_id 
_pdbx_refine_tls_group.beg_label_seq_id 
_pdbx_refine_tls_group.end_label_asym_id 
_pdbx_refine_tls_group.end_label_seq_id 
_pdbx_refine_tls_group.selection 
'X-RAY DIFFRACTION' 1 1 A 1   A 14  ? . . . . ? 
'X-RAY DIFFRACTION' 2 2 A 15  A 74  ? . . . . ? 
'X-RAY DIFFRACTION' 3 2 A 402 A 403 ? . . . . ? 
'X-RAY DIFFRACTION' 4 3 A 87  A 113 ? . . . . ? 
'X-RAY DIFFRACTION' 5 3 A 404 A 404 ? . . . . ? 
'X-RAY DIFFRACTION' 6 4 A 114 A 148 ? . . . . ? 
'X-RAY DIFFRACTION' 7 4 A 401 A 401 ? . . . . ? 
'X-RAY DIFFRACTION' 8 5 B 4   B 18  ? . . . . ? 
'X-RAY DIFFRACTION' 9 6 B 19  B 23  ? . . . . ? 
# 
_pdbx_database_remark.id     999 
_pdbx_database_remark.text   
;SEQUENCE   
Peptide in chain B is acetylated at N-terminus and  
amidated at C-terminus. ACE group was not modeled due
to lack of electron density.
;
# 
loop_
_pdbx_unobs_or_zero_occ_residues.id 
_pdbx_unobs_or_zero_occ_residues.PDB_model_num 
_pdbx_unobs_or_zero_occ_residues.polymer_flag 
_pdbx_unobs_or_zero_occ_residues.occupancy_flag 
_pdbx_unobs_or_zero_occ_residues.auth_asym_id 
_pdbx_unobs_or_zero_occ_residues.auth_comp_id 
_pdbx_unobs_or_zero_occ_residues.auth_seq_id 
_pdbx_unobs_or_zero_occ_residues.PDB_ins_code 
_pdbx_unobs_or_zero_occ_residues.label_asym_id 
_pdbx_unobs_or_zero_occ_residues.label_comp_id 
_pdbx_unobs_or_zero_occ_residues.label_seq_id 
1 1 Y 1 B LYS 1 ? B LYS 1 
2 1 Y 1 B ARG 2 ? B ARG 2 
3 1 Y 1 B ARG 3 ? B ARG 3 
# 
loop_
_chem_comp_atom.comp_id 
_chem_comp_atom.atom_id 
_chem_comp_atom.type_symbol 
_chem_comp_atom.pdbx_aromatic_flag 
_chem_comp_atom.pdbx_stereo_config 
_chem_comp_atom.pdbx_ordinal 
ALA N    N  N N 1   
ALA CA   C  N S 2   
ALA C    C  N N 3   
ALA O    O  N N 4   
ALA CB   C  N N 5   
ALA OXT  O  N N 6   
ALA H    H  N N 7   
ALA H2   H  N N 8   
ALA HA   H  N N 9   
ALA HB1  H  N N 10  
ALA HB2  H  N N 11  
ALA HB3  H  N N 12  
ALA HXT  H  N N 13  
ARG N    N  N N 14  
ARG CA   C  N S 15  
ARG C    C  N N 16  
ARG O    O  N N 17  
ARG CB   C  N N 18  
ARG CG   C  N N 19  
ARG CD   C  N N 20  
ARG NE   N  N N 21  
ARG CZ   C  N N 22  
ARG NH1  N  N N 23  
ARG NH2  N  N N 24  
ARG OXT  O  N N 25  
ARG H    H  N N 26  
ARG H2   H  N N 27  
ARG HA   H  N N 28  
ARG HB2  H  N N 29  
ARG HB3  H  N N 30  
ARG HG2  H  N N 31  
ARG HG3  H  N N 32  
ARG HD2  H  N N 33  
ARG HD3  H  N N 34  
ARG HE   H  N N 35  
ARG HH11 H  N N 36  
ARG HH12 H  N N 37  
ARG HH21 H  N N 38  
ARG HH22 H  N N 39  
ARG HXT  H  N N 40  
ASN N    N  N N 41  
ASN CA   C  N S 42  
ASN C    C  N N 43  
ASN O    O  N N 44  
ASN CB   C  N N 45  
ASN CG   C  N N 46  
ASN OD1  O  N N 47  
ASN ND2  N  N N 48  
ASN OXT  O  N N 49  
ASN H    H  N N 50  
ASN H2   H  N N 51  
ASN HA   H  N N 52  
ASN HB2  H  N N 53  
ASN HB3  H  N N 54  
ASN HD21 H  N N 55  
ASN HD22 H  N N 56  
ASN HXT  H  N N 57  
ASP N    N  N N 58  
ASP CA   C  N S 59  
ASP C    C  N N 60  
ASP O    O  N N 61  
ASP CB   C  N N 62  
ASP CG   C  N N 63  
ASP OD1  O  N N 64  
ASP OD2  O  N N 65  
ASP OXT  O  N N 66  
ASP H    H  N N 67  
ASP H2   H  N N 68  
ASP HA   H  N N 69  
ASP HB2  H  N N 70  
ASP HB3  H  N N 71  
ASP HD2  H  N N 72  
ASP HXT  H  N N 73  
CA  CA   CA N N 74  
GLN N    N  N N 75  
GLN CA   C  N S 76  
GLN C    C  N N 77  
GLN O    O  N N 78  
GLN CB   C  N N 79  
GLN CG   C  N N 80  
GLN CD   C  N N 81  
GLN OE1  O  N N 82  
GLN NE2  N  N N 83  
GLN OXT  O  N N 84  
GLN H    H  N N 85  
GLN H2   H  N N 86  
GLN HA   H  N N 87  
GLN HB2  H  N N 88  
GLN HB3  H  N N 89  
GLN HG2  H  N N 90  
GLN HG3  H  N N 91  
GLN HE21 H  N N 92  
GLN HE22 H  N N 93  
GLN HXT  H  N N 94  
GLU N    N  N N 95  
GLU CA   C  N S 96  
GLU C    C  N N 97  
GLU O    O  N N 98  
GLU CB   C  N N 99  
GLU CG   C  N N 100 
GLU CD   C  N N 101 
GLU OE1  O  N N 102 
GLU OE2  O  N N 103 
GLU OXT  O  N N 104 
GLU H    H  N N 105 
GLU H2   H  N N 106 
GLU HA   H  N N 107 
GLU HB2  H  N N 108 
GLU HB3  H  N N 109 
GLU HG2  H  N N 110 
GLU HG3  H  N N 111 
GLU HE2  H  N N 112 
GLU HXT  H  N N 113 
GLY N    N  N N 114 
GLY CA   C  N N 115 
GLY C    C  N N 116 
GLY O    O  N N 117 
GLY OXT  O  N N 118 
GLY H    H  N N 119 
GLY H2   H  N N 120 
GLY HA2  H  N N 121 
GLY HA3  H  N N 122 
GLY HXT  H  N N 123 
HIS N    N  N N 124 
HIS CA   C  N S 125 
HIS C    C  N N 126 
HIS O    O  N N 127 
HIS CB   C  N N 128 
HIS CG   C  Y N 129 
HIS ND1  N  Y N 130 
HIS CD2  C  Y N 131 
HIS CE1  C  Y N 132 
HIS NE2  N  Y N 133 
HIS OXT  O  N N 134 
HIS H    H  N N 135 
HIS H2   H  N N 136 
HIS HA   H  N N 137 
HIS HB2  H  N N 138 
HIS HB3  H  N N 139 
HIS HD1  H  N N 140 
HIS HD2  H  N N 141 
HIS HE1  H  N N 142 
HIS HE2  H  N N 143 
HIS HXT  H  N N 144 
HOH O    O  N N 145 
HOH H1   H  N N 146 
HOH H2   H  N N 147 
ILE N    N  N N 148 
ILE CA   C  N S 149 
ILE C    C  N N 150 
ILE O    O  N N 151 
ILE CB   C  N S 152 
ILE CG1  C  N N 153 
ILE CG2  C  N N 154 
ILE CD1  C  N N 155 
ILE OXT  O  N N 156 
ILE H    H  N N 157 
ILE H2   H  N N 158 
ILE HA   H  N N 159 
ILE HB   H  N N 160 
ILE HG12 H  N N 161 
ILE HG13 H  N N 162 
ILE HG21 H  N N 163 
ILE HG22 H  N N 164 
ILE HG23 H  N N 165 
ILE HD11 H  N N 166 
ILE HD12 H  N N 167 
ILE HD13 H  N N 168 
ILE HXT  H  N N 169 
LEU N    N  N N 170 
LEU CA   C  N S 171 
LEU C    C  N N 172 
LEU O    O  N N 173 
LEU CB   C  N N 174 
LEU CG   C  N N 175 
LEU CD1  C  N N 176 
LEU CD2  C  N N 177 
LEU OXT  O  N N 178 
LEU H    H  N N 179 
LEU H2   H  N N 180 
LEU HA   H  N N 181 
LEU HB2  H  N N 182 
LEU HB3  H  N N 183 
LEU HG   H  N N 184 
LEU HD11 H  N N 185 
LEU HD12 H  N N 186 
LEU HD13 H  N N 187 
LEU HD21 H  N N 188 
LEU HD22 H  N N 189 
LEU HD23 H  N N 190 
LEU HXT  H  N N 191 
LYS N    N  N N 192 
LYS CA   C  N S 193 
LYS C    C  N N 194 
LYS O    O  N N 195 
LYS CB   C  N N 196 
LYS CG   C  N N 197 
LYS CD   C  N N 198 
LYS CE   C  N N 199 
LYS NZ   N  N N 200 
LYS OXT  O  N N 201 
LYS H    H  N N 202 
LYS H2   H  N N 203 
LYS HA   H  N N 204 
LYS HB2  H  N N 205 
LYS HB3  H  N N 206 
LYS HG2  H  N N 207 
LYS HG3  H  N N 208 
LYS HD2  H  N N 209 
LYS HD3  H  N N 210 
LYS HE2  H  N N 211 
LYS HE3  H  N N 212 
LYS HZ1  H  N N 213 
LYS HZ2  H  N N 214 
LYS HZ3  H  N N 215 
LYS HXT  H  N N 216 
MET N    N  N N 217 
MET CA   C  N S 218 
MET C    C  N N 219 
MET O    O  N N 220 
MET CB   C  N N 221 
MET CG   C  N N 222 
MET SD   S  N N 223 
MET CE   C  N N 224 
MET OXT  O  N N 225 
MET H    H  N N 226 
MET H2   H  N N 227 
MET HA   H  N N 228 
MET HB2  H  N N 229 
MET HB3  H  N N 230 
MET HG2  H  N N 231 
MET HG3  H  N N 232 
MET HE1  H  N N 233 
MET HE2  H  N N 234 
MET HE3  H  N N 235 
MET HXT  H  N N 236 
NH2 N    N  N N 237 
NH2 HN1  H  N N 238 
NH2 HN2  H  N N 239 
PHE N    N  N N 240 
PHE CA   C  N S 241 
PHE C    C  N N 242 
PHE O    O  N N 243 
PHE CB   C  N N 244 
PHE CG   C  Y N 245 
PHE CD1  C  Y N 246 
PHE CD2  C  Y N 247 
PHE CE1  C  Y N 248 
PHE CE2  C  Y N 249 
PHE CZ   C  Y N 250 
PHE OXT  O  N N 251 
PHE H    H  N N 252 
PHE H2   H  N N 253 
PHE HA   H  N N 254 
PHE HB2  H  N N 255 
PHE HB3  H  N N 256 
PHE HD1  H  N N 257 
PHE HD2  H  N N 258 
PHE HE1  H  N N 259 
PHE HE2  H  N N 260 
PHE HZ   H  N N 261 
PHE HXT  H  N N 262 
PRO N    N  N N 263 
PRO CA   C  N S 264 
PRO C    C  N N 265 
PRO O    O  N N 266 
PRO CB   C  N N 267 
PRO CG   C  N N 268 
PRO CD   C  N N 269 
PRO OXT  O  N N 270 
PRO H    H  N N 271 
PRO HA   H  N N 272 
PRO HB2  H  N N 273 
PRO HB3  H  N N 274 
PRO HG2  H  N N 275 
PRO HG3  H  N N 276 
PRO HD2  H  N N 277 
PRO HD3  H  N N 278 
PRO HXT  H  N N 279 
SER N    N  N N 280 
SER CA   C  N S 281 
SER C    C  N N 282 
SER O    O  N N 283 
SER CB   C  N N 284 
SER OG   O  N N 285 
SER OXT  O  N N 286 
SER H    H  N N 287 
SER H2   H  N N 288 
SER HA   H  N N 289 
SER HB2  H  N N 290 
SER HB3  H  N N 291 
SER HG   H  N N 292 
SER HXT  H  N N 293 
THR N    N  N N 294 
THR CA   C  N S 295 
THR C    C  N N 296 
THR O    O  N N 297 
THR CB   C  N R 298 
THR OG1  O  N N 299 
THR CG2  C  N N 300 
THR OXT  O  N N 301 
THR H    H  N N 302 
THR H2   H  N N 303 
THR HA   H  N N 304 
THR HB   H  N N 305 
THR HG1  H  N N 306 
THR HG21 H  N N 307 
THR HG22 H  N N 308 
THR HG23 H  N N 309 
THR HXT  H  N N 310 
TYR N    N  N N 311 
TYR CA   C  N S 312 
TYR C    C  N N 313 
TYR O    O  N N 314 
TYR CB   C  N N 315 
TYR CG   C  Y N 316 
TYR CD1  C  Y N 317 
TYR CD2  C  Y N 318 
TYR CE1  C  Y N 319 
TYR CE2  C  Y N 320 
TYR CZ   C  Y N 321 
TYR OH   O  N N 322 
TYR OXT  O  N N 323 
TYR H    H  N N 324 
TYR H2   H  N N 325 
TYR HA   H  N N 326 
TYR HB2  H  N N 327 
TYR HB3  H  N N 328 
TYR HD1  H  N N 329 
TYR HD2  H  N N 330 
TYR HE1  H  N N 331 
TYR HE2  H  N N 332 
TYR HH   H  N N 333 
TYR HXT  H  N N 334 
VAL N    N  N N 335 
VAL CA   C  N S 336 
VAL C    C  N N 337 
VAL O    O  N N 338 
VAL CB   C  N N 339 
VAL CG1  C  N N 340 
VAL CG2  C  N N 341 
VAL OXT  O  N N 342 
VAL H    H  N N 343 
VAL H2   H  N N 344 
VAL HA   H  N N 345 
VAL HB   H  N N 346 
VAL HG11 H  N N 347 
VAL HG12 H  N N 348 
VAL HG13 H  N N 349 
VAL HG21 H  N N 350 
VAL HG22 H  N N 351 
VAL HG23 H  N N 352 
VAL HXT  H  N N 353 
# 
loop_
_chem_comp_bond.comp_id 
_chem_comp_bond.atom_id_1 
_chem_comp_bond.atom_id_2 
_chem_comp_bond.value_order 
_chem_comp_bond.pdbx_aromatic_flag 
_chem_comp_bond.pdbx_stereo_config 
_chem_comp_bond.pdbx_ordinal 
ALA N   CA   sing N N 1   
ALA N   H    sing N N 2   
ALA N   H2   sing N N 3   
ALA CA  C    sing N N 4   
ALA CA  CB   sing N N 5   
ALA CA  HA   sing N N 6   
ALA C   O    doub N N 7   
ALA C   OXT  sing N N 8   
ALA CB  HB1  sing N N 9   
ALA CB  HB2  sing N N 10  
ALA CB  HB3  sing N N 11  
ALA OXT HXT  sing N N 12  
ARG N   CA   sing N N 13  
ARG N   H    sing N N 14  
ARG N   H2   sing N N 15  
ARG CA  C    sing N N 16  
ARG CA  CB   sing N N 17  
ARG CA  HA   sing N N 18  
ARG C   O    doub N N 19  
ARG C   OXT  sing N N 20  
ARG CB  CG   sing N N 21  
ARG CB  HB2  sing N N 22  
ARG CB  HB3  sing N N 23  
ARG CG  CD   sing N N 24  
ARG CG  HG2  sing N N 25  
ARG CG  HG3  sing N N 26  
ARG CD  NE   sing N N 27  
ARG CD  HD2  sing N N 28  
ARG CD  HD3  sing N N 29  
ARG NE  CZ   sing N N 30  
ARG NE  HE   sing N N 31  
ARG CZ  NH1  sing N N 32  
ARG CZ  NH2  doub N N 33  
ARG NH1 HH11 sing N N 34  
ARG NH1 HH12 sing N N 35  
ARG NH2 HH21 sing N N 36  
ARG NH2 HH22 sing N N 37  
ARG OXT HXT  sing N N 38  
ASN N   CA   sing N N 39  
ASN N   H    sing N N 40  
ASN N   H2   sing N N 41  
ASN CA  C    sing N N 42  
ASN CA  CB   sing N N 43  
ASN CA  HA   sing N N 44  
ASN C   O    doub N N 45  
ASN C   OXT  sing N N 46  
ASN CB  CG   sing N N 47  
ASN CB  HB2  sing N N 48  
ASN CB  HB3  sing N N 49  
ASN CG  OD1  doub N N 50  
ASN CG  ND2  sing N N 51  
ASN ND2 HD21 sing N N 52  
ASN ND2 HD22 sing N N 53  
ASN OXT HXT  sing N N 54  
ASP N   CA   sing N N 55  
ASP N   H    sing N N 56  
ASP N   H2   sing N N 57  
ASP CA  C    sing N N 58  
ASP CA  CB   sing N N 59  
ASP CA  HA   sing N N 60  
ASP C   O    doub N N 61  
ASP C   OXT  sing N N 62  
ASP CB  CG   sing N N 63  
ASP CB  HB2  sing N N 64  
ASP CB  HB3  sing N N 65  
ASP CG  OD1  doub N N 66  
ASP CG  OD2  sing N N 67  
ASP OD2 HD2  sing N N 68  
ASP OXT HXT  sing N N 69  
GLN N   CA   sing N N 70  
GLN N   H    sing N N 71  
GLN N   H2   sing N N 72  
GLN CA  C    sing N N 73  
GLN CA  CB   sing N N 74  
GLN CA  HA   sing N N 75  
GLN C   O    doub N N 76  
GLN C   OXT  sing N N 77  
GLN CB  CG   sing N N 78  
GLN CB  HB2  sing N N 79  
GLN CB  HB3  sing N N 80  
GLN CG  CD   sing N N 81  
GLN CG  HG2  sing N N 82  
GLN CG  HG3  sing N N 83  
GLN CD  OE1  doub N N 84  
GLN CD  NE2  sing N N 85  
GLN NE2 HE21 sing N N 86  
GLN NE2 HE22 sing N N 87  
GLN OXT HXT  sing N N 88  
GLU N   CA   sing N N 89  
GLU N   H    sing N N 90  
GLU N   H2   sing N N 91  
GLU CA  C    sing N N 92  
GLU CA  CB   sing N N 93  
GLU CA  HA   sing N N 94  
GLU C   O    doub N N 95  
GLU C   OXT  sing N N 96  
GLU CB  CG   sing N N 97  
GLU CB  HB2  sing N N 98  
GLU CB  HB3  sing N N 99  
GLU CG  CD   sing N N 100 
GLU CG  HG2  sing N N 101 
GLU CG  HG3  sing N N 102 
GLU CD  OE1  doub N N 103 
GLU CD  OE2  sing N N 104 
GLU OE2 HE2  sing N N 105 
GLU OXT HXT  sing N N 106 
GLY N   CA   sing N N 107 
GLY N   H    sing N N 108 
GLY N   H2   sing N N 109 
GLY CA  C    sing N N 110 
GLY CA  HA2  sing N N 111 
GLY CA  HA3  sing N N 112 
GLY C   O    doub N N 113 
GLY C   OXT  sing N N 114 
GLY OXT HXT  sing N N 115 
HIS N   CA   sing N N 116 
HIS N   H    sing N N 117 
HIS N   H2   sing N N 118 
HIS CA  C    sing N N 119 
HIS CA  CB   sing N N 120 
HIS CA  HA   sing N N 121 
HIS C   O    doub N N 122 
HIS C   OXT  sing N N 123 
HIS CB  CG   sing N N 124 
HIS CB  HB2  sing N N 125 
HIS CB  HB3  sing N N 126 
HIS CG  ND1  sing Y N 127 
HIS CG  CD2  doub Y N 128 
HIS ND1 CE1  doub Y N 129 
HIS ND1 HD1  sing N N 130 
HIS CD2 NE2  sing Y N 131 
HIS CD2 HD2  sing N N 132 
HIS CE1 NE2  sing Y N 133 
HIS CE1 HE1  sing N N 134 
HIS NE2 HE2  sing N N 135 
HIS OXT HXT  sing N N 136 
HOH O   H1   sing N N 137 
HOH O   H2   sing N N 138 
ILE N   CA   sing N N 139 
ILE N   H    sing N N 140 
ILE N   H2   sing N N 141 
ILE CA  C    sing N N 142 
ILE CA  CB   sing N N 143 
ILE CA  HA   sing N N 144 
ILE C   O    doub N N 145 
ILE C   OXT  sing N N 146 
ILE CB  CG1  sing N N 147 
ILE CB  CG2  sing N N 148 
ILE CB  HB   sing N N 149 
ILE CG1 CD1  sing N N 150 
ILE CG1 HG12 sing N N 151 
ILE CG1 HG13 sing N N 152 
ILE CG2 HG21 sing N N 153 
ILE CG2 HG22 sing N N 154 
ILE CG2 HG23 sing N N 155 
ILE CD1 HD11 sing N N 156 
ILE CD1 HD12 sing N N 157 
ILE CD1 HD13 sing N N 158 
ILE OXT HXT  sing N N 159 
LEU N   CA   sing N N 160 
LEU N   H    sing N N 161 
LEU N   H2   sing N N 162 
LEU CA  C    sing N N 163 
LEU CA  CB   sing N N 164 
LEU CA  HA   sing N N 165 
LEU C   O    doub N N 166 
LEU C   OXT  sing N N 167 
LEU CB  CG   sing N N 168 
LEU CB  HB2  sing N N 169 
LEU CB  HB3  sing N N 170 
LEU CG  CD1  sing N N 171 
LEU CG  CD2  sing N N 172 
LEU CG  HG   sing N N 173 
LEU CD1 HD11 sing N N 174 
LEU CD1 HD12 sing N N 175 
LEU CD1 HD13 sing N N 176 
LEU CD2 HD21 sing N N 177 
LEU CD2 HD22 sing N N 178 
LEU CD2 HD23 sing N N 179 
LEU OXT HXT  sing N N 180 
LYS N   CA   sing N N 181 
LYS N   H    sing N N 182 
LYS N   H2   sing N N 183 
LYS CA  C    sing N N 184 
LYS CA  CB   sing N N 185 
LYS CA  HA   sing N N 186 
LYS C   O    doub N N 187 
LYS C   OXT  sing N N 188 
LYS CB  CG   sing N N 189 
LYS CB  HB2  sing N N 190 
LYS CB  HB3  sing N N 191 
LYS CG  CD   sing N N 192 
LYS CG  HG2  sing N N 193 
LYS CG  HG3  sing N N 194 
LYS CD  CE   sing N N 195 
LYS CD  HD2  sing N N 196 
LYS CD  HD3  sing N N 197 
LYS CE  NZ   sing N N 198 
LYS CE  HE2  sing N N 199 
LYS CE  HE3  sing N N 200 
LYS NZ  HZ1  sing N N 201 
LYS NZ  HZ2  sing N N 202 
LYS NZ  HZ3  sing N N 203 
LYS OXT HXT  sing N N 204 
MET N   CA   sing N N 205 
MET N   H    sing N N 206 
MET N   H2   sing N N 207 
MET CA  C    sing N N 208 
MET CA  CB   sing N N 209 
MET CA  HA   sing N N 210 
MET C   O    doub N N 211 
MET C   OXT  sing N N 212 
MET CB  CG   sing N N 213 
MET CB  HB2  sing N N 214 
MET CB  HB3  sing N N 215 
MET CG  SD   sing N N 216 
MET CG  HG2  sing N N 217 
MET CG  HG3  sing N N 218 
MET SD  CE   sing N N 219 
MET CE  HE1  sing N N 220 
MET CE  HE2  sing N N 221 
MET CE  HE3  sing N N 222 
MET OXT HXT  sing N N 223 
NH2 N   HN1  sing N N 224 
NH2 N   HN2  sing N N 225 
PHE N   CA   sing N N 226 
PHE N   H    sing N N 227 
PHE N   H2   sing N N 228 
PHE CA  C    sing N N 229 
PHE CA  CB   sing N N 230 
PHE CA  HA   sing N N 231 
PHE C   O    doub N N 232 
PHE C   OXT  sing N N 233 
PHE CB  CG   sing N N 234 
PHE CB  HB2  sing N N 235 
PHE CB  HB3  sing N N 236 
PHE CG  CD1  doub Y N 237 
PHE CG  CD2  sing Y N 238 
PHE CD1 CE1  sing Y N 239 
PHE CD1 HD1  sing N N 240 
PHE CD2 CE2  doub Y N 241 
PHE CD2 HD2  sing N N 242 
PHE CE1 CZ   doub Y N 243 
PHE CE1 HE1  sing N N 244 
PHE CE2 CZ   sing Y N 245 
PHE CE2 HE2  sing N N 246 
PHE CZ  HZ   sing N N 247 
PHE OXT HXT  sing N N 248 
PRO N   CA   sing N N 249 
PRO N   CD   sing N N 250 
PRO N   H    sing N N 251 
PRO CA  C    sing N N 252 
PRO CA  CB   sing N N 253 
PRO CA  HA   sing N N 254 
PRO C   O    doub N N 255 
PRO C   OXT  sing N N 256 
PRO CB  CG   sing N N 257 
PRO CB  HB2  sing N N 258 
PRO CB  HB3  sing N N 259 
PRO CG  CD   sing N N 260 
PRO CG  HG2  sing N N 261 
PRO CG  HG3  sing N N 262 
PRO CD  HD2  sing N N 263 
PRO CD  HD3  sing N N 264 
PRO OXT HXT  sing N N 265 
SER N   CA   sing N N 266 
SER N   H    sing N N 267 
SER N   H2   sing N N 268 
SER CA  C    sing N N 269 
SER CA  CB   sing N N 270 
SER CA  HA   sing N N 271 
SER C   O    doub N N 272 
SER C   OXT  sing N N 273 
SER CB  OG   sing N N 274 
SER CB  HB2  sing N N 275 
SER CB  HB3  sing N N 276 
SER OG  HG   sing N N 277 
SER OXT HXT  sing N N 278 
THR N   CA   sing N N 279 
THR N   H    sing N N 280 
THR N   H2   sing N N 281 
THR CA  C    sing N N 282 
THR CA  CB   sing N N 283 
THR CA  HA   sing N N 284 
THR C   O    doub N N 285 
THR C   OXT  sing N N 286 
THR CB  OG1  sing N N 287 
THR CB  CG2  sing N N 288 
THR CB  HB   sing N N 289 
THR OG1 HG1  sing N N 290 
THR CG2 HG21 sing N N 291 
THR CG2 HG22 sing N N 292 
THR CG2 HG23 sing N N 293 
THR OXT HXT  sing N N 294 
TYR N   CA   sing N N 295 
TYR N   H    sing N N 296 
TYR N   H2   sing N N 297 
TYR CA  C    sing N N 298 
TYR CA  CB   sing N N 299 
TYR CA  HA   sing N N 300 
TYR C   O    doub N N 301 
TYR C   OXT  sing N N 302 
TYR CB  CG   sing N N 303 
TYR CB  HB2  sing N N 304 
TYR CB  HB3  sing N N 305 
TYR CG  CD1  doub Y N 306 
TYR CG  CD2  sing Y N 307 
TYR CD1 CE1  sing Y N 308 
TYR CD1 HD1  sing N N 309 
TYR CD2 CE2  doub Y N 310 
TYR CD2 HD2  sing N N 311 
TYR CE1 CZ   doub Y N 312 
TYR CE1 HE1  sing N N 313 
TYR CE2 CZ   sing Y N 314 
TYR CE2 HE2  sing N N 315 
TYR CZ  OH   sing N N 316 
TYR OH  HH   sing N N 317 
TYR OXT HXT  sing N N 318 
VAL N   CA   sing N N 319 
VAL N   H    sing N N 320 
VAL N   H2   sing N N 321 
VAL CA  C    sing N N 322 
VAL CA  CB   sing N N 323 
VAL CA  HA   sing N N 324 
VAL C   O    doub N N 325 
VAL C   OXT  sing N N 326 
VAL CB  CG1  sing N N 327 
VAL CB  CG2  sing N N 328 
VAL CB  HB   sing N N 329 
VAL CG1 HG11 sing N N 330 
VAL CG1 HG12 sing N N 331 
VAL CG1 HG13 sing N N 332 
VAL CG2 HG21 sing N N 333 
VAL CG2 HG22 sing N N 334 
VAL CG2 HG23 sing N N 335 
VAL OXT HXT  sing N N 336 
# 
_atom_sites.entry_id                    2O60 
_atom_sites.fract_transf_matrix[1][1]   0.01319633 
_atom_sites.fract_transf_matrix[1][2]   -0.00639009 
_atom_sites.fract_transf_matrix[1][3]   0.00277167 
_atom_sites.fract_transf_matrix[2][1]   0.00839344 
_atom_sites.fract_transf_matrix[2][2]   0.02432646 
_atom_sites.fract_transf_matrix[2][3]   0.01612229 
_atom_sites.fract_transf_matrix[3][1]   -0.00440417 
_atom_sites.fract_transf_matrix[3][2]   -0.00599855 
_atom_sites.fract_transf_matrix[3][3]   0.01134390 
_atom_sites.fract_transf_vector[1]      0.411987 
_atom_sites.fract_transf_vector[2]      0.703865 
_atom_sites.fract_transf_vector[3]      0.213712 
# 
loop_
_atom_type.symbol 
C  
CA 
N  
O  
S  
# 
loop_
_atom_site.group_PDB 
_atom_site.id 
_atom_site.type_symbol 
_atom_site.label_atom_id 
_atom_site.label_alt_id 
_atom_site.label_comp_id 
_atom_site.label_asym_id 
_atom_site.label_entity_id 
_atom_site.label_seq_id 
_atom_site.pdbx_PDB_ins_code 
_atom_site.Cartn_x 
_atom_site.Cartn_y 
_atom_site.Cartn_z 
_atom_site.occupancy 
_atom_site.B_iso_or_equiv 
_atom_site.pdbx_formal_charge 
_atom_site.auth_seq_id 
_atom_site.auth_comp_id 
_atom_site.auth_asym_id 
_atom_site.auth_atom_id 
_atom_site.pdbx_PDB_model_num 
ATOM   1    N  N   . ALA A 1 1   ? 18.593  15.795  -9.027  1.00 40.83 ? 1   ALA A N   1 
ATOM   2    C  CA  . ALA A 1 1   ? 17.909  14.481  -8.854  1.00 41.48 ? 1   ALA A CA  1 
ATOM   3    C  C   . ALA A 1 1   ? 18.222  13.510  -10.000 1.00 41.22 ? 1   ALA A C   1 
ATOM   4    O  O   . ALA A 1 1   ? 17.713  12.384  -10.011 1.00 42.27 ? 1   ALA A O   1 
ATOM   5    C  CB  . ALA A 1 1   ? 16.421  14.695  -8.729  1.00 41.19 ? 1   ALA A CB  1 
ATOM   6    N  N   . ASP A 1 2   ? 19.097  13.940  -10.922 1.00 41.36 ? 2   ASP A N   1 
ATOM   7    C  CA  . ASP A 1 2   ? 19.386  13.234  -12.182 1.00 40.56 ? 2   ASP A CA  1 
ATOM   8    C  C   . ASP A 1 2   ? 19.100  11.755  -12.098 1.00 39.60 ? 2   ASP A C   1 
ATOM   9    O  O   . ASP A 1 2   ? 18.293  11.236  -12.862 1.00 40.02 ? 2   ASP A O   1 
ATOM   10   C  CB  . ASP A 1 2   ? 20.847  13.427  -12.591 1.00 40.71 ? 2   ASP A CB  1 
ATOM   11   C  CG  . ASP A 1 2   ? 21.082  14.697  -13.391 1.00 41.70 ? 2   ASP A CG  1 
ATOM   12   O  OD1 . ASP A 1 2   ? 20.106  15.381  -13.800 1.00 44.21 ? 2   ASP A OD1 1 
ATOM   13   O  OD2 . ASP A 1 2   ? 22.269  15.005  -13.629 1.00 44.02 ? 2   ASP A OD2 1 
ATOM   14   N  N   . GLN A 1 3   ? 19.766  11.085  -11.162 1.00 38.45 ? 3   GLN A N   1 
ATOM   15   C  CA  . GLN A 1 3   ? 19.528  9.669   -10.915 1.00 37.85 ? 3   GLN A CA  1 
ATOM   16   C  C   . GLN A 1 3   ? 18.850  9.438   -9.569  1.00 37.31 ? 3   GLN A C   1 
ATOM   17   O  O   . GLN A 1 3   ? 18.928  10.261  -8.668  1.00 39.66 ? 3   GLN A O   1 
ATOM   18   C  CB  . GLN A 1 3   ? 20.858  8.903   -11.011 1.00 37.35 ? 3   GLN A CB  1 
ATOM   19   C  CG  . GLN A 1 3   ? 21.560  9.106   -12.370 1.00 37.58 ? 3   GLN A CG  1 
ATOM   20   C  CD  . GLN A 1 3   ? 20.717  8.675   -13.550 1.00 40.40 ? 3   GLN A CD  1 
ATOM   21   O  OE1 . GLN A 1 3   ? 19.828  7.852   -13.401 1.00 44.51 ? 3   GLN A OE1 1 
ATOM   22   N  NE2 . GLN A 1 3   ? 21.001  9.217   -14.731 1.00 42.98 ? 3   GLN A NE2 1 
ATOM   23   N  N   . LEU A 1 4   ? 18.151  8.326   -9.449  1.00 36.58 ? 4   LEU A N   1 
ATOM   24   C  CA  . LEU A 1 4   ? 17.551  7.928   -8.199  1.00 35.10 ? 4   LEU A CA  1 
ATOM   25   C  C   . LEU A 1 4   ? 18.640  7.271   -7.360  1.00 33.17 ? 4   LEU A C   1 
ATOM   26   O  O   . LEU A 1 4   ? 19.648  6.813   -7.917  1.00 34.42 ? 4   LEU A O   1 
ATOM   27   C  CB  . LEU A 1 4   ? 16.388  6.956   -8.463  1.00 35.30 ? 4   LEU A CB  1 
ATOM   28   C  CG  . LEU A 1 4   ? 15.193  7.516   -9.265  1.00 35.06 ? 4   LEU A CG  1 
ATOM   29   C  CD1 . LEU A 1 4   ? 14.023  6.498   -9.406  1.00 37.57 ? 4   LEU A CD1 1 
ATOM   30   C  CD2 . LEU A 1 4   ? 14.640  8.783   -8.663  1.00 35.59 ? 4   LEU A CD2 1 
ATOM   31   N  N   . THR A 1 5   ? 18.423  7.165   -6.055  1.00 31.06 ? 5   THR A N   1 
ATOM   32   C  CA  . THR A 1 5   ? 19.210  6.224   -5.264  1.00 32.74 ? 5   THR A CA  1 
ATOM   33   C  C   . THR A 1 5   ? 18.665  4.808   -5.408  1.00 32.16 ? 5   THR A C   1 
ATOM   34   O  O   . THR A 1 5   ? 17.512  4.600   -5.799  1.00 32.09 ? 5   THR A O   1 
ATOM   35   C  CB  . THR A 1 5   ? 19.165  6.560   -3.790  1.00 32.94 ? 5   THR A CB  1 
ATOM   36   O  OG1 . THR A 1 5   ? 17.837  6.334   -3.281  1.00 33.52 ? 5   THR A OG1 1 
ATOM   37   C  CG2 . THR A 1 5   ? 19.606  8.029   -3.541  1.00 32.47 ? 5   THR A CG2 1 
ATOM   38   N  N   . GLU A 1 6   ? 19.492  3.809   -5.109  1.00 32.09 ? 6   GLU A N   1 
ATOM   39   C  CA  . GLU A 1 6   ? 19.040  2.444   -5.110  1.00 33.10 ? 6   GLU A CA  1 
ATOM   40   C  C   . GLU A 1 6   ? 17.970  2.197   -4.061  1.00 31.81 ? 6   GLU A C   1 
ATOM   41   O  O   . GLU A 1 6   ? 17.060  1.402   -4.307  1.00 33.44 ? 6   GLU A O   1 
ATOM   42   C  CB  . GLU A 1 6   ? 20.206  1.464   -4.947  1.00 35.42 ? 6   GLU A CB  1 
ATOM   43   C  CG  . GLU A 1 6   ? 21.176  1.693   -6.106  1.00 36.01 ? 6   GLU A CG  1 
ATOM   44   C  CD  . GLU A 1 6   ? 21.785  0.521   -6.808  1.00 35.53 ? 6   GLU A CD  1 
ATOM   45   O  OE1 . GLU A 1 6   ? 22.716  0.806   -7.517  1.00 31.14 ? 6   GLU A OE1 1 
ATOM   46   O  OE2 . GLU A 1 6   ? 21.408  -0.700  -6.747  1.00 39.68 ? 6   GLU A OE2 1 
ATOM   47   N  N   . GLU A 1 7   ? 18.049  2.882   -2.938  0.50 28.23 ? 7   GLU A N   1 
ATOM   48   C  CA  . GLU A 1 7   ? 17.001  2.739   -1.929  0.50 28.98 ? 7   GLU A CA  1 
ATOM   49   C  C   . GLU A 1 7   ? 15.677  3.242   -2.488  0.50 29.01 ? 7   GLU A C   1 
ATOM   50   O  O   . GLU A 1 7   ? 14.655  2.610   -2.257  0.50 27.12 ? 7   GLU A O   1 
ATOM   51   C  CB  A GLU A 1 7   ? 17.305  3.381   -0.606  0.60 31.87 ? 7   GLU A CB  1 
ATOM   52   C  CB  B GLU A 1 7   ? 17.438  3.578   -0.713  0.40 30.37 ? 7   GLU A CB  1 
ATOM   53   C  CG  A GLU A 1 7   ? 16.160  3.194   0.415   0.60 33.70 ? 7   GLU A CG  1 
ATOM   54   C  CG  B GLU A 1 7   ? 16.327  4.242   0.096   0.40 30.85 ? 7   GLU A CG  1 
ATOM   55   C  CD  A GLU A 1 7   ? 15.878  1.750   0.964   0.60 38.47 ? 7   GLU A CD  1 
ATOM   56   C  CD  B GLU A 1 7   ? 16.823  4.914   1.419   0.40 28.76 ? 7   GLU A CD  1 
ATOM   57   O  OE1 A GLU A 1 7   ? 14.865  1.615   1.706   0.60 38.00 ? 7   GLU A OE1 1 
ATOM   58   O  OE1 B GLU A 1 7   ? 18.056  5.165   1.647   0.40 23.05 ? 7   GLU A OE1 1 
ATOM   59   O  OE2 A GLU A 1 7   ? 16.600  0.766   0.693   0.60 35.71 ? 7   GLU A OE2 1 
ATOM   60   O  OE2 B GLU A 1 7   ? 15.991  5.219   2.327   0.40 31.92 ? 7   GLU A OE2 1 
ATOM   61   N  N   . GLN A 1 8   ? 15.696  4.346   -3.215  1.00 31.34 ? 8   GLN A N   1 
ATOM   62   C  CA  . GLN A 1 8   ? 14.454  4.871   -3.848  1.00 32.08 ? 8   GLN A CA  1 
ATOM   63   C  C   . GLN A 1 8   ? 13.925  3.862   -4.839  1.00 33.56 ? 8   GLN A C   1 
ATOM   64   O  O   . GLN A 1 8   ? 12.717  3.588   -4.905  1.00 32.25 ? 8   GLN A O   1 
ATOM   65   C  CB  . GLN A 1 8   ? 14.692  6.215   -4.563  1.00 33.35 ? 8   GLN A CB  1 
ATOM   66   C  CG  . GLN A 1 8   ? 14.850  7.369   -3.633  1.00 35.88 ? 8   GLN A CG  1 
ATOM   67   C  CD  . GLN A 1 8   ? 15.824  8.474   -4.071  1.00 41.56 ? 8   GLN A CD  1 
ATOM   68   O  OE1 . GLN A 1 8   ? 16.050  8.735   -5.253  1.00 36.98 ? 8   GLN A OE1 1 
ATOM   69   N  NE2 . GLN A 1 8   ? 16.369  9.184   -3.067  1.00 49.84 ? 8   GLN A NE2 1 
ATOM   70   N  N   . ILE A 1 9   ? 14.767  3.339   -5.704  1.00 32.33 ? 9   ILE A N   1 
ATOM   71   C  CA  . ILE A 1 9   ? 14.328  2.405   -6.728  1.00 32.41 ? 9   ILE A CA  1 
ATOM   72   C  C   . ILE A 1 9   ? 13.754  1.190   -6.068  1.00 32.55 ? 9   ILE A C   1 
ATOM   73   O  O   . ILE A 1 9   ? 12.710  0.679   -6.484  1.00 34.07 ? 9   ILE A O   1 
ATOM   74   C  CB  . ILE A 1 9   ? 15.532  2.018   -7.629  1.00 31.34 ? 9   ILE A CB  1 
ATOM   75   C  CG1 . ILE A 1 9   ? 15.982  3.234   -8.426  1.00 33.49 ? 9   ILE A CG1 1 
ATOM   76   C  CG2 . ILE A 1 9   ? 15.186  0.866   -8.502  1.00 32.66 ? 9   ILE A CG2 1 
ATOM   77   C  CD1 . ILE A 1 9   ? 17.421  3.132   -9.008  1.00 32.40 ? 9   ILE A CD1 1 
ATOM   78   N  N   . ALA A 1 10  ? 14.370  0.688   -5.030  1.00 33.86 ? 10  ALA A N   1 
ATOM   79   C  CA  . ALA A 1 10  ? 13.868  -0.485  -4.283  1.00 33.66 ? 10  ALA A CA  1 
ATOM   80   C  C   . ALA A 1 10  ? 12.467  -0.231  -3.695  1.00 34.33 ? 10  ALA A C   1 
ATOM   81   O  O   . ALA A 1 10  ? 11.638  -1.126  -3.705  1.00 35.05 ? 10  ALA A O   1 
ATOM   82   C  CB  . ALA A 1 10  ? 14.857  -0.880  -3.194  1.00 35.27 ? 10  ALA A CB  1 
ATOM   83   N  N   . GLU A 1 11  ? 12.250  0.962   -3.141  1.00 33.57 ? 11  GLU A N   1 
ATOM   84   C  CA  . GLU A 1 11  ? 10.929  1.323   -2.617  1.00 33.27 ? 11  GLU A CA  1 
ATOM   85   C  C   . GLU A 1 11  ? 9.918   1.262   -3.729  1.00 32.78 ? 11  GLU A C   1 
ATOM   86   O  O   . GLU A 1 11  ? 8.777   0.746   -3.544  1.00 32.31 ? 11  GLU A O   1 
ATOM   87   C  CB  . GLU A 1 11  ? 10.952  2.726   -2.051  1.00 34.18 ? 11  GLU A CB  1 
ATOM   88   C  CG  . GLU A 1 11  ? 11.651  2.752   -0.723  1.00 37.96 ? 11  GLU A CG  1 
ATOM   89   C  CD  . GLU A 1 11  ? 11.823  4.130   -0.151  1.00 43.71 ? 11  GLU A CD  1 
ATOM   90   O  OE1 . GLU A 1 11  ? 12.010  5.119   -0.904  1.00 46.97 ? 11  GLU A OE1 1 
ATOM   91   O  OE2 . GLU A 1 11  ? 11.813  4.208   1.078   1.00 46.28 ? 11  GLU A OE2 1 
ATOM   92   N  N   . PHE A 1 12  ? 10.267  1.817   -4.888  1.00 31.78 ? 12  PHE A N   1 
ATOM   93   C  CA  . PHE A 1 12  ? 9.324   1.785   -6.009  1.00 31.39 ? 12  PHE A CA  1 
ATOM   94   C  C   . PHE A 1 12  ? 9.062   0.344   -6.438  1.00 30.56 ? 12  PHE A C   1 
ATOM   95   O  O   . PHE A 1 12  ? 7.919   -0.046  -6.781  1.00 31.17 ? 12  PHE A O   1 
ATOM   96   C  CB  . PHE A 1 12  ? 9.771   2.634   -7.229  1.00 32.66 ? 12  PHE A CB  1 
ATOM   97   C  CG  . PHE A 1 12  ? 9.823   4.120   -6.962  1.00 33.26 ? 12  PHE A CG  1 
ATOM   98   C  CD1 . PHE A 1 12  ? 8.819   4.758   -6.301  1.00 36.52 ? 12  PHE A CD1 1 
ATOM   99   C  CD2 . PHE A 1 12  ? 10.898  4.873   -7.424  1.00 38.38 ? 12  PHE A CD2 1 
ATOM   100  C  CE1 . PHE A 1 12  ? 8.842   6.155   -6.090  1.00 36.70 ? 12  PHE A CE1 1 
ATOM   101  C  CE2 . PHE A 1 12  ? 10.929  6.251   -7.187  1.00 34.67 ? 12  PHE A CE2 1 
ATOM   102  C  CZ  . PHE A 1 12  ? 9.918   6.862   -6.532  1.00 35.31 ? 12  PHE A CZ  1 
ATOM   103  N  N   . LYS A 1 13  ? 10.102  -0.480  -6.484  0.50 25.73 ? 13  LYS A N   1 
ATOM   104  C  CA  . LYS A 1 13  ? 9.934   -1.916  -6.814  0.50 26.21 ? 13  LYS A CA  1 
ATOM   105  C  C   . LYS A 1 13  ? 9.013   -2.658  -5.860  0.50 27.70 ? 13  LYS A C   1 
ATOM   106  O  O   . LYS A 1 13  ? 8.213   -3.522  -6.278  0.50 25.95 ? 13  LYS A O   1 
ATOM   107  C  CB  . LYS A 1 13  ? 11.310  -2.574  -6.793  0.50 27.80 ? 13  LYS A CB  1 
ATOM   108  C  CG  . LYS A 1 13  ? 12.067  -2.291  -8.021  0.50 29.11 ? 13  LYS A CG  1 
ATOM   109  C  CD  A LYS A 1 13  ? 13.416  -3.043  -8.060  0.60 35.18 ? 13  LYS A CD  1 
ATOM   110  C  CD  B LYS A 1 13  ? 13.334  -3.055  -8.017  0.40 34.93 ? 13  LYS A CD  1 
ATOM   111  C  CE  A LYS A 1 13  ? 13.306  -4.482  -8.557  0.60 32.29 ? 13  LYS A CE  1 
ATOM   112  C  CE  B LYS A 1 13  ? 13.095  -4.463  -7.571  0.40 34.22 ? 13  LYS A CE  1 
ATOM   113  N  NZ  A LYS A 1 13  ? 14.511  -5.092  -9.252  0.60 31.00 ? 13  LYS A NZ  1 
ATOM   114  N  NZ  B LYS A 1 13  ? 14.279  -4.957  -6.875  0.40 37.12 ? 13  LYS A NZ  1 
ATOM   115  N  N   . GLU A 1 14  ? 9.163   -2.370  -4.565  1.00 31.32 ? 14  GLU A N   1 
ATOM   116  C  CA  . GLU A 1 14  ? 8.334   -2.910  -3.511  1.00 32.18 ? 14  GLU A CA  1 
ATOM   117  C  C   . GLU A 1 14  ? 6.863   -2.633  -3.829  1.00 31.57 ? 14  GLU A C   1 
ATOM   118  O  O   . GLU A 1 14  ? 5.990   -3.479  -3.753  1.00 30.93 ? 14  GLU A O   1 
ATOM   119  C  CB  . GLU A 1 14  ? 8.694   -2.275  -2.129  1.00 34.63 ? 14  GLU A CB  1 
ATOM   120  C  CG  . GLU A 1 14  ? 9.395   -3.155  -1.150  1.00 36.57 ? 14  GLU A CG  1 
ATOM   121  C  CD  . GLU A 1 14  ? 9.493   -2.583  0.301   1.00 33.12 ? 14  GLU A CD  1 
ATOM   122  O  OE1 . GLU A 1 14  ? 10.630  -2.577  0.796   1.00 37.76 ? 14  GLU A OE1 1 
ATOM   123  O  OE2 . GLU A 1 14  ? 8.472   -2.252  0.986   1.00 31.60 ? 14  GLU A OE2 1 
ATOM   124  N  N   . ALA A 1 15  ? 6.608   -1.362  -4.117  1.00 32.93 ? 15  ALA A N   1 
ATOM   125  C  CA  . ALA A 1 15  ? 5.259   -0.899  -4.383  1.00 32.16 ? 15  ALA A CA  1 
ATOM   126  C  C   . ALA A 1 15  ? 4.663   -1.577  -5.598  1.00 33.39 ? 15  ALA A C   1 
ATOM   127  O  O   . ALA A 1 15  ? 3.479   -1.999  -5.632  1.00 33.45 ? 15  ALA A O   1 
ATOM   128  C  CB  . ALA A 1 15  ? 5.285   0.607   -4.578  1.00 32.70 ? 15  ALA A CB  1 
ATOM   129  N  N   . PHE A 1 16  ? 5.442   -1.612  -6.662  1.00 31.62 ? 16  PHE A N   1 
ATOM   130  C  CA  . PHE A 1 16  ? 4.959   -2.195  -7.910  1.00 31.70 ? 16  PHE A CA  1 
ATOM   131  C  C   . PHE A 1 16  ? 4.747   -3.696  -7.729  1.00 32.81 ? 16  PHE A C   1 
ATOM   132  O  O   . PHE A 1 16  ? 3.764   -4.256  -8.213  1.00 32.39 ? 16  PHE A O   1 
ATOM   133  C  CB  . PHE A 1 16  ? 6.017   -2.005  -9.006  1.00 32.22 ? 16  PHE A CB  1 
ATOM   134  C  CG  . PHE A 1 16  ? 5.594   -2.516  -10.344 1.00 30.90 ? 16  PHE A CG  1 
ATOM   135  C  CD1 . PHE A 1 16  ? 4.774   -1.783  -11.143 1.00 32.36 ? 16  PHE A CD1 1 
ATOM   136  C  CD2 . PHE A 1 16  ? 6.013   -3.737  -10.815 1.00 33.69 ? 16  PHE A CD2 1 
ATOM   137  C  CE1 . PHE A 1 16  ? 4.339   -2.248  -12.394 1.00 32.74 ? 16  PHE A CE1 1 
ATOM   138  C  CE2 . PHE A 1 16  ? 5.612   -4.183  -12.091 1.00 33.07 ? 16  PHE A CE2 1 
ATOM   139  C  CZ  . PHE A 1 16  ? 4.764   -3.454  -12.823 1.00 32.84 ? 16  PHE A CZ  1 
ATOM   140  N  N   . SER A 1 17  ? 5.674   -4.378  -7.087  1.00 32.64 ? 17  SER A N   1 
ATOM   141  C  CA  . SER A 1 17  ? 5.536   -5.846  -6.897  1.00 33.09 ? 17  SER A CA  1 
ATOM   142  C  C   . SER A 1 17  ? 4.328   -6.240  -6.078  1.00 32.31 ? 17  SER A C   1 
ATOM   143  O  O   . SER A 1 17  ? 3.776   -7.325  -6.225  1.00 34.02 ? 17  SER A O   1 
ATOM   144  C  CB  . SER A 1 17  ? 6.773   -6.416  -6.236  1.00 34.88 ? 17  SER A CB  1 
ATOM   145  O  OG  . SER A 1 17  ? 7.873   -6.314  -7.132  1.00 40.38 ? 17  SER A OG  1 
ATOM   146  N  N   . LEU A 1 18  ? 3.943   -5.382  -5.147  1.00 33.04 ? 18  LEU A N   1 
ATOM   147  C  CA  . LEU A 1 18  ? 2.717   -5.635  -4.364  1.00 32.61 ? 18  LEU A CA  1 
ATOM   148  C  C   . LEU A 1 18  ? 1.514   -5.793  -5.282  1.00 32.65 ? 18  LEU A C   1 
ATOM   149  O  O   . LEU A 1 18  ? 0.679   -6.667  -5.044  1.00 33.95 ? 18  LEU A O   1 
ATOM   150  C  CB  . LEU A 1 18  ? 2.469   -4.477  -3.405  1.00 33.98 ? 18  LEU A CB  1 
ATOM   151  C  CG  . LEU A 1 18  ? 1.176   -4.578  -2.555  1.00 34.91 ? 18  LEU A CG  1 
ATOM   152  C  CD1 . LEU A 1 18  ? 1.264   -5.691  -1.512  1.00 37.60 ? 18  LEU A CD1 1 
ATOM   153  C  CD2 . LEU A 1 18  ? 0.833   -3.221  -1.883  1.00 35.49 ? 18  LEU A CD2 1 
ATOM   154  N  N   . PHE A 1 19  ? 1.466   -4.975  -6.332  1.00 31.59 ? 19  PHE A N   1 
ATOM   155  C  CA  . PHE A 1 19  ? 0.319   -5.032  -7.239  1.00 32.46 ? 19  PHE A CA  1 
ATOM   156  C  C   . PHE A 1 19  ? 0.552   -6.058  -8.314  1.00 34.02 ? 19  PHE A C   1 
ATOM   157  O  O   . PHE A 1 19  ? -0.419  -6.617  -8.821  1.00 34.25 ? 19  PHE A O   1 
ATOM   158  C  CB  . PHE A 1 19  ? 0.042   -3.665  -7.808  1.00 33.20 ? 19  PHE A CB  1 
ATOM   159  C  CG  . PHE A 1 19  ? -0.612  -2.752  -6.822  1.00 32.74 ? 19  PHE A CG  1 
ATOM   160  C  CD1 . PHE A 1 19  ? -1.995  -2.757  -6.672  1.00 34.12 ? 19  PHE A CD1 1 
ATOM   161  C  CD2 . PHE A 1 19  ? 0.103   -1.904  -6.037  1.00 33.15 ? 19  PHE A CD2 1 
ATOM   162  C  CE1 . PHE A 1 19  ? -2.602  -1.946  -5.748  1.00 36.22 ? 19  PHE A CE1 1 
ATOM   163  C  CE2 . PHE A 1 19  ? -0.496  -1.098  -5.098  1.00 36.53 ? 19  PHE A CE2 1 
ATOM   164  C  CZ  . PHE A 1 19  ? -1.867  -1.109  -4.950  1.00 34.92 ? 19  PHE A CZ  1 
ATOM   165  N  N   . ASP A 1 20  ? 1.784   -6.205  -8.785  1.00 34.24 ? 20  ASP A N   1 
ATOM   166  C  CA  . ASP A 1 20  ? 2.070   -7.172  -9.855  1.00 33.76 ? 20  ASP A CA  1 
ATOM   167  C  C   . ASP A 1 20  ? 2.202   -8.555  -9.261  1.00 35.01 ? 20  ASP A C   1 
ATOM   168  O  O   . ASP A 1 20  ? 3.299   -9.103  -9.155  1.00 34.01 ? 20  ASP A O   1 
ATOM   169  C  CB  . ASP A 1 20  ? 3.354   -6.782  -10.625 1.00 34.31 ? 20  ASP A CB  1 
ATOM   170  C  CG  . ASP A 1 20  ? 3.698   -7.757  -11.715 1.00 35.20 ? 20  ASP A CG  1 
ATOM   171  O  OD1 . ASP A 1 20  ? 2.794   -8.530  -12.178 1.00 35.56 ? 20  ASP A OD1 1 
ATOM   172  O  OD2 . ASP A 1 20  ? 4.884   -7.735  -12.096 1.00 34.10 ? 20  ASP A OD2 1 
ATOM   173  N  N   . LYS A 1 21  ? 1.070   -9.105  -8.822  1.00 34.76 ? 21  LYS A N   1 
ATOM   174  C  CA  . LYS A 1 21  ? 1.032   -10.378 -8.080  1.00 36.84 ? 21  LYS A CA  1 
ATOM   175  C  C   . LYS A 1 21  ? 1.729   -11.575 -8.730  1.00 35.77 ? 21  LYS A C   1 
ATOM   176  O  O   . LYS A 1 21  ? 2.318   -12.380 -8.017  1.00 38.34 ? 21  LYS A O   1 
ATOM   177  C  CB  . LYS A 1 21  ? -0.406  -10.766 -7.754  1.00 37.36 ? 21  LYS A CB  1 
ATOM   178  C  CG  . LYS A 1 21  ? -1.135  -9.777  -6.865  1.00 40.94 ? 21  LYS A CG  1 
ATOM   179  C  CD  . LYS A 1 21  ? -2.362  -10.405 -6.221  1.00 45.42 ? 21  LYS A CD  1 
ATOM   180  C  CE  . LYS A 1 21  ? -2.015  -11.313 -5.039  1.00 48.25 ? 21  LYS A CE  1 
ATOM   181  N  NZ  . LYS A 1 21  ? -1.762  -10.554 -3.765  1.00 50.22 ? 21  LYS A NZ  1 
ATOM   182  N  N   . ASP A 1 22  ? 1.651   -11.713 -10.058 1.00 35.34 ? 22  ASP A N   1 
ATOM   183  C  CA  . ASP A 1 22  ? 2.339   -12.824 -10.727 1.00 34.65 ? 22  ASP A CA  1 
ATOM   184  C  C   . ASP A 1 22  ? 3.750   -12.521 -11.199 1.00 34.95 ? 22  ASP A C   1 
ATOM   185  O  O   . ASP A 1 22  ? 4.410   -13.384 -11.776 1.00 36.32 ? 22  ASP A O   1 
ATOM   186  C  CB  . ASP A 1 22  ? 1.488   -13.425 -11.854 1.00 34.39 ? 22  ASP A CB  1 
ATOM   187  C  CG  . ASP A 1 22  ? 1.290   -12.485 -13.033 1.00 34.04 ? 22  ASP A CG  1 
ATOM   188  O  OD1 . ASP A 1 22  ? 1.915   -11.423 -13.090 1.00 32.77 ? 22  ASP A OD1 1 
ATOM   189  O  OD2 . ASP A 1 22  ? 0.495   -12.889 -13.943 1.00 39.70 ? 22  ASP A OD2 1 
ATOM   190  N  N   . GLY A 1 23  ? 4.236   -11.313 -10.941 1.00 34.85 ? 23  GLY A N   1 
ATOM   191  C  CA  . GLY A 1 23  ? 5.632   -10.952 -11.250 1.00 33.71 ? 23  GLY A CA  1 
ATOM   192  C  C   . GLY A 1 23  ? 5.934   -10.852 -12.747 1.00 34.57 ? 23  GLY A C   1 
ATOM   193  O  O   . GLY A 1 23  ? 7.094   -10.933 -13.149 1.00 35.62 ? 23  GLY A O   1 
ATOM   194  N  N   . ASP A 1 24  ? 4.929   -10.717 -13.607 1.00 33.07 ? 24  ASP A N   1 
ATOM   195  C  CA  . ASP A 1 24  ? 5.221   -10.672 -15.044 1.00 34.22 ? 24  ASP A CA  1 
ATOM   196  C  C   . ASP A 1 24  ? 5.577   -9.334  -15.613 1.00 35.18 ? 24  ASP A C   1 
ATOM   197  O  O   . ASP A 1 24  ? 5.824   -9.199  -16.817 1.00 36.75 ? 24  ASP A O   1 
ATOM   198  C  CB  . ASP A 1 24  ? 4.130   -11.350 -15.876 1.00 34.32 ? 24  ASP A CB  1 
ATOM   199  C  CG  . ASP A 1 24  ? 2.905   -10.507 -16.061 1.00 37.26 ? 24  ASP A CG  1 
ATOM   200  O  OD1 . ASP A 1 24  ? 2.681   -9.537  -15.295 1.00 34.36 ? 24  ASP A OD1 1 
ATOM   201  O  OD2 . ASP A 1 24  ? 2.133   -10.785 -17.005 1.00 39.13 ? 24  ASP A OD2 1 
ATOM   202  N  N   . GLY A 1 25  ? 5.567   -8.325  -14.768 1.00 34.90 ? 25  GLY A N   1 
ATOM   203  C  CA  . GLY A 1 25  ? 5.980   -6.995  -15.178 1.00 35.22 ? 25  GLY A CA  1 
ATOM   204  C  C   . GLY A 1 25  ? 4.854   -6.073  -15.562 1.00 35.99 ? 25  GLY A C   1 
ATOM   205  O  O   . GLY A 1 25  ? 5.084   -4.907  -15.882 1.00 35.74 ? 25  GLY A O   1 
ATOM   206  N  N   . THR A 1 26  ? 3.624   -6.590  -15.545 1.00 35.11 ? 26  THR A N   1 
ATOM   207  C  CA  . THR A 1 26  ? 2.496   -5.755  -15.879 1.00 36.62 ? 26  THR A CA  1 
ATOM   208  C  C   . THR A 1 26  ? 1.405   -5.977  -14.886 1.00 36.10 ? 26  THR A C   1 
ATOM   209  O  O   . THR A 1 26  ? 1.196   -7.090  -14.441 1.00 36.45 ? 26  THR A O   1 
ATOM   210  C  CB  . THR A 1 26  ? 2.001   -5.988  -17.277 1.00 39.08 ? 26  THR A CB  1 
ATOM   211  O  OG1 . THR A 1 26  ? 1.276   -7.200  -17.340 1.00 44.14 ? 26  THR A OG1 1 
ATOM   212  C  CG2 . THR A 1 26  ? 3.162   -6.028  -18.253 1.00 43.47 ? 26  THR A CG2 1 
ATOM   213  N  N   . ILE A 1 27  ? 0.696   -4.939  -14.541 1.00 33.69 ? 27  ILE A N   1 
ATOM   214  C  CA  . ILE A 1 27  ? -0.449  -5.009  -13.615 1.00 33.23 ? 27  ILE A CA  1 
ATOM   215  C  C   . ILE A 1 27  ? -1.759  -5.000  -14.405 1.00 34.02 ? 27  ILE A C   1 
ATOM   216  O  O   . ILE A 1 27  ? -2.029  -4.111  -15.196 1.00 34.61 ? 27  ILE A O   1 
ATOM   217  C  CB  . ILE A 1 27  ? -0.461  -3.826  -12.615 1.00 31.92 ? 27  ILE A CB  1 
ATOM   218  C  CG1 . ILE A 1 27  ? 0.786   -3.846  -11.825 1.00 33.01 ? 27  ILE A CG1 1 
ATOM   219  C  CG2 . ILE A 1 27  ? -1.660  -3.882  -11.697 1.00 34.77 ? 27  ILE A CG2 1 
ATOM   220  C  CD1 . ILE A 1 27  ? 1.007   -2.514  -11.084 1.00 35.90 ? 27  ILE A CD1 1 
ATOM   221  N  N   . THR A 1 28  ? -2.560  -6.020  -14.200 1.00 33.69 ? 28  THR A N   1 
ATOM   222  C  CA  . THR A 1 28  ? -3.866  -6.137  -14.862 1.00 34.00 ? 28  THR A CA  1 
ATOM   223  C  C   . THR A 1 28  ? -4.995  -5.628  -13.952 1.00 33.90 ? 28  THR A C   1 
ATOM   224  O  O   . THR A 1 28  ? -4.763  -5.418  -12.746 1.00 33.68 ? 28  THR A O   1 
ATOM   225  C  CB  . THR A 1 28  ? -4.122  -7.623  -15.184 1.00 34.31 ? 28  THR A CB  1 
ATOM   226  O  OG1 . THR A 1 28  ? -4.188  -8.381  -13.963 1.00 34.18 ? 28  THR A OG1 1 
ATOM   227  C  CG2 . THR A 1 28  ? -3.022  -8.253  -16.061 1.00 33.83 ? 28  THR A CG2 1 
ATOM   228  N  N   . THR A 1 29  ? -6.222  -5.520  -14.489 1.00 33.83 ? 29  THR A N   1 
ATOM   229  C  CA  . THR A 1 29  ? -7.349  -5.186  -13.629 1.00 34.01 ? 29  THR A CA  1 
ATOM   230  C  C   . THR A 1 29  ? -7.583  -6.238  -12.577 1.00 33.89 ? 29  THR A C   1 
ATOM   231  O  O   . THR A 1 29  ? -7.999  -5.917  -11.449 1.00 36.76 ? 29  THR A O   1 
ATOM   232  C  CB  . THR A 1 29  ? -8.654  -4.927  -14.464 1.00 33.63 ? 29  THR A CB  1 
ATOM   233  O  OG1 . THR A 1 29  ? -8.967  -6.107  -15.211 1.00 37.83 ? 29  THR A OG1 1 
ATOM   234  C  CG2 . THR A 1 29  ? -8.547  -3.763  -15.401 1.00 38.01 ? 29  THR A CG2 1 
ATOM   235  N  N   . LYS A 1 30  ? -7.334  -7.490  -12.907 1.00 34.40 ? 30  LYS A N   1 
ATOM   236  C  CA  . LYS A 1 30  ? -7.506  -8.590  -11.962 1.00 35.38 ? 30  LYS A CA  1 
ATOM   237  C  C   . LYS A 1 30  ? -6.592  -8.358  -10.773 1.00 34.20 ? 30  LYS A C   1 
ATOM   238  O  O   . LYS A 1 30  ? -6.990  -8.425  -9.622  1.00 34.61 ? 30  LYS A O   1 
ATOM   239  C  CB  . LYS A 1 30  ? -7.139  -9.921  -12.591 1.00 36.27 ? 30  LYS A CB  1 
ATOM   240  C  CG  . LYS A 1 30  ? -7.253  -11.125 -11.647 1.00 38.77 ? 30  LYS A CG  1 
ATOM   241  C  CD  . LYS A 1 30  ? -7.108  -12.489 -12.373 1.00 39.90 ? 30  LYS A CD  1 
ATOM   242  C  CE  . LYS A 1 30  ? -5.690  -12.727 -12.896 1.00 45.70 ? 30  LYS A CE  1 
ATOM   243  N  NZ  . LYS A 1 30  ? -5.347  -14.181 -12.868 1.00 49.40 ? 30  LYS A NZ  1 
ATOM   244  N  N   . GLU A 1 31  ? -5.320  -8.111  -11.061 1.00 32.59 ? 31  GLU A N   1 
ATOM   245  C  CA  . GLU A 1 31  ? -4.370  -7.883  -9.977  1.00 33.13 ? 31  GLU A CA  1 
ATOM   246  C  C   . GLU A 1 31  ? -4.643  -6.613  -9.159  1.00 32.54 ? 31  GLU A C   1 
ATOM   247  O  O   . GLU A 1 31  ? -4.602  -6.635  -7.918  1.00 33.51 ? 31  GLU A O   1 
ATOM   248  C  CB  . GLU A 1 31  ? -2.963  -7.801  -10.574 1.00 33.38 ? 31  GLU A CB  1 
ATOM   249  C  CG  . GLU A 1 31  ? -2.432  -9.153  -11.031 1.00 32.44 ? 31  GLU A CG  1 
ATOM   250  C  CD  . GLU A 1 31  ? -1.108  -9.101  -11.794 1.00 33.62 ? 31  GLU A CD  1 
ATOM   251  O  OE1 . GLU A 1 31  ? -0.873  -8.136  -12.515 1.00 34.41 ? 31  GLU A OE1 1 
ATOM   252  O  OE2 . GLU A 1 31  ? -0.366  -10.101 -11.730 1.00 34.95 ? 31  GLU A OE2 1 
ATOM   253  N  N   . LEU A 1 32  ? -4.931  -5.512  -9.853  1.00 32.41 ? 32  LEU A N   1 
ATOM   254  C  CA  . LEU A 1 32  ? -5.221  -4.263  -9.193  1.00 33.34 ? 32  LEU A CA  1 
ATOM   255  C  C   . LEU A 1 32  ? -6.405  -4.430  -8.241  1.00 33.12 ? 32  LEU A C   1 
ATOM   256  O  O   . LEU A 1 32  ? -6.400  -3.982  -7.083  1.00 33.01 ? 32  LEU A O   1 
ATOM   257  C  CB  . LEU A 1 32  ? -5.514  -3.204  -10.271 1.00 33.67 ? 32  LEU A CB  1 
ATOM   258  C  CG  . LEU A 1 32  ? -5.645  -1.782  -9.774  1.00 33.97 ? 32  LEU A CG  1 
ATOM   259  C  CD1 . LEU A 1 32  ? -4.422  -1.280  -8.953  1.00 35.94 ? 32  LEU A CD1 1 
ATOM   260  C  CD2 . LEU A 1 32  ? -5.957  -0.866  -11.003 1.00 35.78 ? 32  LEU A CD2 1 
ATOM   261  N  N   . GLY A 1 33  ? -7.447  -5.059  -8.767  1.00 34.02 ? 33  GLY A N   1 
ATOM   262  C  CA  . GLY A 1 33  ? -8.642  -5.272  -7.969  1.00 33.42 ? 33  GLY A CA  1 
ATOM   263  C  C   . GLY A 1 33  ? -8.381  -6.141  -6.763  1.00 32.83 ? 33  GLY A C   1 
ATOM   264  O  O   . GLY A 1 33  ? -8.878  -5.868  -5.695  1.00 34.35 ? 33  GLY A O   1 
ATOM   265  N  N   . THR A 1 34  ? -7.654  -7.236  -6.962  1.00 34.08 ? 34  THR A N   1 
ATOM   266  C  CA  . THR A 1 34  ? -7.389  -8.205  -5.875  1.00 34.14 ? 34  THR A CA  1 
ATOM   267  C  C   . THR A 1 34  ? -6.656  -7.518  -4.721  1.00 34.22 ? 34  THR A C   1 
ATOM   268  O  O   . THR A 1 34  ? -6.991  -7.672  -3.553  1.00 34.04 ? 34  THR A O   1 
ATOM   269  C  CB  . THR A 1 34  ? -6.578  -9.424  -6.432  1.00 35.07 ? 34  THR A CB  1 
ATOM   270  O  OG1 . THR A 1 34  ? -7.384  -10.113 -7.441  1.00 38.13 ? 34  THR A OG1 1 
ATOM   271  C  CG2 . THR A 1 34  ? -6.296  -10.416 -5.316  1.00 35.39 ? 34  THR A CG2 1 
ATOM   272  N  N   . VAL A 1 35  ? -5.620  -6.746  -5.056  1.00 33.48 ? 35  VAL A N   1 
ATOM   273  C  CA  . VAL A 1 35  ? -4.889  -5.999  -4.036  1.00 33.86 ? 35  VAL A CA  1 
ATOM   274  C  C   . VAL A 1 35  ? -5.703  -4.901  -3.391  1.00 33.24 ? 35  VAL A C   1 
ATOM   275  O  O   . VAL A 1 35  ? -5.738  -4.765  -2.186  1.00 34.83 ? 35  VAL A O   1 
ATOM   276  C  CB  . VAL A 1 35  ? -3.585  -5.449  -4.621  1.00 34.44 ? 35  VAL A CB  1 
ATOM   277  C  CG1 . VAL A 1 35  ? -2.830  -4.607  -3.570  1.00 34.92 ? 35  VAL A CG1 1 
ATOM   278  C  CG2 . VAL A 1 35  ? -2.718  -6.641  -5.154  1.00 34.37 ? 35  VAL A CG2 1 
ATOM   279  N  N   . MET A 1 36  ? -6.411  -4.094  -4.187  1.00 34.30 ? 36  MET A N   1 
ATOM   280  C  CA  . MET A 1 36  ? -7.251  -3.054  -3.574  1.00 33.71 ? 36  MET A CA  1 
ATOM   281  C  C   . MET A 1 36  ? -8.254  -3.628  -2.560  1.00 34.88 ? 36  MET A C   1 
ATOM   282  O  O   . MET A 1 36  ? -8.524  -3.025  -1.515  1.00 34.65 ? 36  MET A O   1 
ATOM   283  C  CB  . MET A 1 36  ? -7.996  -2.287  -4.650  1.00 34.50 ? 36  MET A CB  1 
ATOM   284  C  CG  . MET A 1 36  ? -7.066  -1.276  -5.324  1.00 34.92 ? 36  MET A CG  1 
ATOM   285  S  SD  . MET A 1 36  ? -7.795  -0.321  -6.658  1.00 34.10 ? 36  MET A SD  1 
ATOM   286  C  CE  . MET A 1 36  ? -8.828  0.783   -5.714  1.00 34.80 ? 36  MET A CE  1 
ATOM   287  N  N   . ARG A 1 37  ? -8.815  -4.782  -2.898  1.00 33.91 ? 37  ARG A N   1 
ATOM   288  C  CA  . ARG A 1 37  ? -9.767  -5.450  -2.005  1.00 34.40 ? 37  ARG A CA  1 
ATOM   289  C  C   . ARG A 1 37  ? -9.120  -5.853  -0.697  1.00 34.66 ? 37  ARG A C   1 
ATOM   290  O  O   . ARG A 1 37  ? -9.743  -5.759  0.371   1.00 35.80 ? 37  ARG A O   1 
ATOM   291  C  CB  . ARG A 1 37  ? -10.408 -6.673  -2.676  1.00 34.17 ? 37  ARG A CB  1 
ATOM   292  C  CG  . ARG A 1 37  ? -11.520 -6.302  -3.634  1.00 35.39 ? 37  ARG A CG  1 
ATOM   293  C  CD  . ARG A 1 37  ? -12.306 -7.531  -4.091  1.00 35.20 ? 37  ARG A CD  1 
ATOM   294  N  NE  . ARG A 1 37  ? -11.593 -8.353  -5.077  1.00 36.50 ? 37  ARG A NE  1 
ATOM   295  C  CZ  . ARG A 1 37  ? -11.471 -8.091  -6.381  1.00 38.96 ? 37  ARG A CZ  1 
ATOM   296  N  NH1 . ARG A 1 37  ? -11.962 -6.987  -6.945  1.00 38.52 ? 37  ARG A NH1 1 
ATOM   297  N  NH2 . ARG A 1 37  ? -10.798 -8.940  -7.144  1.00 41.15 ? 37  ARG A NH2 1 
ATOM   298  N  N   . SER A 1 38  ? -7.908  -6.364  -0.789  1.00 34.75 ? 38  SER A N   1 
ATOM   299  C  CA  . SER A 1 38  ? -7.143  -6.719  0.403   1.00 36.29 ? 38  SER A CA  1 
ATOM   300  C  C   . SER A 1 38  ? -6.921  -5.502  1.287   1.00 36.66 ? 38  SER A C   1 
ATOM   301  O  O   . SER A 1 38  ? -6.832  -5.625  2.498   1.00 38.12 ? 38  SER A O   1 
ATOM   302  C  CB  . SER A 1 38  ? -5.807  -7.322  -0.013  1.00 36.49 ? 38  SER A CB  1 
ATOM   303  O  OG  . SER A 1 38  ? -5.992  -8.573  -0.661  1.00 38.03 ? 38  SER A OG  1 
ATOM   304  N  N   . LEU A 1 39  ? -6.839  -4.323  0.677   1.00 36.23 ? 39  LEU A N   1 
ATOM   305  C  CA  . LEU A 1 39  ? -6.452  -3.103  1.395   1.00 36.76 ? 39  LEU A CA  1 
ATOM   306  C  C   . LEU A 1 39  ? -7.668  -2.209  1.662   1.00 36.98 ? 39  LEU A C   1 
ATOM   307  O  O   . LEU A 1 39  ? -7.518  -1.016  1.906   1.00 38.69 ? 39  LEU A O   1 
ATOM   308  C  CB  . LEU A 1 39  ? -5.356  -2.360  0.606   1.00 36.77 ? 39  LEU A CB  1 
ATOM   309  C  CG  . LEU A 1 39  ? -4.109  -3.174  0.246   1.00 36.90 ? 39  LEU A CG  1 
ATOM   310  C  CD1 . LEU A 1 39  ? -3.050  -2.347  -0.423  1.00 38.60 ? 39  LEU A CD1 1 
ATOM   311  C  CD2 . LEU A 1 39  ? -3.592  -3.821  1.547   1.00 37.40 ? 39  LEU A CD2 1 
ATOM   312  N  N   . GLY A 1 40  ? -8.864  -2.782  1.577   1.00 36.55 ? 40  GLY A N   1 
ATOM   313  C  CA  . GLY A 1 40  ? -10.045 -2.162  2.115   1.00 37.32 ? 40  GLY A CA  1 
ATOM   314  C  C   . GLY A 1 40  ? -10.973 -1.443  1.157   1.00 37.08 ? 40  GLY A C   1 
ATOM   315  O  O   . GLY A 1 40  ? -11.886 -0.760  1.618   1.00 38.04 ? 40  GLY A O   1 
ATOM   316  N  N   . GLN A 1 41  ? -10.761 -1.595  -0.148  1.00 37.22 ? 41  GLN A N   1 
ATOM   317  C  CA  . GLN A 1 41  ? -11.612 -0.959  -1.147  1.00 37.29 ? 41  GLN A CA  1 
ATOM   318  C  C   . GLN A 1 41  ? -12.384 -2.034  -1.933  1.00 37.01 ? 41  GLN A C   1 
ATOM   319  O  O   . GLN A 1 41  ? -12.112 -3.218  -1.796  1.00 39.73 ? 41  GLN A O   1 
ATOM   320  C  CB  . GLN A 1 41  ? -10.777 -0.097  -2.079  1.00 36.37 ? 41  GLN A CB  1 
ATOM   321  C  CG  . GLN A 1 41  ? -10.014 1.008   -1.371  1.00 37.09 ? 41  GLN A CG  1 
ATOM   322  C  CD  . GLN A 1 41  ? -10.899 1.976   -0.583  1.00 36.88 ? 41  GLN A CD  1 
ATOM   323  O  OE1 . GLN A 1 41  ? -12.036 2.280   -0.973  1.00 36.38 ? 41  GLN A OE1 1 
ATOM   324  N  NE2 . GLN A 1 41  ? -10.391 2.458   0.545   1.00 38.55 ? 41  GLN A NE2 1 
ATOM   325  N  N   . ASN A 1 42  ? -13.383 -1.616  -2.701  1.00 35.57 ? 42  ASN A N   1 
ATOM   326  C  CA  . ASN A 1 42  ? -14.198 -2.524  -3.465  1.00 35.79 ? 42  ASN A CA  1 
ATOM   327  C  C   . ASN A 1 42  ? -14.535 -1.966  -4.829  1.00 34.71 ? 42  ASN A C   1 
ATOM   328  O  O   . ASN A 1 42  ? -15.704 -1.730  -5.169  1.00 33.96 ? 42  ASN A O   1 
ATOM   329  C  CB  . ASN A 1 42  ? -15.484 -2.791  -2.694  1.00 36.06 ? 42  ASN A CB  1 
ATOM   330  C  CG  . ASN A 1 42  ? -16.232 -3.995  -3.218  1.00 39.71 ? 42  ASN A CG  1 
ATOM   331  O  OD1 . ASN A 1 42  ? -15.628 -4.895  -3.801  1.00 44.87 ? 42  ASN A OD1 1 
ATOM   332  N  ND2 . ASN A 1 42  ? -17.531 -4.056  -2.955  1.00 45.78 ? 42  ASN A ND2 1 
ATOM   333  N  N   . PRO A 1 43  ? -13.497 -1.750  -5.632  1.00 33.47 ? 43  PRO A N   1 
ATOM   334  C  CA  . PRO A 1 43  ? -13.746 -1.199  -6.950  1.00 33.39 ? 43  PRO A CA  1 
ATOM   335  C  C   . PRO A 1 43  ? -14.440 -2.193  -7.871  1.00 33.58 ? 43  PRO A C   1 
ATOM   336  O  O   . PRO A 1 43  ? -14.229 -3.390  -7.764  1.00 34.11 ? 43  PRO A O   1 
ATOM   337  C  CB  . PRO A 1 43  ? -12.340 -0.962  -7.478  1.00 34.07 ? 43  PRO A CB  1 
ATOM   338  C  CG  . PRO A 1 43  ? -11.540 -2.050  -6.813  1.00 34.13 ? 43  PRO A CG  1 
ATOM   339  C  CD  . PRO A 1 43  ? -12.075 -2.073  -5.437  1.00 34.39 ? 43  PRO A CD  1 
ATOM   340  N  N   . THR A 1 44  ? -15.265 -1.675  -8.774  1.00 33.05 ? 44  THR A N   1 
ATOM   341  C  CA  . THR A 1 44  ? -15.863 -2.490  -9.822  1.00 31.89 ? 44  THR A CA  1 
ATOM   342  C  C   . THR A 1 44  ? -14.834 -2.683  -10.940 1.00 32.12 ? 44  THR A C   1 
ATOM   343  O  O   . THR A 1 44  ? -13.886 -1.923  -11.062 1.00 32.45 ? 44  THR A O   1 
ATOM   344  C  CB  . THR A 1 44  ? -17.089 -1.773  -10.410 1.00 31.93 ? 44  THR A CB  1 
ATOM   345  O  OG1 . THR A 1 44  ? -16.653 -0.604  -11.090 1.00 32.41 ? 44  THR A OG1 1 
ATOM   346  C  CG2 . THR A 1 44  ? -18.104 -1.370  -9.350  1.00 32.77 ? 44  THR A CG2 1 
ATOM   347  N  N   . GLU A 1 45  ? -15.060 -3.661  -11.807 1.00 33.12 ? 45  GLU A N   1 
ATOM   348  C  CA  . GLU A 1 45  ? -14.203 -3.854  -12.944 1.00 31.42 ? 45  GLU A CA  1 
ATOM   349  C  C   . GLU A 1 45  ? -14.044 -2.568  -13.776 1.00 31.55 ? 45  GLU A C   1 
ATOM   350  O  O   . GLU A 1 45  ? -12.966 -2.224  -14.183 1.00 32.73 ? 45  GLU A O   1 
ATOM   351  C  CB  . GLU A 1 45  ? -14.690 -5.022  -13.831 1.00 32.37 ? 45  GLU A CB  1 
ATOM   352  C  CG  . GLU A 1 45  ? -13.872 -5.250  -15.107 1.00 33.42 ? 45  GLU A CG  1 
ATOM   353  C  CD  . GLU A 1 45  ? -12.481 -5.813  -14.829 1.00 40.23 ? 45  GLU A CD  1 
ATOM   354  O  OE1 . GLU A 1 45  ? -12.296 -6.357  -13.730 1.00 44.00 ? 45  GLU A OE1 1 
ATOM   355  O  OE2 . GLU A 1 45  ? -11.603 -5.727  -15.716 1.00 41.11 ? 45  GLU A OE2 1 
ATOM   356  N  N   . ALA A 1 46  ? -15.157 -1.852  -13.991 1.00 31.48 ? 46  ALA A N   1 
ATOM   357  C  CA  . ALA A 1 46  ? -15.104 -0.650  -14.831 1.00 31.39 ? 46  ALA A CA  1 
ATOM   358  C  C   . ALA A 1 46  ? -14.221 0.389   -14.171 1.00 31.84 ? 46  ALA A C   1 
ATOM   359  O  O   . ALA A 1 46  ? -13.448 1.078   -14.844 1.00 32.32 ? 46  ALA A O   1 
ATOM   360  C  CB  . ALA A 1 46  ? -16.486 -0.100  -15.139 1.00 31.92 ? 46  ALA A CB  1 
ATOM   361  N  N   . GLU A 1 47  ? -14.389 0.499   -12.846 1.00 30.41 ? 47  GLU A N   1 
ATOM   362  C  CA  . GLU A 1 47  ? -13.579 1.479   -12.091 1.00 31.62 ? 47  GLU A CA  1 
ATOM   363  C  C   . GLU A 1 47  ? -12.146 1.130   -12.240 1.00 33.10 ? 47  GLU A C   1 
ATOM   364  O  O   . GLU A 1 47  ? -11.349 2.044   -12.421 1.00 32.44 ? 47  GLU A O   1 
ATOM   365  C  CB  . GLU A 1 47  ? -14.003 1.533   -10.647 1.00 31.55 ? 47  GLU A CB  1 
ATOM   366  C  CG  . GLU A 1 47  ? -15.362 2.215   -10.429 1.00 31.71 ? 47  GLU A CG  1 
ATOM   367  C  CD  . GLU A 1 47  ? -15.912 2.137   -9.006  1.00 35.36 ? 47  GLU A CD  1 
ATOM   368  O  OE1 . GLU A 1 47  ? -15.721 1.125   -8.333  1.00 35.06 ? 47  GLU A OE1 1 
ATOM   369  O  OE2 . GLU A 1 47  ? -16.573 3.103   -8.567  1.00 41.04 ? 47  GLU A OE2 1 
ATOM   370  N  N   . LEU A 1 48  ? -11.822 -0.166  -12.191 1.00 32.12 ? 48  LEU A N   1 
ATOM   371  C  CA  . LEU A 1 48  ? -10.412 -0.579  -12.331 1.00 31.78 ? 48  LEU A CA  1 
ATOM   372  C  C   . LEU A 1 48  ? -9.899  -0.228  -13.714 1.00 32.17 ? 48  LEU A C   1 
ATOM   373  O  O   . LEU A 1 48  ? -8.806  0.286   -13.875 1.00 32.64 ? 48  LEU A O   1 
ATOM   374  C  CB  . LEU A 1 48  ? -10.246 -2.073  -12.057 1.00 32.24 ? 48  LEU A CB  1 
ATOM   375  C  CG  . LEU A 1 48  ? -10.569 -2.499  -10.629 1.00 33.06 ? 48  LEU A CG  1 
ATOM   376  C  CD1 . LEU A 1 48  ? -10.856 -3.941  -10.493 1.00 32.63 ? 48  LEU A CD1 1 
ATOM   377  C  CD2 . LEU A 1 48  ? -9.346  -2.190  -9.763  1.00 34.32 ? 48  LEU A CD2 1 
ATOM   378  N  N   . GLN A 1 49  ? -10.675 -0.532  -14.764 1.00 32.40 ? 49  GLN A N   1 
ATOM   379  C  CA  . GLN A 1 49  ? -10.245 -0.175  -16.079 1.00 32.46 ? 49  GLN A CA  1 
ATOM   380  C  C   . GLN A 1 49  ? -10.079 1.347   -16.271 1.00 31.28 ? 49  GLN A C   1 
ATOM   381  O  O   . GLN A 1 49  ? -9.150  1.780   -16.944 1.00 32.77 ? 49  GLN A O   1 
ATOM   382  C  CB  . GLN A 1 49  ? -11.223 -0.730  -17.081 1.00 33.61 ? 49  GLN A CB  1 
ATOM   383  C  CG  . GLN A 1 49  ? -10.669 -0.642  -18.525 1.00 34.84 ? 49  GLN A CG  1 
ATOM   384  C  CD  . GLN A 1 49  ? -9.435  -1.512  -18.799 1.00 39.74 ? 49  GLN A CD  1 
ATOM   385  O  OE1 . GLN A 1 49  ? -9.413  -2.739  -18.493 1.00 42.83 ? 49  GLN A OE1 1 
ATOM   386  N  NE2 . GLN A 1 49  ? -8.416  -0.914  -19.349 1.00 40.20 ? 49  GLN A NE2 1 
ATOM   387  N  N   . ASP A 1 50  ? -10.960 2.167   -15.691 1.00 31.51 ? 50  ASP A N   1 
ATOM   388  C  CA  . ASP A 1 50  ? -10.732 3.623   -15.734 1.00 31.81 ? 50  ASP A CA  1 
ATOM   389  C  C   . ASP A 1 50  ? -9.395  4.037   -15.085 1.00 31.22 ? 50  ASP A C   1 
ATOM   390  O  O   . ASP A 1 50  ? -8.727  4.946   -15.583 1.00 32.24 ? 50  ASP A O   1 
ATOM   391  C  CB  . ASP A 1 50  ? -11.900 4.298   -15.052 1.00 31.44 ? 50  ASP A CB  1 
ATOM   392  C  CG  . ASP A 1 50  ? -13.146 4.362   -15.920 1.00 33.56 ? 50  ASP A CG  1 
ATOM   393  O  OD1 . ASP A 1 50  ? -13.013 4.317   -17.191 1.00 33.34 ? 50  ASP A OD1 1 
ATOM   394  O  OD2 . ASP A 1 50  ? -14.263 4.461   -15.359 1.00 33.28 ? 50  ASP A OD2 1 
ATOM   395  N  N   . MET A 1 51  ? -9.047  3.371   -13.986 1.00 30.45 ? 51  MET A N   1 
ATOM   396  C  CA  . MET A 1 51  ? -7.775  3.651   -13.322 1.00 31.03 ? 51  MET A CA  1 
ATOM   397  C  C   . MET A 1 51  ? -6.615  3.316   -14.254 1.00 32.99 ? 51  MET A C   1 
ATOM   398  O  O   . MET A 1 51  ? -5.672  4.112   -14.341 1.00 34.69 ? 51  MET A O   1 
ATOM   399  C  CB  . MET A 1 51  ? -7.643  2.860   -12.037 1.00 33.16 ? 51  MET A CB  1 
ATOM   400  C  CG  . MET A 1 51  ? -8.650  3.171   -10.977 1.00 31.85 ? 51  MET A CG  1 
ATOM   401  S  SD  . MET A 1 51  ? -8.605  1.925   -9.695  1.00 33.98 ? 51  MET A SD  1 
ATOM   402  C  CE  . MET A 1 51  ? -10.211 2.183   -8.905  1.00 35.17 ? 51  MET A CE  1 
ATOM   403  N  N   . ILE A 1 52  ? -6.666  2.177   -14.944 1.00 33.23 ? 52  ILE A N   1 
ATOM   404  C  CA  . ILE A 1 52  ? -5.598  1.790   -15.844 1.00 34.36 ? 52  ILE A CA  1 
ATOM   405  C  C   . ILE A 1 52  ? -5.542  2.768   -17.000 1.00 33.13 ? 52  ILE A C   1 
ATOM   406  O  O   . ILE A 1 52  ? -4.496  3.229   -17.404 1.00 33.09 ? 52  ILE A O   1 
ATOM   407  C  CB  . ILE A 1 52  ? -5.818  0.329   -16.325 1.00 35.02 ? 52  ILE A CB  1 
ATOM   408  C  CG1 . ILE A 1 52  ? -5.553  -0.561  -15.133 1.00 37.48 ? 52  ILE A CG1 1 
ATOM   409  C  CG2 . ILE A 1 52  ? -4.917  0.071   -17.504 1.00 36.37 ? 52  ILE A CG2 1 
ATOM   410  C  CD1 . ILE A 1 52  ? -5.391  -1.989  -15.399 1.00 43.00 ? 52  ILE A CD1 1 
ATOM   411  N  N   . ASN A 1 53  ? -6.706  3.099   -17.598 1.00 32.45 ? 53  ASN A N   1 
ATOM   412  C  CA  . ASN A 1 53  ? -6.738  3.926   -18.786 1.00 31.75 ? 53  ASN A CA  1 
ATOM   413  C  C   . ASN A 1 53  ? -6.042  5.288   -18.549 1.00 31.44 ? 53  ASN A C   1 
ATOM   414  O  O   . ASN A 1 53  ? -5.458  5.842   -19.456 1.00 33.21 ? 53  ASN A O   1 
ATOM   415  C  CB  . ASN A 1 53  ? -8.169  4.226   -19.263 1.00 31.45 ? 53  ASN A CB  1 
ATOM   416  C  CG  . ASN A 1 53  ? -8.901  3.002   -19.797 1.00 32.16 ? 53  ASN A CG  1 
ATOM   417  O  OD1 . ASN A 1 53  ? -8.282  1.924   -20.030 1.00 32.99 ? 53  ASN A OD1 1 
ATOM   418  N  ND2 . ASN A 1 53  ? -10.194 3.134   -19.986 1.00 31.48 ? 53  ASN A ND2 1 
ATOM   419  N  N   . GLU A 1 54  ? -6.214  5.850   -17.348 1.00 32.91 ? 54  GLU A N   1 
ATOM   420  C  CA  . GLU A 1 54  ? -5.675  7.197   -17.026 1.00 33.18 ? 54  GLU A CA  1 
ATOM   421  C  C   . GLU A 1 54  ? -4.164  7.228   -17.192 1.00 33.31 ? 54  GLU A C   1 
ATOM   422  O  O   . GLU A 1 54  ? -3.625  8.192   -17.649 1.00 33.88 ? 54  GLU A O   1 
ATOM   423  C  CB  . GLU A 1 54  ? -6.030  7.546   -15.571 1.00 34.44 ? 54  GLU A CB  1 
ATOM   424  C  CG  . GLU A 1 54  ? -7.434  7.932   -15.368 1.00 37.38 ? 54  GLU A CG  1 
ATOM   425  C  CD  . GLU A 1 54  ? -7.779  8.248   -13.949 1.00 40.92 ? 54  GLU A CD  1 
ATOM   426  O  OE1 . GLU A 1 54  ? -6.873  8.344   -13.066 1.00 44.07 ? 54  GLU A OE1 1 
ATOM   427  O  OE2 . GLU A 1 54  ? -9.003  8.364   -13.703 1.00 43.44 ? 54  GLU A OE2 1 
ATOM   428  N  N   . VAL A 1 55  ? -3.496  6.104   -16.883 1.00 33.98 ? 55  VAL A N   1 
ATOM   429  C  CA  . VAL A 1 55  ? -2.029  6.050   -16.924 1.00 33.97 ? 55  VAL A CA  1 
ATOM   430  C  C   . VAL A 1 55  ? -1.470  5.102   -17.982 1.00 33.91 ? 55  VAL A C   1 
ATOM   431  O  O   . VAL A 1 55  ? -0.258  5.002   -18.109 1.00 34.10 ? 55  VAL A O   1 
ATOM   432  C  CB  . VAL A 1 55  ? -1.456  5.668   -15.563 1.00 32.81 ? 55  VAL A CB  1 
ATOM   433  C  CG1 . VAL A 1 55  ? -1.807  6.684   -14.497 1.00 34.95 ? 55  VAL A CG1 1 
ATOM   434  C  CG2 . VAL A 1 55  ? -1.889  4.261   -15.087 1.00 35.88 ? 55  VAL A CG2 1 
ATOM   435  N  N   . ASP A 1 56  ? -2.314  4.486   -18.815 1.00 33.87 ? 56  ASP A N   1 
ATOM   436  C  CA  . ASP A 1 56  ? -1.883  3.496   -19.806 1.00 34.00 ? 56  ASP A CA  1 
ATOM   437  C  C   . ASP A 1 56  ? -1.428  4.202   -21.062 1.00 34.21 ? 56  ASP A C   1 
ATOM   438  O  O   . ASP A 1 56  ? -2.133  4.221   -22.088 1.00 35.49 ? 56  ASP A O   1 
ATOM   439  C  CB  . ASP A 1 56  ? -3.073  2.556   -20.109 1.00 33.30 ? 56  ASP A CB  1 
ATOM   440  C  CG  . ASP A 1 56  ? -2.713  1.428   -21.045 1.00 33.39 ? 56  ASP A CG  1 
ATOM   441  O  OD1 . ASP A 1 56  ? -1.518  1.097   -21.212 1.00 33.86 ? 56  ASP A OD1 1 
ATOM   442  O  OD2 . ASP A 1 56  ? -3.690  0.934   -21.707 1.00 33.60 ? 56  ASP A OD2 1 
ATOM   443  N  N   . ALA A 1 57  ? -0.250  4.803   -20.968 1.00 34.14 ? 57  ALA A N   1 
ATOM   444  C  CA  . ALA A 1 57  ? 0.261   5.668   -21.981 1.00 37.22 ? 57  ALA A CA  1 
ATOM   445  C  C   . ALA A 1 57  ? 0.454   4.960   -23.303 1.00 38.31 ? 57  ALA A C   1 
ATOM   446  O  O   . ALA A 1 57  ? 0.298   5.588   -24.378 1.00 41.05 ? 57  ALA A O   1 
ATOM   447  C  CB  . ALA A 1 57  ? 1.561   6.274   -21.473 1.00 37.22 ? 57  ALA A CB  1 
ATOM   448  N  N   . ASP A 1 58  ? 0.757   3.662   -23.277 1.00 38.09 ? 58  ASP A N   1 
ATOM   449  C  CA  . ASP A 1 58  ? 0.984   2.927   -24.524 1.00 37.56 ? 58  ASP A CA  1 
ATOM   450  C  C   . ASP A 1 58  ? -0.253  2.213   -25.016 1.00 37.98 ? 58  ASP A C   1 
ATOM   451  O  O   . ASP A 1 58  ? -0.196  1.513   -26.052 1.00 39.88 ? 58  ASP A O   1 
ATOM   452  C  CB  . ASP A 1 58  ? 2.217   2.019   -24.423 1.00 37.32 ? 58  ASP A CB  1 
ATOM   453  C  CG  . ASP A 1 58  ? 2.033   0.827   -23.534 1.00 38.32 ? 58  ASP A CG  1 
ATOM   454  O  OD1 . ASP A 1 58  ? 0.949   0.711   -22.907 1.00 34.60 ? 58  ASP A OD1 1 
ATOM   455  O  OD2 . ASP A 1 58  ? 3.008   0.011   -23.454 1.00 39.40 ? 58  ASP A OD2 1 
ATOM   456  N  N   . GLY A 1 59  ? -1.375  2.392   -24.308 1.00 37.44 ? 59  GLY A N   1 
ATOM   457  C  CA  . GLY A 1 59  ? -2.647  1.880   -24.762 1.00 37.44 ? 59  GLY A CA  1 
ATOM   458  C  C   . GLY A 1 59  ? -2.790  0.373   -24.775 1.00 36.52 ? 59  GLY A C   1 
ATOM   459  O  O   . GLY A 1 59  ? -3.767  -0.142  -25.326 1.00 40.57 ? 59  GLY A O   1 
ATOM   460  N  N   . ASN A 1 60  ? -1.864  -0.356  -24.152 1.00 34.07 ? 60  ASN A N   1 
ATOM   461  C  CA  . ASN A 1 60  ? -1.931  -1.809  -24.189 1.00 33.86 ? 60  ASN A CA  1 
ATOM   462  C  C   . ASN A 1 60  ? -2.838  -2.480  -23.170 1.00 34.62 ? 60  ASN A C   1 
ATOM   463  O  O   . ASN A 1 60  ? -2.962  -3.719  -23.138 1.00 38.87 ? 60  ASN A O   1 
ATOM   464  C  CB  . ASN A 1 60  ? -0.535  -2.386  -24.144 1.00 34.49 ? 60  ASN A CB  1 
ATOM   465  C  CG  . ASN A 1 60  ? 0.028   -2.457  -22.797 1.00 34.98 ? 60  ASN A CG  1 
ATOM   466  O  OD1 . ASN A 1 60  ? -0.338  -1.716  -21.877 1.00 33.60 ? 60  ASN A OD1 1 
ATOM   467  N  ND2 . ASN A 1 60  ? 1.034   -3.356  -22.651 1.00 39.75 ? 60  ASN A ND2 1 
ATOM   468  N  N   . GLY A 1 61  ? -3.507  -1.685  -22.350 1.00 33.73 ? 61  GLY A N   1 
ATOM   469  C  CA  . GLY A 1 61  ? -4.497  -2.163  -21.438 1.00 34.00 ? 61  GLY A CA  1 
ATOM   470  C  C   . GLY A 1 61  ? -4.052  -2.666  -20.087 1.00 35.58 ? 61  GLY A C   1 
ATOM   471  O  O   . GLY A 1 61  ? -4.879  -3.073  -19.253 1.00 36.91 ? 61  GLY A O   1 
ATOM   472  N  N   . THR A 1 62  ? -2.751  -2.592  -19.843 1.00 33.86 ? 62  THR A N   1 
ATOM   473  C  CA  . THR A 1 62  ? -2.223  -2.968  -18.554 1.00 33.62 ? 62  THR A CA  1 
ATOM   474  C  C   . THR A 1 62  ? -1.217  -1.931  -18.123 1.00 33.01 ? 62  THR A C   1 
ATOM   475  O  O   . THR A 1 62  ? -0.769  -1.130  -18.958 1.00 33.36 ? 62  THR A O   1 
ATOM   476  C  CB  . THR A 1 62  ? -1.574  -4.321  -18.623 1.00 35.07 ? 62  THR A CB  1 
ATOM   477  O  OG1 . THR A 1 62  ? -0.411  -4.284  -19.473 1.00 36.49 ? 62  THR A OG1 1 
ATOM   478  C  CG2 . THR A 1 62  ? -2.578  -5.431  -19.064 1.00 34.84 ? 62  THR A CG2 1 
ATOM   479  N  N   . ILE A 1 63  ? -0.816  -1.985  -16.867 1.00 32.54 ? 63  ILE A N   1 
ATOM   480  C  CA  . ILE A 1 63  ? 0.086   -0.980  -16.305 1.00 32.85 ? 63  ILE A CA  1 
ATOM   481  C  C   . ILE A 1 63  ? 1.526   -1.518  -16.126 1.00 33.54 ? 63  ILE A C   1 
ATOM   482  O  O   . ILE A 1 63  ? 1.728   -2.446  -15.350 1.00 35.99 ? 63  ILE A O   1 
ATOM   483  C  CB  . ILE A 1 63  ? -0.374  -0.479  -14.925 1.00 33.04 ? 63  ILE A CB  1 
ATOM   484  C  CG1 . ILE A 1 63  ? -1.787  0.109   -14.877 1.00 34.80 ? 63  ILE A CG1 1 
ATOM   485  C  CG2 . ILE A 1 63  ? 0.601   0.549   -14.342 1.00 35.68 ? 63  ILE A CG2 1 
ATOM   486  C  CD1 . ILE A 1 63  ? -2.328  0.194   -13.518 1.00 40.23 ? 63  ILE A CD1 1 
ATOM   487  N  N   . ASP A 1 64  ? 2.512   -0.928  -16.779 1.00 32.74 ? 64  ASP A N   1 
ATOM   488  C  CA  . ASP A 1 64  ? 3.905   -1.344  -16.575 1.00 32.30 ? 64  ASP A CA  1 
ATOM   489  C  C   . ASP A 1 64  ? 4.576   -0.423  -15.531 1.00 32.66 ? 64  ASP A C   1 
ATOM   490  O  O   . ASP A 1 64  ? 3.985   0.423   -14.920 1.00 33.42 ? 64  ASP A O   1 
ATOM   491  C  CB  . ASP A 1 64  ? 4.626   -1.362  -17.947 1.00 33.47 ? 64  ASP A CB  1 
ATOM   492  C  CG  . ASP A 1 64  ? 4.782   -0.023  -18.549 1.00 32.42 ? 64  ASP A CG  1 
ATOM   493  O  OD1 . ASP A 1 64  ? 4.647   0.981   -17.835 1.00 33.87 ? 64  ASP A OD1 1 
ATOM   494  O  OD2 . ASP A 1 64  ? 5.138   0.046   -19.786 1.00 38.29 ? 64  ASP A OD2 1 
ATOM   495  N  N   . PHE A 1 65  ? 5.871   -0.629  -15.310 1.00 32.34 ? 65  PHE A N   1 
ATOM   496  C  CA  . PHE A 1 65  ? 6.534   0.046   -14.237 1.00 32.07 ? 65  PHE A CA  1 
ATOM   497  C  C   . PHE A 1 65  ? 6.497   1.558   -14.365 1.00 31.62 ? 65  PHE A C   1 
ATOM   498  O  O   . PHE A 1 65  ? 6.113   2.209   -13.400 1.00 32.81 ? 65  PHE A O   1 
ATOM   499  C  CB  . PHE A 1 65  ? 7.996   -0.465  -14.099 1.00 32.78 ? 65  PHE A CB  1 
ATOM   500  C  CG  . PHE A 1 65  ? 8.624   -0.187  -12.803 1.00 33.66 ? 65  PHE A CG  1 
ATOM   501  C  CD1 . PHE A 1 65  ? 8.627   -1.132  -11.829 1.00 34.16 ? 65  PHE A CD1 1 
ATOM   502  C  CD2 . PHE A 1 65  ? 9.230   1.021   -12.524 1.00 34.82 ? 65  PHE A CD2 1 
ATOM   503  C  CE1 . PHE A 1 65  ? 9.171   -0.939  -10.618 1.00 34.85 ? 65  PHE A CE1 1 
ATOM   504  C  CE2 . PHE A 1 65  ? 9.776   1.232   -11.212 1.00 37.09 ? 65  PHE A CE2 1 
ATOM   505  C  CZ  . PHE A 1 65  ? 9.715   0.250   -10.316 1.00 34.67 ? 65  PHE A CZ  1 
ATOM   506  N  N   . PRO A 1 66  ? 6.922   2.168   -15.515 1.00 32.18 ? 66  PRO A N   1 
ATOM   507  C  CA  . PRO A 1 66  ? 6.848   3.632   -15.572 1.00 31.89 ? 66  PRO A CA  1 
ATOM   508  C  C   . PRO A 1 66  ? 5.400   4.154   -15.511 1.00 31.30 ? 66  PRO A C   1 
ATOM   509  O  O   . PRO A 1 66  ? 5.141   5.205   -14.910 1.00 33.48 ? 66  PRO A O   1 
ATOM   510  C  CB  . PRO A 1 66  ? 7.531   3.988   -16.879 1.00 32.87 ? 66  PRO A CB  1 
ATOM   511  C  CG  . PRO A 1 66  ? 7.449   2.799   -17.663 1.00 32.48 ? 66  PRO A CG  1 
ATOM   512  C  CD  . PRO A 1 66  ? 7.535   1.637   -16.718 1.00 32.22 ? 66  PRO A CD  1 
ATOM   513  N  N   . GLU A 1 67  ? 4.461   3.377   -16.032 1.00 31.65 ? 67  GLU A N   1 
ATOM   514  C  CA  . GLU A 1 67  ? 3.065   3.812   -15.925 1.00 30.90 ? 67  GLU A CA  1 
ATOM   515  C  C   . GLU A 1 67  ? 2.642   3.835   -14.471 1.00 32.42 ? 67  GLU A C   1 
ATOM   516  O  O   . GLU A 1 67  ? 1.860   4.704   -13.997 1.00 33.08 ? 67  GLU A O   1 
ATOM   517  C  CB  . GLU A 1 67  ? 2.163   2.911   -16.774 1.00 32.65 ? 67  GLU A CB  1 
ATOM   518  C  CG  . GLU A 1 67  ? 2.430   3.094   -18.242 1.00 31.86 ? 67  GLU A CG  1 
ATOM   519  C  CD  . GLU A 1 67  ? 1.688   2.107   -19.140 1.00 33.17 ? 67  GLU A CD  1 
ATOM   520  O  OE1 . GLU A 1 67  ? 1.243   1.069   -18.617 1.00 33.50 ? 67  GLU A OE1 1 
ATOM   521  O  OE2 . GLU A 1 67  ? 1.603   2.397   -20.358 1.00 32.43 ? 67  GLU A OE2 1 
ATOM   522  N  N   . PHE A 1 68  ? 3.100   2.845   -13.702 1.00 32.09 ? 68  PHE A N   1 
ATOM   523  C  CA  . PHE A 1 68  ? 2.785   2.780   -12.260 1.00 32.62 ? 68  PHE A CA  1 
ATOM   524  C  C   . PHE A 1 68  ? 3.436   3.928   -11.503 1.00 33.02 ? 68  PHE A C   1 
ATOM   525  O  O   . PHE A 1 68  ? 2.821   4.553   -10.634 1.00 33.66 ? 68  PHE A O   1 
ATOM   526  C  CB  . PHE A 1 68  ? 3.251   1.463   -11.680 1.00 33.41 ? 68  PHE A CB  1 
ATOM   527  C  CG  . PHE A 1 68  ? 2.771   1.207   -10.255 1.00 33.19 ? 68  PHE A CG  1 
ATOM   528  C  CD1 . PHE A 1 68  ? 1.408   0.917   -9.978  1.00 38.45 ? 68  PHE A CD1 1 
ATOM   529  C  CD2 . PHE A 1 68  ? 3.660   1.280   -9.191  1.00 38.16 ? 68  PHE A CD2 1 
ATOM   530  C  CE1 . PHE A 1 68  ? 1.001   0.736   -8.649  1.00 39.71 ? 68  PHE A CE1 1 
ATOM   531  C  CE2 . PHE A 1 68  ? 3.199   1.060   -7.871  1.00 36.03 ? 68  PHE A CE2 1 
ATOM   532  C  CZ  . PHE A 1 68  ? 1.891   0.778   -7.662  1.00 38.43 ? 68  PHE A CZ  1 
ATOM   533  N  N   . LEU A 1 69  ? 4.653   4.276   -11.856 1.00 32.75 ? 69  LEU A N   1 
ATOM   534  C  CA  . LEU A 1 69  ? 5.237   5.472   -11.243 1.00 32.88 ? 69  LEU A CA  1 
ATOM   535  C  C   . LEU A 1 69  ? 4.373   6.693   -11.502 1.00 32.80 ? 69  LEU A C   1 
ATOM   536  O  O   . LEU A 1 69  ? 4.161   7.536   -10.623 1.00 33.88 ? 69  LEU A O   1 
ATOM   537  C  CB  . LEU A 1 69  ? 6.643   5.727   -11.764 1.00 32.77 ? 69  LEU A CB  1 
ATOM   538  C  CG  . LEU A 1 69  ? 7.752   4.693   -11.492 1.00 34.62 ? 69  LEU A CG  1 
ATOM   539  C  CD1 . LEU A 1 69  ? 9.039   5.166   -12.235 1.00 36.04 ? 69  LEU A CD1 1 
ATOM   540  C  CD2 . LEU A 1 69  ? 7.984   4.470   -10.019 1.00 36.12 ? 69  LEU A CD2 1 
ATOM   541  N  N   . THR A 1 70  ? 3.822   6.805   -12.695 0.50 27.90 ? 70  THR A N   1 
ATOM   542  C  CA  . THR A 1 70  ? 2.960   7.935   -12.968 0.50 29.60 ? 70  THR A CA  1 
ATOM   543  C  C   . THR A 1 70  ? 1.673   7.863   -12.152 0.50 27.93 ? 70  THR A C   1 
ATOM   544  O  O   . THR A 1 70  ? 1.156   8.855   -11.750 0.50 25.66 ? 70  THR A O   1 
ATOM   545  C  CB  A THR A 1 70  ? 2.743   8.172   -14.462 0.40 31.85 ? 70  THR A CB  1 
ATOM   546  C  CB  B THR A 1 70  ? 2.632   7.932   -14.513 0.60 32.35 ? 70  THR A CB  1 
ATOM   547  O  OG1 A THR A 1 70  ? 1.622   7.456   -14.923 0.40 29.55 ? 70  THR A OG1 1 
ATOM   548  O  OG1 B THR A 1 70  ? 3.820   8.393   -15.220 0.60 33.32 ? 70  THR A OG1 1 
ATOM   549  C  CG2 A THR A 1 70  ? 3.992   7.685   -15.227 0.40 29.38 ? 70  THR A CG2 1 
ATOM   550  C  CG2 B THR A 1 70  ? 1.549   8.815   -14.850 0.60 33.69 ? 70  THR A CG2 1 
ATOM   551  N  N   . MET A 1 71  ? 1.156   6.660   -11.963 1.00 31.95 ? 71  MET A N   1 
ATOM   552  C  CA  . MET A 1 71  ? -0.070  6.472   -11.194 1.00 32.38 ? 71  MET A CA  1 
ATOM   553  C  C   . MET A 1 71  ? 0.075   6.944   -9.762  1.00 33.33 ? 71  MET A C   1 
ATOM   554  O  O   . MET A 1 71  ? -0.808  7.616   -9.220  1.00 35.43 ? 71  MET A O   1 
ATOM   555  C  CB  . MET A 1 71  ? -0.479  5.010   -11.276 1.00 35.23 ? 71  MET A CB  1 
ATOM   556  C  CG  . MET A 1 71  ? -1.924  4.708   -10.942 1.00 36.86 ? 71  MET A CG  1 
ATOM   557  S  SD  . MET A 1 71  ? -2.102  2.887   -10.955 1.00 38.24 ? 71  MET A SD  1 
ATOM   558  C  CE  . MET A 1 71  ? -3.847  2.788   -11.317 1.00 40.88 ? 71  MET A CE  1 
ATOM   559  N  N   . MET A 1 72  ? 1.222   6.607   -9.188  0.50 30.02 ? 72  MET A N   1 
ATOM   560  C  CA  . MET A 1 72  ? 1.545   7.080   -7.810  0.50 34.69 ? 72  MET A CA  1 
ATOM   561  C  C   . MET A 1 72  ? 1.733   8.557   -7.811  0.50 33.31 ? 72  MET A C   1 
ATOM   562  O  O   . MET A 1 72  ? 1.188   9.252   -6.943  0.50 32.54 ? 72  MET A O   1 
ATOM   563  C  CB  . MET A 1 72  ? 2.808   6.441   -7.258  0.50 34.32 ? 72  MET A CB  1 
ATOM   564  C  CG  A MET A 1 72  ? 2.598   4.960   -7.082  0.60 37.31 ? 72  MET A CG  1 
ATOM   565  C  CG  B MET A 1 72  ? 3.112   5.003   -7.635  0.40 37.13 ? 72  MET A CG  1 
ATOM   566  S  SD  A MET A 1 72  ? 3.450   4.177   -5.741  0.60 42.75 ? 72  MET A SD  1 
ATOM   567  S  SD  B MET A 1 72  ? 4.076   3.976   -6.522  0.40 39.77 ? 72  MET A SD  1 
ATOM   568  C  CE  A MET A 1 72  ? 5.048   4.125   -6.588  0.60 36.11 ? 72  MET A CE  1 
ATOM   569  C  CE  B MET A 1 72  ? 2.586   3.643   -5.537  0.40 27.44 ? 72  MET A CE  1 
ATOM   570  N  N   . ALA A 1 73  ? 2.496   9.079   -8.769  1.00 34.69 ? 73  ALA A N   1 
ATOM   571  C  CA  . ALA A 1 73  ? 2.661   10.559  -8.849  1.00 35.67 ? 73  ALA A CA  1 
ATOM   572  C  C   . ALA A 1 73  ? 1.345   11.331  -8.852  1.00 37.04 ? 73  ALA A C   1 
ATOM   573  O  O   . ALA A 1 73  ? 1.214   12.413  -8.263  1.00 36.56 ? 73  ALA A O   1 
ATOM   574  C  CB  . ALA A 1 73  ? 3.418   10.922  -10.080 1.00 36.13 ? 73  ALA A CB  1 
ATOM   575  N  N   . ARG A 1 74  ? 0.357   10.790  -9.545  1.00 35.58 ? 74  ARG A N   1 
ATOM   576  C  CA  . ARG A 1 74  ? -0.953  11.438  -9.648  1.00 36.47 ? 74  ARG A CA  1 
ATOM   577  C  C   . ARG A 1 74  ? -1.883  11.233  -8.509  1.00 38.33 ? 74  ARG A C   1 
ATOM   578  O  O   . ARG A 1 74  ? -2.742  12.104  -8.274  1.00 39.30 ? 74  ARG A O   1 
ATOM   579  C  CB  . ARG A 1 74  ? -1.668  10.962  -10.873 1.00 35.18 ? 74  ARG A CB  1 
ATOM   580  C  CG  . ARG A 1 74  ? -1.078  11.446  -12.092 1.00 36.63 ? 74  ARG A CG  1 
ATOM   581  C  CD  . ARG A 1 74  ? -1.735  10.950  -13.257 1.00 37.05 ? 74  ARG A CD  1 
ATOM   582  N  NE  . ARG A 1 74  ? -0.897  11.060  -14.390 1.00 38.13 ? 74  ARG A NE  1 
ATOM   583  C  CZ  . ARG A 1 74  ? -1.264  10.678  -15.598 1.00 44.12 ? 74  ARG A CZ  1 
ATOM   584  N  NH1 . ARG A 1 74  ? -2.493  10.208  -15.800 1.00 47.23 ? 74  ARG A NH1 1 
ATOM   585  N  NH2 . ARG A 1 74  ? -0.394  10.777  -16.563 1.00 44.87 ? 74  ARG A NH2 1 
ATOM   586  N  N   . LYS A 1 75  ? -1.805  10.121  -7.820  1.00 37.87 ? 75  LYS A N   1 
ATOM   587  C  CA  . LYS A 1 75  ? -2.829  9.877   -6.808  1.00 39.20 ? 75  LYS A CA  1 
ATOM   588  C  C   . LYS A 1 75  ? -2.327  10.344  -5.473  1.00 41.35 ? 75  LYS A C   1 
ATOM   589  O  O   . LYS A 1 75  ? -3.080  10.945  -4.706  1.00 41.36 ? 75  LYS A O   1 
ATOM   590  C  CB  . LYS A 1 75  ? -3.277  8.412   -6.829  1.00 37.90 ? 75  LYS A CB  1 
ATOM   591  C  CG  . LYS A 1 75  ? -3.924  8.072   -8.156  1.00 36.12 ? 75  LYS A CG  1 
ATOM   592  C  CD  . LYS A 1 75  ? -5.257  8.832   -8.435  1.00 33.86 ? 75  LYS A CD  1 
ATOM   593  C  CE  . LYS A 1 75  ? -5.602  8.846   -9.927  1.00 34.69 ? 75  LYS A CE  1 
ATOM   594  N  NZ  . LYS A 1 75  ? -7.047  9.104   -10.225 1.00 35.20 ? 75  LYS A NZ  1 
ATOM   595  N  N   . MET A 1 76  ? -1.030  10.145  -5.233  1.00 43.41 ? 76  MET A N   1 
ATOM   596  C  CA  . MET A 1 76  ? -0.443  10.404  -3.934  1.00 45.37 ? 76  MET A CA  1 
ATOM   597  C  C   . MET A 1 76  ? -0.026  11.846  -3.778  1.00 48.40 ? 76  MET A C   1 
ATOM   598  O  O   . MET A 1 76  ? -0.870  12.697  -3.534  1.00 49.51 ? 76  MET A O   1 
ATOM   599  C  CB  . MET A 1 76  ? 0.762   9.489   -3.702  1.00 44.65 ? 76  MET A CB  1 
ATOM   600  C  CG  . MET A 1 76  ? 0.405   8.050   -3.784  1.00 41.84 ? 76  MET A CG  1 
ATOM   601  S  SD  . MET A 1 76  ? -0.688  7.638   -2.418  1.00 35.47 ? 76  MET A SD  1 
ATOM   602  C  CE  . MET A 1 76  ? 0.496   6.865   -1.285  1.00 37.93 ? 76  MET A CE  1 
ATOM   603  N  N   . LYS A 1 77  ? 1.266   12.110  -3.970  1.00 51.71 ? 77  LYS A N   1 
ATOM   604  C  CA  . LYS A 1 77  ? 1.926   13.227  -3.314  1.00 54.11 ? 77  LYS A CA  1 
ATOM   605  C  C   . LYS A 1 77  ? 1.579   13.052  -1.832  1.00 55.94 ? 77  LYS A C   1 
ATOM   606  O  O   . LYS A 1 77  ? 1.721   11.947  -1.283  1.00 56.95 ? 77  LYS A O   1 
ATOM   607  C  CB  . LYS A 1 77  ? 1.468   14.574  -3.917  1.00 54.68 ? 77  LYS A CB  1 
ATOM   608  C  CG  . LYS A 1 77  ? 2.387   15.785  -3.636  1.00 54.97 ? 77  LYS A CG  1 
ATOM   609  C  CD  . LYS A 1 77  ? 3.800   15.586  -4.166  1.00 55.28 ? 77  LYS A CD  1 
ATOM   610  C  CE  . LYS A 1 77  ? 4.589   16.898  -4.203  1.00 55.45 ? 77  LYS A CE  1 
ATOM   611  N  NZ  . LYS A 1 77  ? 4.398   17.654  -5.474  1.00 54.72 ? 77  LYS A NZ  1 
ATOM   612  N  N   . ASP A 1 78  ? 1.106   14.115  -1.194  1.00 57.78 ? 78  ASP A N   1 
ATOM   613  C  CA  . ASP A 1 78  ? 0.603   14.059  0.167   1.00 58.85 ? 78  ASP A CA  1 
ATOM   614  C  C   . ASP A 1 78  ? -0.472  15.142  0.190   1.00 59.44 ? 78  ASP A C   1 
ATOM   615  O  O   . ASP A 1 78  ? -1.360  15.101  -0.663  1.00 59.99 ? 78  ASP A O   1 
ATOM   616  C  CB  . ASP A 1 78  ? 1.752   14.253  1.163   1.00 59.17 ? 78  ASP A CB  1 
ATOM   617  C  CG  . ASP A 1 78  ? 2.815   15.220  0.657   1.00 59.63 ? 78  ASP A CG  1 
ATOM   618  O  OD1 . ASP A 1 78  ? 2.485   16.399  0.430   1.00 61.22 ? 78  ASP A OD1 1 
ATOM   619  O  OD2 . ASP A 1 78  ? 3.981   14.796  0.492   1.00 61.38 ? 78  ASP A OD2 1 
ATOM   620  N  N   . THR A 1 79  ? -0.419  16.100  1.114   1.00 59.87 ? 79  THR A N   1 
ATOM   621  C  CA  . THR A 1 79  ? -1.172  17.353  0.963   1.00 60.06 ? 79  THR A CA  1 
ATOM   622  C  C   . THR A 1 79  ? -2.686  17.161  0.784   1.00 60.32 ? 79  THR A C   1 
ATOM   623  O  O   . THR A 1 79  ? -3.230  16.111  1.121   1.00 60.25 ? 79  THR A O   1 
ATOM   624  C  CB  . THR A 1 79  ? -0.613  18.185  -0.237  1.00 60.17 ? 79  THR A CB  1 
ATOM   625  O  OG1 . THR A 1 79  ? -0.933  19.570  -0.059  1.00 59.52 ? 79  THR A OG1 1 
ATOM   626  C  CG2 . THR A 1 79  ? -1.181  17.705  -1.581  1.00 59.81 ? 79  THR A CG2 1 
ATOM   627  N  N   . ASP A 1 80  ? -3.345  18.214  0.298   1.00 60.65 ? 80  ASP A N   1 
ATOM   628  C  CA  . ASP A 1 80  ? -4.731  18.173  -0.177  1.00 60.93 ? 80  ASP A CA  1 
ATOM   629  C  C   . ASP A 1 80  ? -5.685  17.268  0.636   1.00 61.05 ? 80  ASP A C   1 
ATOM   630  O  O   . ASP A 1 80  ? -5.772  16.051  0.409   1.00 61.42 ? 80  ASP A O   1 
ATOM   631  C  CB  . ASP A 1 80  ? -4.754  17.808  -1.680  1.00 60.91 ? 80  ASP A CB  1 
ATOM   632  C  CG  . ASP A 1 80  ? -4.595  19.033  -2.601  1.00 61.10 ? 80  ASP A CG  1 
ATOM   633  O  OD1 . ASP A 1 80  ? -4.965  20.163  -2.196  1.00 61.28 ? 80  ASP A OD1 1 
ATOM   634  O  OD2 . ASP A 1 80  ? -4.112  18.869  -3.744  1.00 58.75 ? 80  ASP A OD2 1 
ATOM   635  N  N   . SER A 1 81  ? -6.405  17.898  1.564   1.00 60.90 ? 81  SER A N   1 
ATOM   636  C  CA  . SER A 1 81  ? -7.416  17.262  2.417   1.00 61.01 ? 81  SER A CA  1 
ATOM   637  C  C   . SER A 1 81  ? -6.772  16.525  3.577   1.00 60.82 ? 81  SER A C   1 
ATOM   638  O  O   . SER A 1 81  ? -6.849  16.988  4.715   1.00 61.11 ? 81  SER A O   1 
ATOM   639  C  CB  . SER A 1 81  ? -8.359  16.338  1.621   1.00 61.09 ? 81  SER A CB  1 
ATOM   640  O  OG  . SER A 1 81  ? -7.828  15.029  1.481   1.00 61.15 ? 81  SER A OG  1 
ATOM   641  N  N   . GLU A 1 82  ? -6.150  15.386  3.284   1.00 60.50 ? 82  GLU A N   1 
ATOM   642  C  CA  . GLU A 1 82  ? -5.503  14.558  4.297   1.00 59.81 ? 82  GLU A CA  1 
ATOM   643  C  C   . GLU A 1 82  ? -6.500  14.204  5.410   1.00 59.64 ? 82  GLU A C   1 
ATOM   644  O  O   . GLU A 1 82  ? -7.714  14.250  5.198   1.00 59.51 ? 82  GLU A O   1 
ATOM   645  C  CB  . GLU A 1 82  ? -4.273  15.299  4.840   1.00 59.75 ? 82  GLU A CB  1 
ATOM   646  C  CG  . GLU A 1 82  ? -3.162  14.390  5.362   1.00 59.92 ? 82  GLU A CG  1 
ATOM   647  C  CD  . GLU A 1 82  ? -1.775  14.872  5.005   1.00 60.60 ? 82  GLU A CD  1 
ATOM   648  O  OE1 . GLU A 1 82  ? -1.572  16.096  4.859   1.00 60.77 ? 82  GLU A OE1 1 
ATOM   649  O  OE2 . GLU A 1 82  ? -0.885  14.009  4.876   1.00 60.89 ? 82  GLU A OE2 1 
ATOM   650  N  N   . GLU A 1 83  ? -5.977  13.836  6.580   1.00 59.50 ? 83  GLU A N   1 
ATOM   651  C  CA  . GLU A 1 83  ? -6.761  13.479  7.772   1.00 59.21 ? 83  GLU A CA  1 
ATOM   652  C  C   . GLU A 1 83  ? -7.929  12.526  7.587   1.00 58.53 ? 83  GLU A C   1 
ATOM   653  O  O   . GLU A 1 83  ? -8.990  12.691  8.194   1.00 58.90 ? 83  GLU A O   1 
ATOM   654  C  CB  . GLU A 1 83  ? -7.193  14.738  8.532   1.00 59.43 ? 83  GLU A CB  1 
ATOM   655  C  CG  . GLU A 1 83  ? -6.416  14.947  9.827   1.00 60.13 ? 83  GLU A CG  1 
ATOM   656  C  CD  . GLU A 1 83  ? -4.937  15.222  9.597   1.00 59.85 ? 83  GLU A CD  1 
ATOM   657  O  OE1 . GLU A 1 83  ? -4.375  16.014  10.374  1.00 60.74 ? 83  GLU A OE1 1 
ATOM   658  O  OE2 . GLU A 1 83  ? -4.341  14.658  8.645   1.00 58.59 ? 83  GLU A OE2 1 
ATOM   659  N  N   . GLU A 1 84  ? -7.725  11.516  6.749   1.00 57.82 ? 84  GLU A N   1 
ATOM   660  C  CA  . GLU A 1 84  ? -8.530  10.295  6.815   1.00 56.88 ? 84  GLU A CA  1 
ATOM   661  C  C   . GLU A 1 84  ? -7.581  9.095   6.732   1.00 55.60 ? 84  GLU A C   1 
ATOM   662  O  O   . GLU A 1 84  ? -7.892  8.036   6.154   1.00 55.96 ? 84  GLU A O   1 
ATOM   663  C  CB  . GLU A 1 84  ? -9.618  10.283  5.741   1.00 57.11 ? 84  GLU A CB  1 
ATOM   664  C  CG  . GLU A 1 84  ? -10.952 9.678   6.203   1.00 58.44 ? 84  GLU A CG  1 
ATOM   665  C  CD  . GLU A 1 84  ? -11.775 10.619  7.089   1.00 58.85 ? 84  GLU A CD  1 
ATOM   666  O  OE1 . GLU A 1 84  ? -11.224 11.188  8.057   1.00 59.54 ? 84  GLU A OE1 1 
ATOM   667  O  OE2 . GLU A 1 84  ? -12.984 10.772  6.826   1.00 59.75 ? 84  GLU A OE2 1 
ATOM   668  N  N   . ILE A 1 85  ? -6.399  9.311   7.309   1.00 53.77 ? 85  ILE A N   1 
ATOM   669  C  CA  . ILE A 1 85  ? -5.504  8.257   7.768   1.00 52.30 ? 85  ILE A CA  1 
ATOM   670  C  C   . ILE A 1 85  ? -6.208  7.351   8.773   1.00 51.18 ? 85  ILE A C   1 
ATOM   671  O  O   . ILE A 1 85  ? -5.822  6.203   8.958   1.00 50.92 ? 85  ILE A O   1 
ATOM   672  C  CB  . ILE A 1 85  ? -4.277  8.871   8.454   1.00 52.34 ? 85  ILE A CB  1 
ATOM   673  C  CG1 . ILE A 1 85  ? -3.279  9.372   7.399   1.00 52.19 ? 85  ILE A CG1 1 
ATOM   674  C  CG2 . ILE A 1 85  ? -3.624  7.869   9.378   1.00 52.93 ? 85  ILE A CG2 1 
ATOM   675  C  CD1 . ILE A 1 85  ? -1.999  9.944   7.973   1.00 52.05 ? 85  ILE A CD1 1 
ATOM   676  N  N   . ARG A 1 86  ? -7.220  7.886   9.439   1.00 49.17 ? 86  ARG A N   1 
ATOM   677  C  CA  . ARG A 1 86  ? -8.084  7.097   10.304  1.00 48.28 ? 86  ARG A CA  1 
ATOM   678  C  C   . ARG A 1 86  ? -8.714  5.923   9.548   1.00 46.45 ? 86  ARG A C   1 
ATOM   679  O  O   . ARG A 1 86  ? -8.872  4.814   10.106  1.00 46.00 ? 86  ARG A O   1 
ATOM   680  C  CB  . ARG A 1 86  ? -9.172  8.000   10.888  1.00 48.87 ? 86  ARG A CB  1 
ATOM   681  C  CG  . ARG A 1 86  ? -10.081 7.356   11.914  1.00 50.21 ? 86  ARG A CG  1 
ATOM   682  C  CD  . ARG A 1 86  ? -9.356  7.023   13.218  1.00 52.66 ? 86  ARG A CD  1 
ATOM   683  N  NE  . ARG A 1 86  ? -10.284 7.023   14.354  1.00 53.68 ? 86  ARG A NE  1 
ATOM   684  C  CZ  . ARG A 1 86  ? -11.272 6.144   14.534  1.00 54.36 ? 86  ARG A CZ  1 
ATOM   685  N  NH1 . ARG A 1 86  ? -11.490 5.161   13.657  1.00 54.57 ? 86  ARG A NH1 1 
ATOM   686  N  NH2 . ARG A 1 86  ? -12.058 6.253   15.602  1.00 54.02 ? 86  ARG A NH2 1 
ATOM   687  N  N   . GLU A 1 87  ? -9.068  6.145   8.282   1.00 44.29 ? 87  GLU A N   1 
ATOM   688  C  CA  . GLU A 1 87  ? -9.601  5.048   7.512   1.00 42.68 ? 87  GLU A CA  1 
ATOM   689  C  C   . GLU A 1 87  ? -8.441  4.084   7.219   1.00 41.26 ? 87  GLU A C   1 
ATOM   690  O  O   . GLU A 1 87  ? -8.612  2.868   7.362   1.00 40.58 ? 87  GLU A O   1 
ATOM   691  C  CB  . GLU A 1 87  ? -10.370 5.552   6.280   1.00 42.71 ? 87  GLU A CB  1 
ATOM   692  C  CG  . GLU A 1 87  ? -11.719 6.173   6.709   1.00 42.85 ? 87  GLU A CG  1 
ATOM   693  C  CD  . GLU A 1 87  ? -12.570 6.675   5.562   1.00 43.35 ? 87  GLU A CD  1 
ATOM   694  O  OE1 . GLU A 1 87  ? -12.138 6.577   4.401   1.00 43.81 ? 87  GLU A OE1 1 
ATOM   695  O  OE2 . GLU A 1 87  ? -13.686 7.167   5.833   1.00 45.18 ? 87  GLU A OE2 1 
ATOM   696  N  N   . ALA A 1 88  ? -7.260  4.626   6.890   1.00 40.02 ? 88  ALA A N   1 
ATOM   697  C  CA  . ALA A 1 88  ? -6.080  3.780   6.588   1.00 38.92 ? 88  ALA A CA  1 
ATOM   698  C  C   . ALA A 1 88  ? -5.708  2.973   7.785   1.00 38.20 ? 88  ALA A C   1 
ATOM   699  O  O   . ALA A 1 88  ? -5.490  1.776   7.692   1.00 37.80 ? 88  ALA A O   1 
ATOM   700  C  CB  . ALA A 1 88  ? -4.887  4.595   6.173   1.00 39.40 ? 88  ALA A CB  1 
ATOM   701  N  N   . PHE A 1 89  ? -5.632  3.644   8.932   1.00 37.64 ? 89  PHE A N   1 
ATOM   702  C  CA  . PHE A 1 89  ? -5.311  2.952   10.169  1.00 37.11 ? 89  PHE A CA  1 
ATOM   703  C  C   . PHE A 1 89  ? -6.333  1.846   10.441  1.00 37.14 ? 89  PHE A C   1 
ATOM   704  O  O   . PHE A 1 89  ? -5.934  0.745   10.846  1.00 36.34 ? 89  PHE A O   1 
ATOM   705  C  CB  . PHE A 1 89  ? -5.240  3.944   11.311  1.00 37.63 ? 89  PHE A CB  1 
ATOM   706  C  CG  . PHE A 1 89  ? -4.862  3.343   12.624  1.00 36.86 ? 89  PHE A CG  1 
ATOM   707  C  CD1 . PHE A 1 89  ? -3.577  2.882   12.817  1.00 39.75 ? 89  PHE A CD1 1 
ATOM   708  C  CD2 . PHE A 1 89  ? -5.782  3.270   13.661  1.00 40.74 ? 89  PHE A CD2 1 
ATOM   709  C  CE1 . PHE A 1 89  ? -3.213  2.345   14.021  1.00 38.90 ? 89  PHE A CE1 1 
ATOM   710  C  CE2 . PHE A 1 89  ? -5.422  2.745   14.861  1.00 39.90 ? 89  PHE A CE2 1 
ATOM   711  C  CZ  . PHE A 1 89  ? -4.129  2.268   15.036  1.00 40.15 ? 89  PHE A CZ  1 
ATOM   712  N  N   . ARG A 1 90  ? -7.626  2.126   10.211  1.00 36.79 ? 90  ARG A N   1 
ATOM   713  C  CA  . ARG A 1 90  ? -8.696  1.120   10.397  1.00 36.86 ? 90  ARG A CA  1 
ATOM   714  C  C   . ARG A 1 90  ? -8.592  -0.109  9.499   1.00 37.12 ? 90  ARG A C   1 
ATOM   715  O  O   . ARG A 1 90  ? -9.054  -1.181  9.868   1.00 37.07 ? 90  ARG A O   1 
ATOM   716  C  CB  . ARG A 1 90  ? -10.076 1.752   10.192  1.00 37.59 ? 90  ARG A CB  1 
ATOM   717  C  CG  . ARG A 1 90  ? -11.282 0.787   10.339  1.00 38.95 ? 90  ARG A CG  1 
ATOM   718  C  CD  . ARG A 1 90  ? -11.313 -0.048  11.608  1.00 41.88 ? 90  ARG A CD  1 
ATOM   719  N  NE  . ARG A 1 90  ? -11.396 0.742   12.832  1.00 42.05 ? 90  ARG A NE  1 
ATOM   720  C  CZ  . ARG A 1 90  ? -12.503 1.341   13.280  1.00 43.80 ? 90  ARG A CZ  1 
ATOM   721  N  NH1 . ARG A 1 90  ? -13.653 1.260   12.608  1.00 45.31 ? 90  ARG A NH1 1 
ATOM   722  N  NH2 . ARG A 1 90  ? -12.463 2.034   14.416  1.00 43.63 ? 90  ARG A NH2 1 
ATOM   723  N  N   . VAL A 1 91  ? -8.031  0.030   8.303   1.00 36.21 ? 91  VAL A N   1 
ATOM   724  C  CA  . VAL A 1 91  ? -7.839  -1.166  7.479   1.00 36.63 ? 91  VAL A CA  1 
ATOM   725  C  C   . VAL A 1 91  ? -6.948  -2.181  8.216   1.00 37.25 ? 91  VAL A C   1 
ATOM   726  O  O   . VAL A 1 91  ? -7.133  -3.402  8.071   1.00 39.07 ? 91  VAL A O   1 
ATOM   727  C  CB  . VAL A 1 91  ? -7.270  -0.808  6.081   1.00 35.27 ? 91  VAL A CB  1 
ATOM   728  C  CG1 . VAL A 1 91  ? -6.887  -2.059  5.319   1.00 35.21 ? 91  VAL A CG1 1 
ATOM   729  C  CG2 . VAL A 1 91  ? -8.282  0.008   5.310   1.00 36.50 ? 91  VAL A CG2 1 
ATOM   730  N  N   . PHE A 1 92  ? -5.991  -1.680  9.001   1.00 37.01 ? 92  PHE A N   1 
ATOM   731  C  CA  . PHE A 1 92  ? -5.145  -2.514  9.843   1.00 36.11 ? 92  PHE A CA  1 
ATOM   732  C  C   . PHE A 1 92  ? -5.800  -2.841  11.188  1.00 36.02 ? 92  PHE A C   1 
ATOM   733  O  O   . PHE A 1 92  ? -5.763  -3.975  11.624  1.00 36.26 ? 92  PHE A O   1 
ATOM   734  C  CB  . PHE A 1 92  ? -3.801  -1.822  10.136  1.00 36.20 ? 92  PHE A CB  1 
ATOM   735  C  CG  . PHE A 1 92  ? -2.970  -1.577  8.921   1.00 34.81 ? 92  PHE A CG  1 
ATOM   736  C  CD1 . PHE A 1 92  ? -2.894  -0.315  8.351   1.00 34.84 ? 92  PHE A CD1 1 
ATOM   737  C  CD2 . PHE A 1 92  ? -2.317  -2.628  8.306   1.00 34.78 ? 92  PHE A CD2 1 
ATOM   738  C  CE1 . PHE A 1 92  ? -2.120  -0.093  7.257   1.00 32.35 ? 92  PHE A CE1 1 
ATOM   739  C  CE2 . PHE A 1 92  ? -1.553  -2.427  7.193   1.00 35.12 ? 92  PHE A CE2 1 
ATOM   740  C  CZ  . PHE A 1 92  ? -1.443  -1.167  6.660   1.00 34.49 ? 92  PHE A CZ  1 
ATOM   741  N  N   . ASP A 1 93  ? -6.345  -1.832  11.859  1.00 35.13 ? 93  ASP A N   1 
ATOM   742  C  CA  . ASP A 1 93  ? -6.877  -1.963  13.215  1.00 35.45 ? 93  ASP A CA  1 
ATOM   743  C  C   . ASP A 1 93  ? -8.312  -2.489  13.139  1.00 35.22 ? 93  ASP A C   1 
ATOM   744  O  O   . ASP A 1 93  ? -9.283  -1.781  13.430  1.00 35.11 ? 93  ASP A O   1 
ATOM   745  C  CB  . ASP A 1 93  ? -6.800  -0.607  13.909  1.00 34.35 ? 93  ASP A CB  1 
ATOM   746  C  CG  . ASP A 1 93  ? -7.325  -0.641  15.305  1.00 35.70 ? 93  ASP A CG  1 
ATOM   747  O  OD1 . ASP A 1 93  ? -7.266  -1.735  15.918  1.00 32.59 ? 93  ASP A OD1 1 
ATOM   748  O  OD2 . ASP A 1 93  ? -7.755  0.439   15.761  1.00 36.29 ? 93  ASP A OD2 1 
ATOM   749  N  N   . LYS A 1 94  ? -8.403  -3.768  12.787  1.00 36.23 ? 94  LYS A N   1 
ATOM   750  C  CA  . LYS A 1 94  ? -9.656  -4.375  12.332  1.00 37.14 ? 94  LYS A CA  1 
ATOM   751  C  C   . LYS A 1 94  ? -10.712 -4.364  13.430  1.00 36.23 ? 94  LYS A C   1 
ATOM   752  O  O   . LYS A 1 94  ? -11.901 -4.240  13.133  1.00 36.36 ? 94  LYS A O   1 
ATOM   753  C  CB  . LYS A 1 94  ? -9.405  -5.812  11.823  1.00 37.55 ? 94  LYS A CB  1 
ATOM   754  C  CG  . LYS A 1 94  ? -8.404  -5.927  10.675  1.00 40.24 ? 94  LYS A CG  1 
ATOM   755  C  CD  . LYS A 1 94  ? -9.034  -5.805  9.319   1.00 42.67 ? 94  LYS A CD  1 
ATOM   756  C  CE  . LYS A 1 94  ? -8.106  -6.367  8.230   1.00 42.80 ? 94  LYS A CE  1 
ATOM   757  N  NZ  . LYS A 1 94  ? -8.463  -5.845  6.892   1.00 41.99 ? 94  LYS A NZ  1 
ATOM   758  N  N   . ASP A 1 95  ? -10.296 -4.491  14.696  1.00 36.07 ? 95  ASP A N   1 
ATOM   759  C  CA  . ASP A 1 95  ? -11.255 -4.433  15.826  1.00 35.32 ? 95  ASP A CA  1 
ATOM   760  C  C   . ASP A 1 95  ? -11.451 -3.033  16.433  1.00 34.84 ? 95  ASP A C   1 
ATOM   761  O  O   . ASP A 1 95  ? -12.192 -2.855  17.419  1.00 34.21 ? 95  ASP A O   1 
ATOM   762  C  CB  . ASP A 1 95  ? -10.874 -5.437  16.925  1.00 35.79 ? 95  ASP A CB  1 
ATOM   763  C  CG  . ASP A 1 95  ? -9.647  -5.024  17.713  1.00 37.17 ? 95  ASP A CG  1 
ATOM   764  O  OD1 . ASP A 1 95  ? -8.976  -4.043  17.354  1.00 36.50 ? 95  ASP A OD1 1 
ATOM   765  O  OD2 . ASP A 1 95  ? -9.367  -5.695  18.729  1.00 41.55 ? 95  ASP A OD2 1 
ATOM   766  N  N   . GLY A 1 96  ? -10.805 -2.031  15.841  1.00 35.76 ? 96  GLY A N   1 
ATOM   767  C  CA  . GLY A 1 96  ? -11.062 -0.647  16.200  1.00 35.82 ? 96  GLY A CA  1 
ATOM   768  C  C   . GLY A 1 96  ? -10.578 -0.244  17.572  1.00 35.83 ? 96  GLY A C   1 
ATOM   769  O  O   . GLY A 1 96  ? -10.926 0.828   18.043  1.00 37.37 ? 96  GLY A O   1 
ATOM   770  N  N   . ASN A 1 97  ? -9.749  -1.051  18.217  1.00 36.39 ? 97  ASN A N   1 
ATOM   771  C  CA  . ASN A 1 97  ? -9.340  -0.733  19.583  1.00 36.43 ? 97  ASN A CA  1 
ATOM   772  C  C   . ASN A 1 97  ? -8.225  0.307   19.716  1.00 36.27 ? 97  ASN A C   1 
ATOM   773  O  O   . ASN A 1 97  ? -7.870  0.652   20.831  1.00 37.63 ? 97  ASN A O   1 
ATOM   774  C  CB  . ASN A 1 97  ? -9.021  -1.997  20.415  1.00 35.91 ? 97  ASN A CB  1 
ATOM   775  C  CG  . ASN A 1 97  ? -7.635  -2.506  20.187  1.00 38.06 ? 97  ASN A CG  1 
ATOM   776  O  OD1 . ASN A 1 97  ? -7.057  -2.239  19.141  1.00 37.42 ? 97  ASN A OD1 1 
ATOM   777  N  ND2 . ASN A 1 97  ? -7.078  -3.231  21.171  1.00 36.89 ? 97  ASN A ND2 1 
ATOM   778  N  N   . GLY A 1 98  ? -7.695  0.834   18.613  1.00 36.17 ? 98  GLY A N   1 
ATOM   779  C  CA  . GLY A 1 98  ? -6.651  1.848   18.702  1.00 36.47 ? 98  GLY A CA  1 
ATOM   780  C  C   . GLY A 1 98  ? -5.238  1.295   18.596  1.00 37.17 ? 98  GLY A C   1 
ATOM   781  O  O   . GLY A 1 98  ? -4.264  2.053   18.623  1.00 39.14 ? 98  GLY A O   1 
ATOM   782  N  N   . TYR A 1 99  ? -5.121  -0.017  18.431  1.00 37.12 ? 99  TYR A N   1 
ATOM   783  C  CA  . TYR A 1 99  ? -3.812  -0.661  18.317  1.00 37.31 ? 99  TYR A CA  1 
ATOM   784  C  C   . TYR A 1 99  ? -3.833  -1.705  17.223  1.00 36.66 ? 99  TYR A C   1 
ATOM   785  O  O   . TYR A 1 99  ? -4.681  -2.581  17.227  1.00 37.83 ? 99  TYR A O   1 
ATOM   786  C  CB  . TYR A 1 99  ? -3.468  -1.377  19.632  1.00 37.72 ? 99  TYR A CB  1 
ATOM   787  C  CG  . TYR A 1 99  ? -3.370  -0.461  20.816  1.00 39.04 ? 99  TYR A CG  1 
ATOM   788  C  CD1 . TYR A 1 99  ? -2.142  0.075   21.209  1.00 39.14 ? 99  TYR A CD1 1 
ATOM   789  C  CD2 . TYR A 1 99  ? -4.513  -0.072  21.513  1.00 36.55 ? 99  TYR A CD2 1 
ATOM   790  C  CE1 . TYR A 1 99  ? -2.066  0.942   22.282  1.00 41.17 ? 99  TYR A CE1 1 
ATOM   791  C  CE2 . TYR A 1 99  ? -4.443  0.808   22.544  1.00 38.82 ? 99  TYR A CE2 1 
ATOM   792  C  CZ  . TYR A 1 99  ? -3.230  1.302   22.944  1.00 40.67 ? 99  TYR A CZ  1 
ATOM   793  O  OH  . TYR A 1 99  ? -3.196  2.154   24.033  1.00 44.38 ? 99  TYR A OH  1 
ATOM   794  N  N   . ILE A 1 100 ? -2.865  -1.631  16.319  1.00 35.03 ? 100 ILE A N   1 
ATOM   795  C  CA  . ILE A 1 100 ? -2.671  -2.665  15.322  1.00 35.12 ? 100 ILE A CA  1 
ATOM   796  C  C   . ILE A 1 100 ? -1.850  -3.745  15.972  1.00 34.45 ? 100 ILE A C   1 
ATOM   797  O  O   . ILE A 1 100 ? -0.680  -3.534  16.331  1.00 34.67 ? 100 ILE A O   1 
ATOM   798  C  CB  . ILE A 1 100 ? -1.914  -2.163  14.067  1.00 34.77 ? 100 ILE A CB  1 
ATOM   799  C  CG1 . ILE A 1 100 ? -2.654  -0.966  13.441  1.00 34.91 ? 100 ILE A CG1 1 
ATOM   800  C  CG2 . ILE A 1 100 ? -1.744  -3.330  13.062  1.00 34.45 ? 100 ILE A CG2 1 
ATOM   801  C  CD1 . ILE A 1 100 ? -1.857  -0.210  12.380  1.00 34.39 ? 100 ILE A CD1 1 
ATOM   802  N  N   . SER A 1 101 ? -2.439  -4.923  16.112  1.00 34.28 ? 101 SER A N   1 
ATOM   803  C  CA  . SER A 1 101 ? -1.733  -6.074  16.671  1.00 33.55 ? 101 SER A CA  1 
ATOM   804  C  C   . SER A 1 101 ? -0.970  -6.843  15.598  1.00 32.88 ? 101 SER A C   1 
ATOM   805  O  O   . SER A 1 101 ? -1.228  -6.689  14.441  1.00 33.62 ? 101 SER A O   1 
ATOM   806  C  CB  . SER A 1 101 ? -2.745  -6.999  17.314  1.00 32.34 ? 101 SER A CB  1 
ATOM   807  O  OG  . SER A 1 101 ? -3.521  -7.734  16.361  1.00 33.59 ? 101 SER A OG  1 
ATOM   808  N  N   . ALA A 1 102 ? -0.018  -7.682  16.003  1.00 32.55 ? 102 ALA A N   1 
ATOM   809  C  CA  . ALA A 1 102 ? 0.647   -8.604  15.084  1.00 31.17 ? 102 ALA A CA  1 
ATOM   810  C  C   . ALA A 1 102 ? -0.363  -9.494  14.328  1.00 32.76 ? 102 ALA A C   1 
ATOM   811  O  O   . ALA A 1 102 ? -0.249  -9.697  13.119  1.00 32.76 ? 102 ALA A O   1 
ATOM   812  C  CB  . ALA A 1 102 ? 1.720   -9.463  15.791  1.00 30.90 ? 102 ALA A CB  1 
ATOM   813  N  N   . ALA A 1 103 ? -1.395  -9.985  15.002  1.00 33.10 ? 103 ALA A N   1 
ATOM   814  C  CA  . ALA A 1 103 ? -2.411  -10.801 14.314  1.00 33.81 ? 103 ALA A CA  1 
ATOM   815  C  C   . ALA A 1 103 ? -3.187  -9.988  13.285  1.00 34.08 ? 103 ALA A C   1 
ATOM   816  O  O   . ALA A 1 103 ? -3.512  -10.466 12.183  1.00 34.78 ? 103 ALA A O   1 
ATOM   817  C  CB  . ALA A 1 103 ? -3.363  -11.389 15.335  1.00 33.32 ? 103 ALA A CB  1 
ATOM   818  N  N   . GLU A 1 104 ? -3.449  -8.730  13.610  1.00 34.38 ? 104 GLU A N   1 
ATOM   819  C  CA  . GLU A 1 104 ? -4.101  -7.863  12.632  1.00 35.15 ? 104 GLU A CA  1 
ATOM   820  C  C   . GLU A 1 104 ? -3.238  -7.636  11.410  1.00 35.27 ? 104 GLU A C   1 
ATOM   821  O  O   . GLU A 1 104 ? -3.730  -7.690  10.280  1.00 35.82 ? 104 GLU A O   1 
ATOM   822  C  CB  . GLU A 1 104 ? -4.532  -6.557  13.286  1.00 35.49 ? 104 GLU A CB  1 
ATOM   823  C  CG  . GLU A 1 104 ? -5.811  -6.773  14.085  1.00 36.05 ? 104 GLU A CG  1 
ATOM   824  C  CD  . GLU A 1 104 ? -6.203  -5.605  14.982  1.00 36.78 ? 104 GLU A CD  1 
ATOM   825  O  OE1 . GLU A 1 104 ? -5.321  -4.791  15.312  1.00 35.94 ? 104 GLU A OE1 1 
ATOM   826  O  OE2 . GLU A 1 104 ? -7.403  -5.490  15.350  1.00 35.77 ? 104 GLU A OE2 1 
ATOM   827  N  N   . LEU A 1 105 ? -1.945  -7.387  11.612  1.00 35.07 ? 105 LEU A N   1 
ATOM   828  C  CA  . LEU A 1 105 ? -1.065  -7.123  10.453  1.00 34.96 ? 105 LEU A CA  1 
ATOM   829  C  C   . LEU A 1 105 ? -0.884  -8.386  9.621   1.00 35.51 ? 105 LEU A C   1 
ATOM   830  O  O   . LEU A 1 105 ? -0.870  -8.311  8.412   1.00 35.81 ? 105 LEU A O   1 
ATOM   831  C  CB  . LEU A 1 105 ? 0.286   -6.566  10.891  1.00 34.72 ? 105 LEU A CB  1 
ATOM   832  C  CG  . LEU A 1 105 ? 1.310   -6.219  9.827   1.00 35.48 ? 105 LEU A CG  1 
ATOM   833  C  CD1 . LEU A 1 105 ? 0.677   -5.401  8.708   1.00 36.18 ? 105 LEU A CD1 1 
ATOM   834  C  CD2 . LEU A 1 105 ? 2.459   -5.469  10.509  1.00 35.18 ? 105 LEU A CD2 1 
ATOM   835  N  N   . ARG A 1 106 ? -0.728  -9.535  10.266  1.00 35.70 ? 106 ARG A N   1 
ATOM   836  C  CA  . ARG A 1 106 ? -0.707  -10.814 9.552   1.00 36.41 ? 106 ARG A CA  1 
ATOM   837  C  C   . ARG A 1 106 ? -2.007  -11.048 8.767   1.00 36.09 ? 106 ARG A C   1 
ATOM   838  O  O   . ARG A 1 106 ? -1.979  -11.664 7.698   1.00 35.64 ? 106 ARG A O   1 
ATOM   839  C  CB  . ARG A 1 106 ? -0.481  -11.984 10.516  1.00 36.57 ? 106 ARG A CB  1 
ATOM   840  C  CG  . ARG A 1 106 ? -0.769  -13.329 9.881   1.00 37.76 ? 106 ARG A CG  1 
ATOM   841  C  CD  . ARG A 1 106 ? -0.398  -14.501 10.754  1.00 39.30 ? 106 ARG A CD  1 
ATOM   842  N  NE  . ARG A 1 106 ? 1.052   -14.597 10.921  1.00 42.55 ? 106 ARG A NE  1 
ATOM   843  C  CZ  . ARG A 1 106 ? 1.716   -14.385 12.055  1.00 45.07 ? 106 ARG A CZ  1 
ATOM   844  N  NH1 . ARG A 1 106 ? 1.092   -14.067 13.186  1.00 46.45 ? 106 ARG A NH1 1 
ATOM   845  N  NH2 . ARG A 1 106 ? 3.036   -14.511 12.064  1.00 45.64 ? 106 ARG A NH2 1 
ATOM   846  N  N   . HIS A 1 107 ? -3.148  -10.591 9.287   1.00 35.29 ? 107 HIS A N   1 
ATOM   847  C  CA  . HIS A 1 107 ? -4.435  -10.788 8.574   1.00 35.23 ? 107 HIS A CA  1 
ATOM   848  C  C   . HIS A 1 107 ? -4.345  -10.082 7.221   1.00 34.26 ? 107 HIS A C   1 
ATOM   849  O  O   . HIS A 1 107 ? -4.697  -10.637 6.178   1.00 34.12 ? 107 HIS A O   1 
ATOM   850  C  CB  . HIS A 1 107 ? -5.605  -10.217 9.392   1.00 36.11 ? 107 HIS A CB  1 
ATOM   851  C  CG  . HIS A 1 107 ? -6.966  -10.607 8.888   1.00 39.10 ? 107 HIS A CG  1 
ATOM   852  N  ND1 . HIS A 1 107 ? -7.290  -10.637 7.550   1.00 42.11 ? 107 HIS A ND1 1 
ATOM   853  C  CD2 . HIS A 1 107 ? -8.100  -10.926 9.553   1.00 41.08 ? 107 HIS A CD2 1 
ATOM   854  C  CE1 . HIS A 1 107 ? -8.553  -10.995 7.407   1.00 40.91 ? 107 HIS A CE1 1 
ATOM   855  N  NE2 . HIS A 1 107 ? -9.070  -11.175 8.608   1.00 43.54 ? 107 HIS A NE2 1 
ATOM   856  N  N   . VAL A 1 108 ? -3.841  -8.857  7.229   1.00 33.87 ? 108 VAL A N   1 
ATOM   857  C  CA  . VAL A 1 108 ? -3.715  -8.089  5.996   1.00 33.63 ? 108 VAL A CA  1 
ATOM   858  C  C   . VAL A 1 108 ? -2.771  -8.799  5.033   1.00 33.22 ? 108 VAL A C   1 
ATOM   859  O  O   . VAL A 1 108 ? -3.109  -8.958  3.837   1.00 32.85 ? 108 VAL A O   1 
ATOM   860  C  CB  . VAL A 1 108 ? -3.246  -6.625  6.238   1.00 33.51 ? 108 VAL A CB  1 
ATOM   861  C  CG1 . VAL A 1 108 ? -2.960  -5.894  4.916   1.00 36.33 ? 108 VAL A CG1 1 
ATOM   862  C  CG2 . VAL A 1 108 ? -4.340  -5.855  7.030   1.00 32.91 ? 108 VAL A CG2 1 
ATOM   863  N  N   . MET A 1 109 ? -1.626  -9.258  5.558   1.00 33.33 ? 109 MET A N   1 
ATOM   864  C  CA  . MET A 1 109 ? -0.645  -9.963  4.731   1.00 32.97 ? 109 MET A CA  1 
ATOM   865  C  C   . MET A 1 109 ? -1.228  -11.271 4.166   1.00 32.59 ? 109 MET A C   1 
ATOM   866  O  O   . MET A 1 109 ? -0.963  -11.630 3.010   1.00 32.94 ? 109 MET A O   1 
ATOM   867  C  CB  . MET A 1 109 ? 0.658   -10.220 5.508   1.00 33.85 ? 109 MET A CB  1 
ATOM   868  C  CG  . MET A 1 109 ? 1.366   -8.954  5.969   1.00 35.62 ? 109 MET A CG  1 
ATOM   869  S  SD  . MET A 1 109 ? 1.625   -7.746  4.665   1.00 39.42 ? 109 MET A SD  1 
ATOM   870  C  CE  . MET A 1 109 ? 2.708   -8.628  3.559   1.00 40.68 ? 109 MET A CE  1 
ATOM   871  N  N   . THR A 1 110 ? -2.031  -11.956 4.979   1.00 33.06 ? 110 THR A N   1 
ATOM   872  C  CA  . THR A 1 110 ? -2.734  -13.161 4.540   1.00 33.25 ? 110 THR A CA  1 
ATOM   873  C  C   . THR A 1 110 ? -3.776  -12.887 3.450   1.00 32.62 ? 110 THR A C   1 
ATOM   874  O  O   . THR A 1 110 ? -3.915  -13.678 2.525   1.00 33.22 ? 110 THR A O   1 
ATOM   875  C  CB  . THR A 1 110 ? -3.394  -13.896 5.726   1.00 33.39 ? 110 THR A CB  1 
ATOM   876  O  OG1 . THR A 1 110 ? -2.370  -14.375 6.607   1.00 36.54 ? 110 THR A OG1 1 
ATOM   877  C  CG2 . THR A 1 110 ? -4.208  -15.051 5.248   1.00 33.49 ? 110 THR A CG2 1 
ATOM   878  N  N   . ASN A 1 111 ? -4.505  -11.779 3.551   1.00 32.53 ? 111 ASN A N   1 
ATOM   879  C  CA  . ASN A 1 111 ? -5.428  -11.378 2.490   1.00 32.26 ? 111 ASN A CA  1 
ATOM   880  C  C   . ASN A 1 111 ? -4.655  -11.147 1.178   1.00 31.18 ? 111 ASN A C   1 
ATOM   881  O  O   . ASN A 1 111 ? -5.120  -11.497 0.102   1.00 30.75 ? 111 ASN A O   1 
ATOM   882  C  CB  . ASN A 1 111 ? -6.187  -10.105 2.889   1.00 33.02 ? 111 ASN A CB  1 
ATOM   883  C  CG  . ASN A 1 111 ? -7.382  -10.383 3.796   1.00 35.08 ? 111 ASN A CG  1 
ATOM   884  O  OD1 . ASN A 1 111 ? -8.089  -11.380 3.631   1.00 39.21 ? 111 ASN A OD1 1 
ATOM   885  N  ND2 . ASN A 1 111 ? -7.629  -9.476  4.747   1.00 38.51 ? 111 ASN A ND2 1 
ATOM   886  N  N   . LEU A 1 112 ? -3.454  -10.576 1.299   1.00 30.01 ? 112 LEU A N   1 
ATOM   887  C  CA  . LEU A 1 112 ? -2.558  -10.351 0.147   1.00 29.91 ? 112 LEU A CA  1 
ATOM   888  C  C   . LEU A 1 112 ? -1.863  -11.615 -0.380  1.00 30.05 ? 112 LEU A C   1 
ATOM   889  O  O   . LEU A 1 112 ? -1.224  -11.566 -1.425  1.00 29.79 ? 112 LEU A O   1 
ATOM   890  C  CB  . LEU A 1 112 ? -1.486  -9.311  0.488   1.00 30.22 ? 112 LEU A CB  1 
ATOM   891  C  CG  . LEU A 1 112 ? -1.994  -7.867  0.672   1.00 30.22 ? 112 LEU A CG  1 
ATOM   892  C  CD1 . LEU A 1 112 ? -0.946  -7.058  1.491   1.00 29.93 ? 112 LEU A CD1 1 
ATOM   893  C  CD2 . LEU A 1 112 ? -2.340  -7.188  -0.649  1.00 28.76 ? 112 LEU A CD2 1 
ATOM   894  N  N   . GLY A 1 113 ? -1.981  -12.745 0.326   1.00 31.20 ? 113 GLY A N   1 
ATOM   895  C  CA  . GLY A 1 113 ? -1.471  -14.028 -0.186  1.00 32.13 ? 113 GLY A CA  1 
ATOM   896  C  C   . GLY A 1 113 ? -0.079  -14.360 0.322   1.00 33.55 ? 113 GLY A C   1 
ATOM   897  O  O   . GLY A 1 113 ? 0.528   -15.347 -0.102  1.00 33.87 ? 113 GLY A O   1 
ATOM   898  N  N   . GLU A 1 114 ? 0.431   -13.530 1.225   1.00 33.72 ? 114 GLU A N   1 
ATOM   899  C  CA  . GLU A 1 114 ? 1.738   -13.750 1.816   1.00 34.59 ? 114 GLU A CA  1 
ATOM   900  C  C   . GLU A 1 114 ? 1.553   -14.525 3.103   1.00 35.64 ? 114 GLU A C   1 
ATOM   901  O  O   . GLU A 1 114 ? 0.549   -14.367 3.794   1.00 36.61 ? 114 GLU A O   1 
ATOM   902  C  CB  . GLU A 1 114 ? 2.444   -12.419 2.098   1.00 34.46 ? 114 GLU A CB  1 
ATOM   903  C  CG  . GLU A 1 114 ? 2.572   -11.510 0.889   1.00 34.79 ? 114 GLU A CG  1 
ATOM   904  C  CD  . GLU A 1 114 ? 3.287   -12.171 -0.270  1.00 36.62 ? 114 GLU A CD  1 
ATOM   905  O  OE1 . GLU A 1 114 ? 4.195   -13.001 -0.019  1.00 37.47 ? 114 GLU A OE1 1 
ATOM   906  O  OE2 . GLU A 1 114 ? 2.945   -11.870 -1.438  1.00 39.60 ? 114 GLU A OE2 1 
ATOM   907  N  N   . LYS A 1 115 ? 2.512   -15.390 3.400   1.00 36.15 ? 115 LYS A N   1 
ATOM   908  C  CA  . LYS A 1 115 ? 2.541   -16.111 4.666   1.00 36.74 ? 115 LYS A CA  1 
ATOM   909  C  C   . LYS A 1 115 ? 3.838   -15.734 5.355   1.00 37.08 ? 115 LYS A C   1 
ATOM   910  O  O   . LYS A 1 115 ? 4.918   -16.066 4.869   1.00 38.13 ? 115 LYS A O   1 
ATOM   911  C  CB  . LYS A 1 115 ? 2.430   -17.625 4.456   1.00 36.69 ? 115 LYS A CB  1 
ATOM   912  C  CG  . LYS A 1 115 ? 3.036   -18.149 3.161   1.00 37.13 ? 115 LYS A CG  1 
ATOM   913  C  CD  . LYS A 1 115 ? 3.091   -19.664 3.133   1.00 37.14 ? 115 LYS A CD  1 
ATOM   914  C  CE  . LYS A 1 115 ? 3.538   -20.170 1.775   1.00 37.36 ? 115 LYS A CE  1 
ATOM   915  N  NZ  . LYS A 1 115 ? 3.566   -21.653 1.732   1.00 38.22 ? 115 LYS A NZ  1 
ATOM   916  N  N   . LEU A 1 116 ? 3.719   -15.019 6.470   1.00 36.99 ? 116 LEU A N   1 
ATOM   917  C  CA  . LEU A 1 116 ? 4.871   -14.489 7.196   1.00 36.82 ? 116 LEU A CA  1 
ATOM   918  C  C   . LEU A 1 116 ? 5.063   -15.271 8.471   1.00 37.06 ? 116 LEU A C   1 
ATOM   919  O  O   . LEU A 1 116 ? 4.093   -15.761 9.041   1.00 37.40 ? 116 LEU A O   1 
ATOM   920  C  CB  . LEU A 1 116 ? 4.661   -13.016 7.557   1.00 37.24 ? 116 LEU A CB  1 
ATOM   921  C  CG  . LEU A 1 116 ? 5.050   -12.007 6.485   1.00 36.96 ? 116 LEU A CG  1 
ATOM   922  C  CD1 . LEU A 1 116 ? 4.102   -12.153 5.317   1.00 36.23 ? 116 LEU A CD1 1 
ATOM   923  C  CD2 . LEU A 1 116 ? 5.061   -10.584 7.045   1.00 35.59 ? 116 LEU A CD2 1 
ATOM   924  N  N   . THR A 1 117 ? 6.309   -15.360 8.927   1.00 36.78 ? 117 THR A N   1 
ATOM   925  C  CA  . THR A 1 117 ? 6.603   -15.898 10.252  1.00 36.56 ? 117 THR A CA  1 
ATOM   926  C  C   . THR A 1 117 ? 6.341   -14.801 11.274  1.00 36.56 ? 117 THR A C   1 
ATOM   927  O  O   . THR A 1 117 ? 6.253   -13.613 10.919  1.00 36.65 ? 117 THR A O   1 
ATOM   928  C  CB  . THR A 1 117 ? 8.081   -16.328 10.390  1.00 36.78 ? 117 THR A CB  1 
ATOM   929  O  OG1 . THR A 1 117 ? 8.923   -15.169 10.404  1.00 36.65 ? 117 THR A OG1 1 
ATOM   930  C  CG2 . THR A 1 117 ? 8.492   -17.236 9.247   1.00 36.55 ? 117 THR A CG2 1 
ATOM   931  N  N   . ASP A 1 118 ? 6.241   -15.195 12.538  1.00 36.35 ? 118 ASP A N   1 
ATOM   932  C  CA  . ASP A 1 118 ? 6.076   -14.237 13.635  1.00 36.38 ? 118 ASP A CA  1 
ATOM   933  C  C   . ASP A 1 118 ? 7.202   -13.212 13.656  1.00 36.33 ? 118 ASP A C   1 
ATOM   934  O  O   . ASP A 1 118 ? 6.957   -12.024 13.887  1.00 36.68 ? 118 ASP A O   1 
ATOM   935  C  CB  . ASP A 1 118 ? 6.011   -14.951 14.983  1.00 36.34 ? 118 ASP A CB  1 
ATOM   936  C  CG  . ASP A 1 118 ? 4.773   -15.832 15.128  1.00 37.28 ? 118 ASP A CG  1 
ATOM   937  O  OD1 . ASP A 1 118 ? 4.036   -16.029 14.136  1.00 38.67 ? 118 ASP A OD1 1 
ATOM   938  O  OD2 . ASP A 1 118 ? 4.536   -16.329 16.245  1.00 35.60 ? 118 ASP A OD2 1 
ATOM   939  N  N   . GLU A 1 119 ? 8.422   -13.652 13.361  1.00 36.02 ? 119 GLU A N   1 
ATOM   940  C  CA  . GLU A 1 119 ? 9.558   -12.738 13.348  1.00 35.65 ? 119 GLU A CA  1 
ATOM   941  C  C   . GLU A 1 119 ? 9.406   -11.670 12.275  1.00 34.74 ? 119 GLU A C   1 
ATOM   942  O  O   . GLU A 1 119 ? 9.651   -10.501 12.541  1.00 34.48 ? 119 GLU A O   1 
ATOM   943  C  CB  . GLU A 1 119 ? 10.885  -13.486 13.173  1.00 36.19 ? 119 GLU A CB  1 
ATOM   944  C  CG  . GLU A 1 119 ? 12.118  -12.610 13.410  1.00 38.51 ? 119 GLU A CG  1 
ATOM   945  C  CD  . GLU A 1 119 ? 11.960  -11.672 14.603  1.00 41.54 ? 119 GLU A CD  1 
ATOM   946  O  OE1 . GLU A 1 119 ? 12.103  -12.141 15.754  1.00 43.52 ? 119 GLU A OE1 1 
ATOM   947  O  OE2 . GLU A 1 119 ? 11.670  -10.470 14.394  1.00 42.60 ? 119 GLU A OE2 1 
ATOM   948  N  N   . GLU A 1 120 ? 8.992   -12.078 11.079  1.00 33.08 ? 120 GLU A N   1 
ATOM   949  C  CA  . GLU A 1 120 ? 8.768   -11.152 9.967   1.00 32.61 ? 120 GLU A CA  1 
ATOM   950  C  C   . GLU A 1 120 ? 7.655   -10.153 10.248  1.00 32.14 ? 120 GLU A C   1 
ATOM   951  O  O   . GLU A 1 120 ? 7.780   -8.965  9.926   1.00 30.95 ? 120 GLU A O   1 
ATOM   952  C  CB  . GLU A 1 120 ? 8.495   -11.932 8.685   1.00 32.82 ? 120 GLU A CB  1 
ATOM   953  C  CG  . GLU A 1 120 ? 9.796   -12.501 8.081   1.00 32.80 ? 120 GLU A CG  1 
ATOM   954  C  CD  . GLU A 1 120 ? 9.576   -13.614 7.089   1.00 33.26 ? 120 GLU A CD  1 
ATOM   955  O  OE1 . GLU A 1 120 ? 8.476   -14.203 7.082   1.00 32.12 ? 120 GLU A OE1 1 
ATOM   956  O  OE2 . GLU A 1 120 ? 10.519  -13.904 6.312   1.00 33.16 ? 120 GLU A OE2 1 
ATOM   957  N  N   . VAL A 1 121 ? 6.577   -10.621 10.878  1.00 31.13 ? 121 VAL A N   1 
ATOM   958  C  CA  . VAL A 1 121 ? 5.525   -9.702  11.309  1.00 32.08 ? 121 VAL A CA  1 
ATOM   959  C  C   . VAL A 1 121 ? 6.048   -8.734  12.375  1.00 31.83 ? 121 VAL A C   1 
ATOM   960  O  O   . VAL A 1 121 ? 5.816   -7.543  12.261  1.00 31.81 ? 121 VAL A O   1 
ATOM   961  C  CB  . VAL A 1 121 ? 4.277   -10.418 11.824  1.00 31.15 ? 121 VAL A CB  1 
ATOM   962  C  CG1 . VAL A 1 121 ? 3.197   -9.380  12.192  1.00 32.99 ? 121 VAL A CG1 1 
ATOM   963  C  CG2 . VAL A 1 121 ? 3.723   -11.402 10.785  1.00 32.50 ? 121 VAL A CG2 1 
ATOM   964  N  N   . ASP A 1 122 ? 6.759   -9.228  13.396  1.00 32.96 ? 122 ASP A N   1 
ATOM   965  C  CA  . ASP A 1 122 ? 7.350   -8.332  14.406  1.00 33.66 ? 122 ASP A CA  1 
ATOM   966  C  C   . ASP A 1 122 ? 8.314   -7.294  13.790  1.00 33.99 ? 122 ASP A C   1 
ATOM   967  O  O   . ASP A 1 122 ? 8.357   -6.133  14.216  1.00 34.49 ? 122 ASP A O   1 
ATOM   968  C  CB  . ASP A 1 122 ? 8.114   -9.142  15.443  1.00 32.79 ? 122 ASP A CB  1 
ATOM   969  C  CG  . ASP A 1 122 ? 7.204   -9.929  16.399  1.00 34.43 ? 122 ASP A CG  1 
ATOM   970  O  OD1 . ASP A 1 122 ? 5.996   -9.649  16.464  1.00 36.79 ? 122 ASP A OD1 1 
ATOM   971  O  OD2 . ASP A 1 122 ? 7.724   -10.812 17.095  1.00 36.10 ? 122 ASP A OD2 1 
ATOM   972  N  N   . GLU A 1 123 ? 9.071   -7.723  12.786  1.00 34.51 ? 123 GLU A N   1 
ATOM   973  C  CA  . GLU A 1 123 ? 9.979   -6.843  12.056  1.00 34.75 ? 123 GLU A CA  1 
ATOM   974  C  C   . GLU A 1 123 ? 9.220   -5.678  11.425  1.00 34.28 ? 123 GLU A C   1 
ATOM   975  O  O   . GLU A 1 123 ? 9.675   -4.531  11.459  1.00 34.65 ? 123 GLU A O   1 
ATOM   976  C  CB  . GLU A 1 123 ? 10.742  -7.638  10.995  1.00 35.22 ? 123 GLU A CB  1 
ATOM   977  C  CG  . GLU A 1 123 ? 11.683  -6.802  10.156  1.00 36.67 ? 123 GLU A CG  1 
ATOM   978  C  CD  . GLU A 1 123 ? 12.465  -7.609  9.131   1.00 37.42 ? 123 GLU A CD  1 
ATOM   979  O  OE1 . GLU A 1 123 ? 11.995  -8.691  8.700   1.00 41.86 ? 123 GLU A OE1 1 
ATOM   980  O  OE2 . GLU A 1 123 ? 13.570  -7.152  8.740   1.00 42.42 ? 123 GLU A OE2 1 
ATOM   981  N  N   . MET A 1 124 ? 8.071   -5.978  10.837  1.00 34.37 ? 124 MET A N   1 
ATOM   982  C  CA  . MET A 1 124 ? 7.210   -4.937  10.292  1.00 34.24 ? 124 MET A CA  1 
ATOM   983  C  C   . MET A 1 124 ? 6.739   -3.969  11.391  1.00 34.05 ? 124 MET A C   1 
ATOM   984  O  O   . MET A 1 124 ? 6.749   -2.759  11.181  1.00 34.63 ? 124 MET A O   1 
ATOM   985  C  CB  . MET A 1 124 ? 6.003   -5.584  9.599   1.00 34.12 ? 124 MET A CB  1 
ATOM   986  C  CG  . MET A 1 124 ? 6.368   -6.334  8.337   1.00 34.95 ? 124 MET A CG  1 
ATOM   987  S  SD  . MET A 1 124 ? 4.967   -7.030  7.461   1.00 35.87 ? 124 MET A SD  1 
ATOM   988  C  CE  . MET A 1 124 ? 4.263   -5.556  6.683   1.00 33.89 ? 124 MET A CE  1 
ATOM   989  N  N   . ILE A 1 125 ? 6.336   -4.502  12.540  0.50 31.18 ? 125 ILE A N   1 
ATOM   990  C  CA  . ILE A 1 125 ? 5.809   -3.674  13.622  0.50 31.40 ? 125 ILE A CA  1 
ATOM   991  C  C   . ILE A 1 125 ? 6.890   -2.755  14.192  0.50 31.25 ? 125 ILE A C   1 
ATOM   992  O  O   . ILE A 1 125 ? 6.610   -1.626  14.586  0.50 30.40 ? 125 ILE A O   1 
ATOM   993  C  CB  . ILE A 1 125 ? 5.202   -4.532  14.731  0.50 31.24 ? 125 ILE A CB  1 
ATOM   994  C  CG1 A ILE A 1 125 ? 3.995   -5.331  14.206  0.60 34.25 ? 125 ILE A CG1 1 
ATOM   995  C  CG1 B ILE A 1 125 ? 3.956   -5.232  14.192  0.40 32.66 ? 125 ILE A CG1 1 
ATOM   996  C  CG2 . ILE A 1 125 ? 4.840   -3.657  15.930  0.50 31.34 ? 125 ILE A CG2 1 
ATOM   997  C  CD1 A ILE A 1 125 ? 2.656   -4.768  14.559  0.60 35.50 ? 125 ILE A CD1 1 
ATOM   998  C  CD1 B ILE A 1 125 ? 3.352   -6.180  15.155  0.40 31.27 ? 125 ILE A CD1 1 
ATOM   999  N  N   . ARG A 1 126 ? 8.129   -3.221  14.168  1.00 33.78 ? 126 ARG A N   1 
ATOM   1000 C  CA  . ARG A 1 126 ? 9.268   -2.430  14.664  1.00 35.79 ? 126 ARG A CA  1 
ATOM   1001 C  C   . ARG A 1 126 ? 9.526   -1.156  13.834  1.00 36.26 ? 126 ARG A C   1 
ATOM   1002 O  O   . ARG A 1 126 ? 10.260  -0.263  14.255  1.00 38.08 ? 126 ARG A O   1 
ATOM   1003 C  CB  . ARG A 1 126 ? 10.562  -3.279  14.714  1.00 36.37 ? 126 ARG A CB  1 
ATOM   1004 C  CG  . ARG A 1 126 ? 10.686  -4.210  15.911  1.00 38.72 ? 126 ARG A CG  1 
ATOM   1005 C  CD  . ARG A 1 126 ? 12.130  -4.569  16.192  1.00 38.67 ? 126 ARG A CD  1 
ATOM   1006 N  NE  . ARG A 1 126 ? 12.762  -5.069  14.977  1.00 40.83 ? 126 ARG A NE  1 
ATOM   1007 C  CZ  . ARG A 1 126 ? 12.624  -6.308  14.508  1.00 41.80 ? 126 ARG A CZ  1 
ATOM   1008 N  NH1 . ARG A 1 126 ? 11.898  -7.212  15.167  1.00 42.64 ? 126 ARG A NH1 1 
ATOM   1009 N  NH2 . ARG A 1 126 ? 13.221  -6.644  13.368  1.00 43.06 ? 126 ARG A NH2 1 
ATOM   1010 N  N   . GLU A 1 127 ? 8.956   -1.068  12.630  1.00 36.95 ? 127 GLU A N   1 
ATOM   1011 C  CA  . GLU A 1 127 ? 9.118   0.133   11.828  1.00 35.33 ? 127 GLU A CA  1 
ATOM   1012 C  C   . GLU A 1 127 ? 8.401   1.311   12.469  1.00 35.78 ? 127 GLU A C   1 
ATOM   1013 O  O   . GLU A 1 127 ? 8.793   2.469   12.276  1.00 36.25 ? 127 GLU A O   1 
ATOM   1014 C  CB  . GLU A 1 127 ? 8.554   -0.061  10.423  1.00 35.44 ? 127 GLU A CB  1 
ATOM   1015 C  CG  . GLU A 1 127 ? 9.282   -1.101  9.593   1.00 35.45 ? 127 GLU A CG  1 
ATOM   1016 C  CD  . GLU A 1 127 ? 8.669   -1.278  8.220   1.00 35.25 ? 127 GLU A CD  1 
ATOM   1017 O  OE1 . GLU A 1 127 ? 8.420   -0.254  7.537   1.00 34.41 ? 127 GLU A OE1 1 
ATOM   1018 O  OE2 . GLU A 1 127 ? 8.443   -2.452  7.845   1.00 35.40 ? 127 GLU A OE2 1 
ATOM   1019 N  N   . ALA A 1 128 ? 7.327   1.021   13.203  1.00 35.72 ? 128 ALA A N   1 
ATOM   1020 C  CA  . ALA A 1 128 ? 6.520   2.095   13.785  1.00 36.18 ? 128 ALA A CA  1 
ATOM   1021 C  C   . ALA A 1 128 ? 6.479   2.094   15.304  1.00 35.92 ? 128 ALA A C   1 
ATOM   1022 O  O   . ALA A 1 128 ? 6.095   3.088   15.881  1.00 34.68 ? 128 ALA A O   1 
ATOM   1023 C  CB  . ALA A 1 128 ? 5.101   2.023   13.250  1.00 36.87 ? 128 ALA A CB  1 
ATOM   1024 N  N   . ASP A 1 129 ? 6.874   0.993   15.927  1.00 35.91 ? 129 ASP A N   1 
ATOM   1025 C  CA  . ASP A 1 129 ? 6.559   0.745   17.343  1.00 37.02 ? 129 ASP A CA  1 
ATOM   1026 C  C   . ASP A 1 129 ? 7.519   1.437   18.296  1.00 38.35 ? 129 ASP A C   1 
ATOM   1027 O  O   . ASP A 1 129 ? 8.462   0.824   18.789  1.00 40.18 ? 129 ASP A O   1 
ATOM   1028 C  CB  . ASP A 1 129 ? 6.535   -0.756  17.614  1.00 36.32 ? 129 ASP A CB  1 
ATOM   1029 C  CG  . ASP A 1 129 ? 6.192   -1.092  19.072  1.00 34.62 ? 129 ASP A CG  1 
ATOM   1030 O  OD1 . ASP A 1 129 ? 5.483   -0.296  19.759  1.00 33.47 ? 129 ASP A OD1 1 
ATOM   1031 O  OD2 . ASP A 1 129 ? 6.640   -2.150  19.551  1.00 36.20 ? 129 ASP A OD2 1 
ATOM   1032 N  N   . ILE A 1 130 ? 7.233   2.700   18.598  1.00 39.10 ? 130 ILE A N   1 
ATOM   1033 C  CA  . ILE A 1 130 ? 8.111   3.517   19.437  1.00 39.44 ? 130 ILE A CA  1 
ATOM   1034 C  C   . ILE A 1 130 ? 8.207   3.027   20.881  1.00 39.92 ? 130 ILE A C   1 
ATOM   1035 O  O   . ILE A 1 130 ? 9.322   2.917   21.418  1.00 40.66 ? 130 ILE A O   1 
ATOM   1036 C  CB  . ILE A 1 130 ? 7.677   5.010   19.405  1.00 39.60 ? 130 ILE A CB  1 
ATOM   1037 C  CG1 . ILE A 1 130 ? 7.600   5.529   17.955  1.00 39.22 ? 130 ILE A CG1 1 
ATOM   1038 C  CG2 . ILE A 1 130 ? 8.622   5.878   20.236  1.00 39.85 ? 130 ILE A CG2 1 
ATOM   1039 C  CD1 . ILE A 1 130 ? 8.778   5.167   17.084  1.00 39.66 ? 130 ILE A CD1 1 
ATOM   1040 N  N   . ASP A 1 131 ? 7.071   2.708   21.515  1.00 40.06 ? 131 ASP A N   1 
ATOM   1041 C  CA  . ASP A 1 131 ? 7.074   2.312   22.936  1.00 40.04 ? 131 ASP A CA  1 
ATOM   1042 C  C   . ASP A 1 131 ? 7.290   0.820   23.230  1.00 39.29 ? 131 ASP A C   1 
ATOM   1043 O  O   . ASP A 1 131 ? 7.217   0.407   24.384  1.00 38.94 ? 131 ASP A O   1 
ATOM   1044 C  CB  . ASP A 1 131 ? 5.835   2.853   23.686  1.00 40.47 ? 131 ASP A CB  1 
ATOM   1045 C  CG  . ASP A 1 131 ? 4.515   2.196   23.269  1.00 42.09 ? 131 ASP A CG  1 
ATOM   1046 O  OD1 . ASP A 1 131 ? 4.476   1.338   22.365  1.00 39.10 ? 131 ASP A OD1 1 
ATOM   1047 O  OD2 . ASP A 1 131 ? 3.492   2.567   23.887  1.00 46.27 ? 131 ASP A OD2 1 
ATOM   1048 N  N   . GLY A 1 132 ? 7.539   0.018   22.196  1.00 38.47 ? 132 GLY A N   1 
ATOM   1049 C  CA  . GLY A 1 132 ? 7.990   -1.364  22.388  1.00 37.99 ? 132 GLY A CA  1 
ATOM   1050 C  C   . GLY A 1 132 ? 6.960   -2.357  22.896  1.00 37.57 ? 132 GLY A C   1 
ATOM   1051 O  O   . GLY A 1 132 ? 7.331   -3.398  23.457  1.00 37.40 ? 132 GLY A O   1 
ATOM   1052 N  N   . ASP A 1 133 ? 5.676   -2.053  22.712  1.00 36.66 ? 133 ASP A N   1 
ATOM   1053 C  CA  . ASP A 1 133 ? 4.609   -2.926  23.215  1.00 35.31 ? 133 ASP A CA  1 
ATOM   1054 C  C   . ASP A 1 133 ? 4.191   -3.979  22.190  1.00 35.26 ? 133 ASP A C   1 
ATOM   1055 O  O   . ASP A 1 133 ? 3.236   -4.734  22.413  1.00 33.97 ? 133 ASP A O   1 
ATOM   1056 C  CB  . ASP A 1 133 ? 3.387   -2.101  23.677  1.00 35.73 ? 133 ASP A CB  1 
ATOM   1057 C  CG  . ASP A 1 133 ? 2.580   -1.518  22.538  1.00 35.95 ? 133 ASP A CG  1 
ATOM   1058 O  OD1 . ASP A 1 133 ? 3.064   -1.434  21.372  1.00 34.86 ? 133 ASP A OD1 1 
ATOM   1059 O  OD2 . ASP A 1 133 ? 1.452   -1.072  22.799  1.00 34.30 ? 133 ASP A OD2 1 
ATOM   1060 N  N   . GLY A 1 134 ? 4.910   -4.030  21.078  1.00 33.30 ? 134 GLY A N   1 
ATOM   1061 C  CA  . GLY A 1 134 ? 4.643   -5.016  20.039  1.00 34.53 ? 134 GLY A CA  1 
ATOM   1062 C  C   . GLY A 1 134 ? 3.418   -4.723  19.206  1.00 33.50 ? 134 GLY A C   1 
ATOM   1063 O  O   . GLY A 1 134 ? 2.942   -5.599  18.482  1.00 35.35 ? 134 GLY A O   1 
ATOM   1064 N  N   . GLN A 1 135 ? 2.911   -3.488  19.297  1.00 33.13 ? 135 GLN A N   1 
ATOM   1065 C  CA  . GLN A 1 135 ? 1.757   -3.021  18.543  1.00 34.20 ? 135 GLN A CA  1 
ATOM   1066 C  C   . GLN A 1 135 ? 1.992   -1.613  18.005  1.00 34.64 ? 135 GLN A C   1 
ATOM   1067 O  O   . GLN A 1 135 ? 2.827   -0.870  18.519  1.00 34.49 ? 135 GLN A O   1 
ATOM   1068 C  CB  . GLN A 1 135 ? 0.507   -2.934  19.426  1.00 34.46 ? 135 GLN A CB  1 
ATOM   1069 C  CG  . GLN A 1 135 ? 0.260   -4.087  20.336  1.00 34.99 ? 135 GLN A CG  1 
ATOM   1070 C  CD  . GLN A 1 135 ? -1.033  -3.938  21.086  1.00 33.59 ? 135 GLN A CD  1 
ATOM   1071 O  OE1 . GLN A 1 135 ? -2.007  -4.634  20.785  1.00 33.91 ? 135 GLN A OE1 1 
ATOM   1072 N  NE2 . GLN A 1 135 ? -1.063  -3.044  22.084  1.00 32.32 ? 135 GLN A NE2 1 
ATOM   1073 N  N   . VAL A 1 136 ? 1.202   -1.225  17.001  1.00 34.59 ? 136 VAL A N   1 
ATOM   1074 C  CA  . VAL A 1 136 ? 1.282   0.117   16.420  1.00 35.59 ? 136 VAL A CA  1 
ATOM   1075 C  C   . VAL A 1 136 ? 0.013   0.887   16.785  1.00 35.66 ? 136 VAL A C   1 
ATOM   1076 O  O   . VAL A 1 136 ? -1.079  0.523   16.356  1.00 36.44 ? 136 VAL A O   1 
ATOM   1077 C  CB  . VAL A 1 136 ? 1.461   0.060   14.914  1.00 35.96 ? 136 VAL A CB  1 
ATOM   1078 C  CG1 . VAL A 1 136 ? 1.619   1.464   14.332  1.00 35.53 ? 136 VAL A CG1 1 
ATOM   1079 C  CG2 . VAL A 1 136 ? 2.709   -0.752  14.556  1.00 37.96 ? 136 VAL A CG2 1 
ATOM   1080 N  N   . ASN A 1 137 ? 0.163   1.925   17.608  1.00 34.58 ? 137 ASN A N   1 
ATOM   1081 C  CA  . ASN A 1 137 ? -0.965  2.742   18.030  1.00 34.23 ? 137 ASN A CA  1 
ATOM   1082 C  C   . ASN A 1 137 ? -1.155  3.814   16.932  1.00 34.32 ? 137 ASN A C   1 
ATOM   1083 O  O   . ASN A 1 137 ? -0.330  3.901   15.991  1.00 35.59 ? 137 ASN A O   1 
ATOM   1084 C  CB  . ASN A 1 137 ? -0.823  3.267   19.511  1.00 34.58 ? 137 ASN A CB  1 
ATOM   1085 C  CG  . ASN A 1 137 ? 0.212   4.424   19.695  1.00 33.91 ? 137 ASN A CG  1 
ATOM   1086 O  OD1 . ASN A 1 137 ? 0.754   4.928   18.734  1.00 34.60 ? 137 ASN A OD1 1 
ATOM   1087 N  ND2 . ASN A 1 137 ? 0.482   4.830   20.971  1.00 28.86 ? 137 ASN A ND2 1 
ATOM   1088 N  N   . TYR A 1 138 ? -2.248  4.575   17.003  1.00 35.06 ? 138 TYR A N   1 
ATOM   1089 C  CA  . TYR A 1 138 ? -2.583  5.603   15.994  1.00 36.01 ? 138 TYR A CA  1 
ATOM   1090 C  C   . TYR A 1 138 ? -1.504  6.666   15.899  1.00 35.59 ? 138 TYR A C   1 
ATOM   1091 O  O   . TYR A 1 138 ? -1.094  7.046   14.812  1.00 36.77 ? 138 TYR A O   1 
ATOM   1092 C  CB  . TYR A 1 138 ? -3.918  6.288   16.331  1.00 36.82 ? 138 TYR A CB  1 
ATOM   1093 C  CG  . TYR A 1 138 ? -4.389  7.230   15.263  1.00 37.66 ? 138 TYR A CG  1 
ATOM   1094 C  CD1 . TYR A 1 138 ? -4.694  6.753   13.991  1.00 37.36 ? 138 TYR A CD1 1 
ATOM   1095 C  CD2 . TYR A 1 138 ? -4.515  8.596   15.497  1.00 38.49 ? 138 TYR A CD2 1 
ATOM   1096 C  CE1 . TYR A 1 138 ? -5.129  7.602   12.993  1.00 37.53 ? 138 TYR A CE1 1 
ATOM   1097 C  CE2 . TYR A 1 138 ? -4.948  9.455   14.491  1.00 37.02 ? 138 TYR A CE2 1 
ATOM   1098 C  CZ  . TYR A 1 138 ? -5.253  8.948   13.251  1.00 37.70 ? 138 TYR A CZ  1 
ATOM   1099 O  OH  . TYR A 1 138 ? -5.683  9.768   12.242  1.00 36.39 ? 138 TYR A OH  1 
ATOM   1100 N  N   . GLU A 1 139 ? -1.060  7.150   17.055  0.50 35.36 ? 139 GLU A N   1 
ATOM   1101 C  CA  . GLU A 1 139 ? 0.011   8.137   17.124  0.50 35.52 ? 139 GLU A CA  1 
ATOM   1102 C  C   . GLU A 1 139 ? 1.279   7.641   16.435  0.50 35.18 ? 139 GLU A C   1 
ATOM   1103 O  O   . GLU A 1 139 ? 1.900   8.373   15.672  0.50 34.08 ? 139 GLU A O   1 
ATOM   1104 C  CB  . GLU A 1 139 ? 0.298   8.496   18.580  0.50 35.74 ? 139 GLU A CB  1 
ATOM   1105 C  CG  A GLU A 1 139 ? 1.566   9.326   18.838  0.60 37.27 ? 139 GLU A CG  1 
ATOM   1106 C  CG  B GLU A 1 139 ? 1.555   9.301   18.758  0.40 35.96 ? 139 GLU A CG  1 
ATOM   1107 C  CD  A GLU A 1 139 ? 1.508   10.748  18.287  0.60 37.96 ? 139 GLU A CD  1 
ATOM   1108 C  CD  B GLU A 1 139 ? 1.621   9.939   20.117  0.40 35.20 ? 139 GLU A CD  1 
ATOM   1109 O  OE1 A GLU A 1 139 ? 0.490   11.137  17.668  0.60 40.17 ? 139 GLU A OE1 1 
ATOM   1110 O  OE1 B GLU A 1 139 ? 2.681   9.846   20.767  0.40 35.46 ? 139 GLU A OE1 1 
ATOM   1111 O  OE2 A GLU A 1 139 ? 2.498   11.492  18.469  0.60 38.66 ? 139 GLU A OE2 1 
ATOM   1112 O  OE2 B GLU A 1 139 ? 0.603   10.525  20.529  0.40 34.98 ? 139 GLU A OE2 1 
ATOM   1113 N  N   . GLU A 1 140 ? 1.643   6.393   16.694  1.00 35.15 ? 140 GLU A N   1 
ATOM   1114 C  CA  . GLU A 1 140 ? 2.805   5.756   16.049  1.00 35.62 ? 140 GLU A CA  1 
ATOM   1115 C  C   . GLU A 1 140 ? 2.594   5.637   14.533  1.00 35.82 ? 140 GLU A C   1 
ATOM   1116 O  O   . GLU A 1 140 ? 3.518   5.863   13.747  1.00 37.10 ? 140 GLU A O   1 
ATOM   1117 C  CB  . GLU A 1 140 ? 3.084   4.372   16.665  1.00 35.79 ? 140 GLU A CB  1 
ATOM   1118 C  CG  . GLU A 1 140 ? 3.697   4.404   18.099  1.00 35.93 ? 140 GLU A CG  1 
ATOM   1119 C  CD  . GLU A 1 140 ? 3.699   3.044   18.826  1.00 35.97 ? 140 GLU A CD  1 
ATOM   1120 O  OE1 . GLU A 1 140 ? 3.000   2.105   18.391  1.00 35.69 ? 140 GLU A OE1 1 
ATOM   1121 O  OE2 . GLU A 1 140 ? 4.404   2.898   19.849  1.00 38.81 ? 140 GLU A OE2 1 
ATOM   1122 N  N   . PHE A 1 141 ? 1.373   5.287   14.140  1.00 36.09 ? 141 PHE A N   1 
ATOM   1123 C  CA  . PHE A 1 141 ? 0.997   5.214   12.724  1.00 35.85 ? 141 PHE A CA  1 
ATOM   1124 C  C   . PHE A 1 141 ? 1.113   6.606   12.074  1.00 36.14 ? 141 PHE A C   1 
ATOM   1125 O  O   . PHE A 1 141 ? 1.568   6.744   10.932  1.00 38.13 ? 141 PHE A O   1 
ATOM   1126 C  CB  . PHE A 1 141 ? -0.428  4.669   12.592  1.00 35.50 ? 141 PHE A CB  1 
ATOM   1127 C  CG  . PHE A 1 141 ? -0.893  4.423   11.176  1.00 35.20 ? 141 PHE A CG  1 
ATOM   1128 C  CD1 . PHE A 1 141 ? -0.585  3.239   10.516  1.00 36.51 ? 141 PHE A CD1 1 
ATOM   1129 C  CD2 . PHE A 1 141 ? -1.693  5.357   10.530  1.00 33.92 ? 141 PHE A CD2 1 
ATOM   1130 C  CE1 . PHE A 1 141 ? -1.040  3.007   9.229   1.00 34.59 ? 141 PHE A CE1 1 
ATOM   1131 C  CE2 . PHE A 1 141 ? -2.145  5.119   9.229   1.00 35.77 ? 141 PHE A CE2 1 
ATOM   1132 C  CZ  . PHE A 1 141 ? -1.827  3.927   8.603   1.00 34.83 ? 141 PHE A CZ  1 
ATOM   1133 N  N   . VAL A 1 142 ? 0.701   7.646   12.796  1.00 36.69 ? 142 VAL A N   1 
ATOM   1134 C  CA  . VAL A 1 142 ? 0.779   9.014   12.252  1.00 36.74 ? 142 VAL A CA  1 
ATOM   1135 C  C   . VAL A 1 142 ? 2.240   9.453   12.103  1.00 36.89 ? 142 VAL A C   1 
ATOM   1136 O  O   . VAL A 1 142 ? 2.624   10.022  11.069  1.00 36.50 ? 142 VAL A O   1 
ATOM   1137 C  CB  . VAL A 1 142 ? -0.002  10.029  13.136  1.00 37.23 ? 142 VAL A CB  1 
ATOM   1138 C  CG1 . VAL A 1 142 ? 0.356   11.469  12.789  1.00 37.04 ? 142 VAL A CG1 1 
ATOM   1139 C  CG2 . VAL A 1 142 ? -1.509  9.796   12.994  1.00 37.93 ? 142 VAL A CG2 1 
ATOM   1140 N  N   . GLN A 1 143 ? 3.049   9.179   13.133  1.00 37.28 ? 143 GLN A N   1 
ATOM   1141 C  CA  . GLN A 1 143 ? 4.484   9.497   13.099  1.00 37.69 ? 143 GLN A CA  1 
ATOM   1142 C  C   . GLN A 1 143 ? 5.186   8.799   11.945  1.00 37.66 ? 143 GLN A C   1 
ATOM   1143 O  O   . GLN A 1 143 ? 5.968   9.416   11.216  1.00 36.91 ? 143 GLN A O   1 
ATOM   1144 C  CB  . GLN A 1 143 ? 5.180   9.087   14.403  1.00 37.72 ? 143 GLN A CB  1 
ATOM   1145 C  CG  . GLN A 1 143 ? 4.701   9.790   15.687  1.00 39.50 ? 143 GLN A CG  1 
ATOM   1146 C  CD  . GLN A 1 143 ? 4.916   11.282  15.668  1.00 40.52 ? 143 GLN A CD  1 
ATOM   1147 O  OE1 . GLN A 1 143 ? 5.575   11.815  14.781  1.00 41.02 ? 143 GLN A OE1 1 
ATOM   1148 N  NE2 . GLN A 1 143 ? 4.376   11.966  16.677  1.00 42.33 ? 143 GLN A NE2 1 
ATOM   1149 N  N   . MET A 1 144 ? 4.887   7.511   11.756  1.00 37.20 ? 144 MET A N   1 
ATOM   1150 C  CA  . MET A 1 144 ? 5.531   6.730   10.699  1.00 37.75 ? 144 MET A CA  1 
ATOM   1151 C  C   . MET A 1 144 ? 5.268   7.329   9.310   1.00 37.31 ? 144 MET A C   1 
ATOM   1152 O  O   . MET A 1 144 ? 6.112   7.204   8.441   1.00 38.79 ? 144 MET A O   1 
ATOM   1153 C  CB  . MET A 1 144 ? 5.112   5.246   10.724  1.00 37.59 ? 144 MET A CB  1 
ATOM   1154 C  CG  . MET A 1 144 ? 5.804   4.368   9.641   1.00 36.76 ? 144 MET A CG  1 
ATOM   1155 S  SD  . MET A 1 144 ? 5.071   2.711   9.518   1.00 41.11 ? 144 MET A SD  1 
ATOM   1156 C  CE  . MET A 1 144 ? 3.397   3.186   9.183   1.00 39.95 ? 144 MET A CE  1 
ATOM   1157 N  N   . MET A 1 145 ? 4.130   8.007   9.138   1.00 37.59 ? 145 MET A N   1 
ATOM   1158 C  CA  . MET A 1 145 ? 3.723   8.560   7.848   1.00 38.44 ? 145 MET A CA  1 
ATOM   1159 C  C   . MET A 1 145 ? 4.576   9.767   7.469   1.00 37.47 ? 145 MET A C   1 
ATOM   1160 O  O   . MET A 1 145 ? 4.780   10.004  6.288   1.00 37.69 ? 145 MET A O   1 
ATOM   1161 C  CB  . MET A 1 145 ? 2.247   9.015   7.846   1.00 39.40 ? 145 MET A CB  1 
ATOM   1162 C  CG  . MET A 1 145 ? 1.198   7.896   7.941   1.00 41.82 ? 145 MET A CG  1 
ATOM   1163 S  SD  . MET A 1 145 ? 1.089   6.760   6.542   1.00 47.08 ? 145 MET A SD  1 
ATOM   1164 C  CE  . MET A 1 145 ? 2.438   5.651   6.989   1.00 29.49 ? 145 MET A CE  1 
ATOM   1165 N  N   . THR A 1 146 ? 5.042   10.534  8.460   1.00 37.15 ? 146 THR A N   1 
ATOM   1166 C  CA  . THR A 1 146 ? 5.907   11.694  8.199   1.00 37.57 ? 146 THR A CA  1 
ATOM   1167 C  C   . THR A 1 146 ? 7.421   11.465  8.345   1.00 37.79 ? 146 THR A C   1 
ATOM   1168 O  O   . THR A 1 146 ? 8.205   12.334  7.939   1.00 38.24 ? 146 THR A O   1 
ATOM   1169 C  CB  . THR A 1 146 ? 5.508   12.970  9.028   1.00 37.49 ? 146 THR A CB  1 
ATOM   1170 O  OG1 . THR A 1 146 ? 5.227   12.644  10.391  1.00 38.33 ? 146 THR A OG1 1 
ATOM   1171 C  CG2 . THR A 1 146 ? 4.305   13.683  8.392   1.00 38.74 ? 146 THR A CG2 1 
ATOM   1172 N  N   . ALA A 1 147 ? 7.842   10.320  8.869   1.00 38.65 ? 147 ALA A N   1 
ATOM   1173 C  CA  . ALA A 1 147 ? 9.249   10.106  9.224   1.00 39.12 ? 147 ALA A CA  1 
ATOM   1174 C  C   . ALA A 1 147 ? 10.172  9.791   8.036   1.00 39.47 ? 147 ALA A C   1 
ATOM   1175 O  O   . ALA A 1 147 ? 9.718   9.558   6.914   1.00 39.82 ? 147 ALA A O   1 
ATOM   1176 C  CB  . ALA A 1 147 ? 9.361   9.010   10.246  1.00 39.58 ? 147 ALA A CB  1 
ATOM   1177 N  N   . LYS A 1 148 ? 11.473  9.793   8.332   0.50 39.52 ? 148 LYS A N   1 
ATOM   1178 C  CA  . LYS A 1 148 ? 12.542  9.236   7.479   0.50 39.89 ? 148 LYS A CA  1 
ATOM   1179 C  C   . LYS A 1 148 ? 12.312  9.255   5.967   0.50 40.10 ? 148 LYS A C   1 
ATOM   1180 O  O   . LYS A 1 148 ? 11.766  8.320   5.379   0.50 40.47 ? 148 LYS A O   1 
ATOM   1181 C  CB  . LYS A 1 148 ? 12.886  7.805   7.942   0.50 39.86 ? 148 LYS A CB  1 
ATOM   1182 C  CG  . LYS A 1 148 ? 11.690  6.904   8.209   0.50 40.11 ? 148 LYS A CG  1 
ATOM   1183 C  CD  . LYS A 1 148 ? 12.065  5.416   8.143   0.50 39.93 ? 148 LYS A CD  1 
ATOM   1184 C  CE  A LYS A 1 148 ? 12.640  5.176   9.555   0.60 41.45 ? 148 LYS A CE  1 
ATOM   1185 C  CE  B LYS A 1 148 ? 11.649  5.128   6.706   0.40 39.82 ? 148 LYS A CE  1 
ATOM   1186 N  NZ  A LYS A 1 148 ? 13.136  3.781   9.730   0.60 41.76 ? 148 LYS A NZ  1 
ATOM   1187 N  NZ  B LYS A 1 148 ? 11.264  3.698   6.514   0.40 38.88 ? 148 LYS A NZ  1 
ATOM   1188 O  OXT . LYS A 1 148 ? 12.704  10.198  5.287   0.50 40.32 ? 148 LYS A OXT 1 
ATOM   1189 N  N   . ALA B 2 4   ? 8.084   -9.357  2.112   1.00 41.20 ? 4   ALA B N   1 
ATOM   1190 C  CA  . ALA B 2 4   ? 8.996   -8.491  1.309   1.00 40.76 ? 4   ALA B CA  1 
ATOM   1191 C  C   . ALA B 2 4   ? 8.658   -7.017  1.516   1.00 40.00 ? 4   ALA B C   1 
ATOM   1192 O  O   . ALA B 2 4   ? 9.552   -6.214  1.822   1.00 40.75 ? 4   ALA B O   1 
ATOM   1193 C  CB  . ALA B 2 4   ? 8.920   -8.858  -0.188  1.00 40.82 ? 4   ALA B CB  1 
ATOM   1194 N  N   . ILE B 2 5   ? 7.379   -6.665  1.360   1.00 38.48 ? 5   ILE B N   1 
ATOM   1195 C  CA  . ILE B 2 5   ? 6.947   -5.281  1.523   1.00 37.01 ? 5   ILE B CA  1 
ATOM   1196 C  C   . ILE B 2 5   ? 6.995   -4.864  2.981   1.00 36.41 ? 5   ILE B C   1 
ATOM   1197 O  O   . ILE B 2 5   ? 6.604   -5.621  3.873   1.00 36.87 ? 5   ILE B O   1 
ATOM   1198 C  CB  . ILE B 2 5   ? 5.510   -5.018  0.990   1.00 36.72 ? 5   ILE B CB  1 
ATOM   1199 C  CG1 . ILE B 2 5   ? 5.290   -3.519  0.826   1.00 35.13 ? 5   ILE B CG1 1 
ATOM   1200 C  CG2 . ILE B 2 5   ? 4.452   -5.621  1.924   1.00 37.19 ? 5   ILE B CG2 1 
ATOM   1201 C  CD1 . ILE B 2 5   ? 3.926   -3.134  0.296   1.00 37.28 ? 5   ILE B CD1 1 
ATOM   1202 N  N   . GLY B 2 6   ? 7.452   -3.641  3.214   1.00 34.94 ? 6   GLY B N   1 
ATOM   1203 C  CA  . GLY B 2 6   ? 7.531   -3.095  4.558   1.00 34.70 ? 6   GLY B CA  1 
ATOM   1204 C  C   . GLY B 2 6   ? 6.201   -2.493  5.006   1.00 33.53 ? 6   GLY B C   1 
ATOM   1205 O  O   . GLY B 2 6   ? 5.293   -2.223  4.214   1.00 32.62 ? 6   GLY B O   1 
ATOM   1206 N  N   . PHE B 2 7   ? 6.099   -2.247  6.300   1.00 34.83 ? 7   PHE B N   1 
ATOM   1207 C  CA  . PHE B 2 7   ? 4.889   -1.716  6.860   1.00 34.49 ? 7   PHE B CA  1 
ATOM   1208 C  C   . PHE B 2 7   ? 4.592   -0.299  6.349   1.00 34.73 ? 7   PHE B C   1 
ATOM   1209 O  O   . PHE B 2 7   ? 3.465   0.014   6.004   1.00 34.59 ? 7   PHE B O   1 
ATOM   1210 C  CB  . PHE B 2 7   ? 4.983   -1.751  8.392   1.00 34.26 ? 7   PHE B CB  1 
ATOM   1211 C  CG  . PHE B 2 7   ? 3.756   -1.261  9.071   1.00 35.02 ? 7   PHE B CG  1 
ATOM   1212 C  CD1 . PHE B 2 7   ? 2.514   -1.630  8.625   1.00 36.18 ? 7   PHE B CD1 1 
ATOM   1213 C  CD2 . PHE B 2 7   ? 3.841   -0.429  10.159  1.00 35.98 ? 7   PHE B CD2 1 
ATOM   1214 C  CE1 . PHE B 2 7   ? 1.376   -1.166  9.252   1.00 36.56 ? 7   PHE B CE1 1 
ATOM   1215 C  CE2 . PHE B 2 7   ? 2.693   0.045   10.775  1.00 38.92 ? 7   PHE B CE2 1 
ATOM   1216 C  CZ  . PHE B 2 7   ? 1.469   -0.333  10.312  1.00 34.99 ? 7   PHE B CZ  1 
ATOM   1217 N  N   . LYS B 2 8   ? 5.591   0.565   6.339   1.00 35.22 ? 8   LYS B N   1 
ATOM   1218 C  CA  . LYS B 2 8   ? 5.394   1.894   5.803   1.00 35.32 ? 8   LYS B CA  1 
ATOM   1219 C  C   . LYS B 2 8   ? 4.863   1.846   4.358   1.00 35.71 ? 8   LYS B C   1 
ATOM   1220 O  O   . LYS B 2 8   ? 3.891   2.509   4.045   1.00 33.95 ? 8   LYS B O   1 
ATOM   1221 C  CB  . LYS B 2 8   ? 6.718   2.665   5.858   1.00 36.09 ? 8   LYS B CB  1 
ATOM   1222 C  CG  . LYS B 2 8   ? 6.653   4.034   5.235   1.00 38.74 ? 8   LYS B CG  1 
ATOM   1223 C  CD  . LYS B 2 8   ? 7.732   4.927   5.781   1.00 40.03 ? 8   LYS B CD  1 
ATOM   1224 C  CE  . LYS B 2 8   ? 7.697   6.350   5.224   1.00 42.74 ? 8   LYS B CE  1 
ATOM   1225 N  NZ  . LYS B 2 8   ? 6.377   7.030   5.414   1.00 45.72 ? 8   LYS B NZ  1 
ATOM   1226 N  N   . LYS B 2 9   ? 5.502   1.065   3.485   1.00 35.92 ? 9   LYS B N   1 
ATOM   1227 C  CA  . LYS B 2 9   ? 5.065   0.993   2.095   1.00 34.98 ? 9   LYS B CA  1 
ATOM   1228 C  C   . LYS B 2 9   ? 3.661   0.362   1.973   1.00 34.97 ? 9   LYS B C   1 
ATOM   1229 O  O   . LYS B 2 9   ? 2.856   0.757   1.154   1.00 35.17 ? 9   LYS B O   1 
ATOM   1230 C  CB  . LYS B 2 9   ? 6.087   0.266   1.219   1.00 35.82 ? 9   LYS B CB  1 
ATOM   1231 C  CG  . LYS B 2 9   ? 7.378   1.060   1.027   1.00 37.50 ? 9   LYS B CG  1 
ATOM   1232 C  CD  . LYS B 2 9   ? 7.162   2.232   0.073   1.00 41.12 ? 9   LYS B CD  1 
ATOM   1233 C  CE  . LYS B 2 9   ? 8.154   3.383   0.282   1.00 41.38 ? 9   LYS B CE  1 
ATOM   1234 N  NZ  . LYS B 2 9   ? 8.512   3.695   1.708   1.00 45.70 ? 9   LYS B NZ  1 
ATOM   1235 N  N   . LEU B 2 10  ? 3.389   -0.609  2.809   1.00 33.42 ? 10  LEU B N   1 
ATOM   1236 C  CA  . LEU B 2 10  ? 2.011   -1.168  2.852   1.00 34.21 ? 10  LEU B CA  1 
ATOM   1237 C  C   . LEU B 2 10  ? 1.011   -0.147  3.273   1.00 34.16 ? 10  LEU B C   1 
ATOM   1238 O  O   . LEU B 2 10  ? -0.035  -0.056  2.623   1.00 34.69 ? 10  LEU B O   1 
ATOM   1239 C  CB  . LEU B 2 10  ? 1.941   -2.320  3.832   1.00 34.46 ? 10  LEU B CB  1 
ATOM   1240 C  CG  . LEU B 2 10  ? 0.672   -3.155  3.856   1.00 34.75 ? 10  LEU B CG  1 
ATOM   1241 C  CD1 . LEU B 2 10  ? 0.343   -3.722  2.481   1.00 33.78 ? 10  LEU B CD1 1 
ATOM   1242 C  CD2 . LEU B 2 10  ? 0.813   -4.213  4.936   1.00 35.03 ? 10  LEU B CD2 1 
ATOM   1243 N  N   . ALA B 2 11  ? 1.252   0.594   4.358   1.00 34.13 ? 11  ALA B N   1 
ATOM   1244 C  CA  . ALA B 2 11  ? 0.294   1.661   4.707   1.00 34.58 ? 11  ALA B CA  1 
ATOM   1245 C  C   . ALA B 2 11  ? 0.173   2.671   3.566   1.00 34.39 ? 11  ALA B C   1 
ATOM   1246 O  O   . ALA B 2 11  ? -0.916  3.186   3.285   1.00 35.57 ? 11  ALA B O   1 
ATOM   1247 C  CB  . ALA B 2 11  ? 0.692   2.349   5.992   1.00 34.55 ? 11  ALA B CB  1 
ATOM   1248 N  N   . GLU B 2 12  ? 1.279   2.965   2.883   1.00 33.20 ? 12  GLU B N   1 
ATOM   1249 C  CA  . GLU B 2 12  ? 1.224   3.858   1.703   1.00 33.87 ? 12  GLU B CA  1 
ATOM   1250 C  C   . GLU B 2 12  ? 0.299   3.231   0.652   1.00 34.12 ? 12  GLU B C   1 
ATOM   1251 O  O   . GLU B 2 12  ? -0.491  3.929   0.005   1.00 34.76 ? 12  GLU B O   1 
ATOM   1252 C  CB  . GLU B 2 12  ? 2.638   4.103   1.148   1.00 34.31 ? 12  GLU B CB  1 
ATOM   1253 C  CG  . GLU B 2 12  ? 3.434   5.105   1.968   1.00 34.99 ? 12  GLU B CG  1 
ATOM   1254 C  CD  . GLU B 2 12  ? 4.909   5.136   1.591   1.00 36.37 ? 12  GLU B CD  1 
ATOM   1255 O  OE1 . GLU B 2 12  ? 5.258   4.529   0.560   1.00 42.73 ? 12  GLU B OE1 1 
ATOM   1256 O  OE2 . GLU B 2 12  ? 5.706   5.794   2.291   1.00 39.68 ? 12  GLU B OE2 1 
ATOM   1257 N  N   . ALA B 2 13  ? 0.371   1.921   0.487   1.00 33.67 ? 13  ALA B N   1 
ATOM   1258 C  CA  . ALA B 2 13  ? -0.501  1.227   -0.517  1.00 33.71 ? 13  ALA B CA  1 
ATOM   1259 C  C   . ALA B 2 13  ? -1.973  1.276   -0.106  1.00 35.04 ? 13  ALA B C   1 
ATOM   1260 O  O   . ALA B 2 13  ? -2.865  1.322   -0.940  1.00 35.09 ? 13  ALA B O   1 
ATOM   1261 C  CB  . ALA B 2 13  ? -0.048  -0.196  -0.674  1.00 33.85 ? 13  ALA B CB  1 
ATOM   1262 N  N   . VAL B 2 14  ? -2.244  1.211   1.174   1.00 35.46 ? 14  VAL B N   1 
ATOM   1263 C  CA  . VAL B 2 14  ? -3.603  1.375   1.672   1.00 33.87 ? 14  VAL B CA  1 
ATOM   1264 C  C   . VAL B 2 14  ? -4.106  2.791   1.350   1.00 33.96 ? 14  VAL B C   1 
ATOM   1265 O  O   . VAL B 2 14  ? -5.244  2.976   0.875   1.00 36.09 ? 14  VAL B O   1 
ATOM   1266 C  CB  . VAL B 2 14  ? -3.678  1.105   3.203   1.00 35.18 ? 14  VAL B CB  1 
ATOM   1267 C  CG1 . VAL B 2 14  ? -5.116  1.471   3.805   1.00 33.67 ? 14  VAL B CG1 1 
ATOM   1268 C  CG2 . VAL B 2 14  ? -3.302  -0.315  3.505   1.00 35.05 ? 14  VAL B CG2 1 
ATOM   1269 N  N   . LYS B 2 15  ? -3.284  3.788   1.612   0.50 29.26 ? 15  LYS B N   1 
ATOM   1270 C  CA  . LYS B 2 15  ? -3.663  5.151   1.322   0.50 30.49 ? 15  LYS B CA  1 
ATOM   1271 C  C   . LYS B 2 15  ? -3.904  5.324   -0.195  0.50 28.66 ? 15  LYS B C   1 
ATOM   1272 O  O   . LYS B 2 15  ? -4.846  5.970   -0.640  0.50 28.03 ? 15  LYS B O   1 
ATOM   1273 C  CB  . LYS B 2 15  ? -2.545  6.078   1.725   0.50 28.26 ? 15  LYS B CB  1 
ATOM   1274 C  CG  A LYS B 2 15  ? -2.809  7.534   1.541   0.60 35.34 ? 15  LYS B CG  1 
ATOM   1275 C  CG  B LYS B 2 15  ? -2.841  7.536   1.422   0.40 33.79 ? 15  LYS B CG  1 
ATOM   1276 C  CD  A LYS B 2 15  ? -1.659  8.413   2.071   0.60 34.57 ? 15  LYS B CD  1 
ATOM   1277 C  CD  B LYS B 2 15  ? -1.743  8.517   1.881   0.40 33.11 ? 15  LYS B CD  1 
ATOM   1278 C  CE  A LYS B 2 15  ? -1.413  9.593   1.145   0.60 37.34 ? 15  LYS B CE  1 
ATOM   1279 C  CE  B LYS B 2 15  ? -1.416  8.342   3.343   0.40 34.87 ? 15  LYS B CE  1 
ATOM   1280 N  NZ  A LYS B 2 15  ? 0.002   10.066  1.210   0.60 40.13 ? 15  LYS B NZ  1 
ATOM   1281 N  NZ  B LYS B 2 15  ? -0.937  6.971   3.577   0.40 34.35 ? 15  LYS B NZ  1 
ATOM   1282 N  N   . PHE B 2 16  ? -3.003  4.760   -0.978  1.00 33.10 ? 16  PHE B N   1 
ATOM   1283 C  CA  . PHE B 2 16  ? -3.052  4.826   -2.456  1.00 33.08 ? 16  PHE B CA  1 
ATOM   1284 C  C   . PHE B 2 16  ? -4.335  4.209   -2.979  1.00 34.40 ? 16  PHE B C   1 
ATOM   1285 O  O   . PHE B 2 16  ? -5.013  4.779   -3.837  1.00 35.58 ? 16  PHE B O   1 
ATOM   1286 C  CB  . PHE B 2 16  ? -1.862  4.036   -3.021  1.00 33.31 ? 16  PHE B CB  1 
ATOM   1287 C  CG  . PHE B 2 16  ? -1.786  3.933   -4.545  1.00 31.71 ? 16  PHE B CG  1 
ATOM   1288 C  CD1 . PHE B 2 16  ? -1.724  5.053   -5.366  1.00 31.93 ? 16  PHE B CD1 1 
ATOM   1289 C  CD2 . PHE B 2 16  ? -1.663  2.679   -5.140  1.00 33.76 ? 16  PHE B CD2 1 
ATOM   1290 C  CE1 . PHE B 2 16  ? -1.627  4.908   -6.759  1.00 32.66 ? 16  PHE B CE1 1 
ATOM   1291 C  CE2 . PHE B 2 16  ? -1.576  2.528   -6.484  1.00 30.59 ? 16  PHE B CE2 1 
ATOM   1292 C  CZ  . PHE B 2 16  ? -1.545  3.621   -7.308  1.00 33.46 ? 16  PHE B CZ  1 
ATOM   1293 N  N   . SER B 2 17  ? -4.701  3.061   -2.418  1.00 34.90 ? 17  SER B N   1 
ATOM   1294 C  CA  . SER B 2 17  ? -5.927  2.338   -2.820  1.00 33.73 ? 17  SER B CA  1 
ATOM   1295 C  C   . SER B 2 17  ? -7.131  3.235   -2.543  1.00 33.33 ? 17  SER B C   1 
ATOM   1296 O  O   . SER B 2 17  ? -8.047  3.324   -3.340  1.00 34.18 ? 17  SER B O   1 
ATOM   1297 C  CB  . SER B 2 17  ? -6.054  1.036   -2.056  1.00 33.29 ? 17  SER B CB  1 
ATOM   1298 O  OG  . SER B 2 17  ? -5.028  0.141   -2.477  1.00 36.42 ? 17  SER B OG  1 
ATOM   1299 N  N   . ALA B 2 18  ? -7.106  3.927   -1.408  1.00 34.43 ? 18  ALA B N   1 
ATOM   1300 C  CA  . ALA B 2 18  ? -8.187  4.861   -1.082  1.00 34.30 ? 18  ALA B CA  1 
ATOM   1301 C  C   . ALA B 2 18  ? -8.226  6.042   -2.053  1.00 33.23 ? 18  ALA B C   1 
ATOM   1302 O  O   . ALA B 2 18  ? -9.313  6.455   -2.498  1.00 33.53 ? 18  ALA B O   1 
ATOM   1303 C  CB  . ALA B 2 18  ? -8.045  5.352   0.352   1.00 33.62 ? 18  ALA B CB  1 
ATOM   1304 N  N   . LYS B 2 19  ? -7.084  6.624   -2.402  0.50 30.27 ? 19  LYS B N   1 
ATOM   1305 C  CA  . LYS B 2 19  ? -7.079  7.744   -3.359  0.50 30.71 ? 19  LYS B CA  1 
ATOM   1306 C  C   . LYS B 2 19  ? -7.592  7.309   -4.770  0.50 31.29 ? 19  LYS B C   1 
ATOM   1307 O  O   . LYS B 2 19  ? -8.240  8.056   -5.459  0.50 30.73 ? 19  LYS B O   1 
ATOM   1308 C  CB  . LYS B 2 19  ? -5.681  8.349   -3.466  0.50 31.55 ? 19  LYS B CB  1 
ATOM   1309 C  CG  . LYS B 2 19  ? -5.114  8.957   -2.178  0.50 32.39 ? 19  LYS B CG  1 
ATOM   1310 C  CD  . LYS B 2 19  ? -5.795  10.238  -1.799  0.50 32.66 ? 19  LYS B CD  1 
ATOM   1311 C  CE  A LYS B 2 19  ? -5.064  10.981  -0.676  0.60 34.07 ? 19  LYS B CE  1 
ATOM   1312 C  CE  B LYS B 2 19  ? -5.019  10.961  -0.697  0.40 31.94 ? 19  LYS B CE  1 
ATOM   1313 N  NZ  A LYS B 2 19  ? -3.583  10.895  -0.810  0.60 38.63 ? 19  LYS B NZ  1 
ATOM   1314 N  NZ  B LYS B 2 19  ? -5.894  11.737  0.217   0.40 30.80 ? 19  LYS B NZ  1 
ATOM   1315 N  N   . LEU B 2 20  ? -7.275  6.080   -5.153  1.00 35.07 ? 20  LEU B N   1 
ATOM   1316 C  CA  . LEU B 2 20  ? -7.777  5.522   -6.413  1.00 34.02 ? 20  LEU B CA  1 
ATOM   1317 C  C   . LEU B 2 20  ? -9.316  5.443   -6.498  1.00 34.52 ? 20  LEU B C   1 
ATOM   1318 O  O   . LEU B 2 20  ? -9.872  5.459   -7.589  1.00 35.42 ? 20  LEU B O   1 
ATOM   1319 C  CB  . LEU B 2 20  ? -7.208  4.115   -6.661  1.00 35.53 ? 20  LEU B CB  1 
ATOM   1320 C  CG  . LEU B 2 20  ? -5.743  4.047   -7.094  1.00 35.99 ? 20  LEU B CG  1 
ATOM   1321 C  CD1 . LEU B 2 20  ? -5.171  2.657   -7.174  1.00 33.72 ? 20  LEU B CD1 1 
ATOM   1322 C  CD2 . LEU B 2 20  ? -5.560  4.681   -8.420  1.00 36.79 ? 20  LEU B CD2 1 
ATOM   1323 N  N   . MET B 2 21  ? -9.963  5.340   -5.328  1.00 35.03 ? 21  MET B N   1 
ATOM   1324 C  CA  . MET B 2 21  ? -11.439 5.338   -5.213  1.00 35.48 ? 21  MET B CA  1 
ATOM   1325 C  C   . MET B 2 21  ? -12.084 6.720   -5.107  1.00 36.74 ? 21  MET B C   1 
ATOM   1326 O  O   . MET B 2 21  ? -13.313 6.831   -4.977  1.00 37.39 ? 21  MET B O   1 
ATOM   1327 C  CB  . MET B 2 21  ? -11.840 4.458   -4.023  1.00 34.62 ? 21  MET B CB  1 
ATOM   1328 C  CG  . MET B 2 21  ? -11.458 3.028   -4.209  1.00 33.75 ? 21  MET B CG  1 
ATOM   1329 S  SD  . MET B 2 21  ? -12.227 2.224   -5.622  1.00 34.94 ? 21  MET B SD  1 
ATOM   1330 C  CE  . MET B 2 21  ? -13.936 2.441   -5.176  1.00 32.14 ? 21  MET B CE  1 
ATOM   1331 N  N   . GLY B 2 22  ? -11.272 7.772   -5.205  1.00 37.36 ? 22  GLY B N   1 
ATOM   1332 C  CA  . GLY B 2 22  ? -11.745 9.123   -4.983  1.00 38.17 ? 22  GLY B CA  1 
ATOM   1333 C  C   . GLY B 2 22  ? -11.931 9.438   -3.510  1.00 39.15 ? 22  GLY B C   1 
ATOM   1334 O  O   . GLY B 2 22  ? -12.743 10.279  -3.165  1.00 39.63 ? 22  GLY B O   1 
ATOM   1335 N  N   . GLN B 2 23  ? -11.176 8.759   -2.644  1.00 40.10 ? 23  GLN B N   1 
ATOM   1336 C  CA  . GLN B 2 23  ? -11.199 9.032   -1.204  1.00 41.04 ? 23  GLN B CA  1 
ATOM   1337 C  C   . GLN B 2 23  ? -9.765  9.117   -0.673  1.00 40.92 ? 23  GLN B C   1 
ATOM   1338 O  O   . GLN B 2 23  ? -9.512  8.974   0.526   1.00 41.44 ? 23  GLN B O   1 
ATOM   1339 C  CB  . GLN B 2 23  ? -12.060 8.002   -0.437  1.00 41.07 ? 23  GLN B CB  1 
ATOM   1340 C  CG  . GLN B 2 23  ? -12.248 6.633   -1.089  1.00 42.13 ? 23  GLN B CG  1 
ATOM   1341 C  CD  . GLN B 2 23  ? -13.231 5.748   -0.329  1.00 41.97 ? 23  GLN B CD  1 
ATOM   1342 O  OE1 . GLN B 2 23  ? -13.897 6.196   0.612   1.00 43.22 ? 23  GLN B OE1 1 
ATOM   1343 N  NE2 . GLN B 2 23  ? -13.320 4.484   -0.728  1.00 41.56 ? 23  GLN B NE2 1 
HETATM 1344 N  N   . NH2 B 2 24  ? -9.267  10.084  -1.462  1.00 40.20 ? 24  NH2 B N   1 
HETATM 1345 CA CA  . CA  C 3 .   ? 3.504   0.606   20.224  1.00 35.36 ? 401 CA  A CA  1 
HETATM 1346 CA CA  . CA  D 3 .   ? 0.387   0.089   -20.636 1.00 32.60 ? 402 CA  A CA  1 
HETATM 1347 CA CA  . CA  E 3 .   ? 1.081   -9.187  -13.508 1.00 32.69 ? 403 CA  A CA  1 
HETATM 1348 CA CA  . CA  F 3 .   ? -6.683  -3.633  16.999  1.00 34.75 ? 404 CA  A CA  1 
HETATM 1349 O  O   . HOH G 4 .   ? -11.460 5.677   -19.036 1.00 18.95 ? 405 HOH A O   1 
HETATM 1350 O  O   . HOH G 4 .   ? -12.081 4.552   -11.484 1.00 19.90 ? 406 HOH A O   1 
HETATM 1351 O  O   . HOH G 4 .   ? -14.289 5.380   -12.964 1.00 22.05 ? 407 HOH A O   1 
HETATM 1352 O  O   . HOH G 4 .   ? 1.793   6.849   -17.767 1.00 19.74 ? 408 HOH A O   1 
HETATM 1353 O  O   . HOH G 4 .   ? 7.210   -3.226  -15.951 1.00 24.44 ? 409 HOH A O   1 
HETATM 1354 O  O   . HOH G 4 .   ? 2.652   -0.755  -20.908 1.00 19.83 ? 410 HOH A O   1 
HETATM 1355 O  O   . HOH G 4 .   ? 2.445   -3.510  -19.936 1.00 29.04 ? 411 HOH A O   1 
HETATM 1356 O  O   . HOH G 4 .   ? -5.120  5.955   -12.260 1.00 21.99 ? 412 HOH A O   1 
HETATM 1357 O  O   . HOH G 4 .   ? -9.823  6.921   -17.289 1.00 23.24 ? 413 HOH A O   1 
HETATM 1358 O  O   . HOH G 4 .   ? 14.574  -7.116  -11.024 1.00 26.02 ? 414 HOH A O   1 
HETATM 1359 O  O   . HOH G 4 .   ? -17.969 -3.103  -13.677 1.00 25.10 ? 415 HOH A O   1 
HETATM 1360 O  O   . HOH G 4 .   ? 7.401   -7.363  -11.341 1.00 26.35 ? 416 HOH A O   1 
HETATM 1361 O  O   . HOH G 4 .   ? -3.252  -10.895 -14.209 1.00 25.94 ? 417 HOH A O   1 
HETATM 1362 O  O   . HOH G 4 .   ? -10.008 6.322   -12.192 1.00 26.29 ? 418 HOH A O   1 
HETATM 1363 O  O   . HOH G 4 .   ? -0.449  -10.391 -14.857 1.00 27.14 ? 419 HOH A O   1 
HETATM 1364 O  O   . HOH G 4 .   ? -13.647 -5.081  -5.707  1.00 32.74 ? 420 HOH A O   1 
HETATM 1365 O  O   . HOH G 4 .   ? 9.117   -5.277  -11.433 1.00 27.37 ? 421 HOH A O   1 
HETATM 1366 O  O   . HOH G 4 .   ? -11.768 -4.329  -18.187 1.00 29.86 ? 422 HOH A O   1 
HETATM 1367 O  O   . HOH G 4 .   ? 6.199   1.762   -21.251 1.00 25.94 ? 423 HOH A O   1 
HETATM 1368 O  O   . HOH G 4 .   ? 0.205   -8.472  18.899  1.00 26.63 ? 424 HOH A O   1 
HETATM 1369 O  O   . HOH G 4 .   ? -17.535 -5.367  -11.498 1.00 29.43 ? 425 HOH A O   1 
HETATM 1370 O  O   . HOH G 4 .   ? 22.226  7.236   -7.181  1.00 24.13 ? 426 HOH A O   1 
HETATM 1371 O  O   . HOH G 4 .   ? 0.418   -8.898  -3.574  1.00 31.52 ? 427 HOH A O   1 
HETATM 1372 O  O   . HOH G 4 .   ? 8.914   -8.633  -13.384 1.00 30.61 ? 428 HOH A O   1 
HETATM 1373 O  O   . HOH G 4 .   ? 14.829  -1.853  0.334   1.00 33.15 ? 429 HOH A O   1 
HETATM 1374 O  O   . HOH G 4 .   ? -4.689  -4.868  20.738  1.00 29.31 ? 430 HOH A O   1 
HETATM 1375 O  O   . HOH G 4 .   ? 8.843   -0.663  -19.231 1.00 25.21 ? 431 HOH A O   1 
HETATM 1376 O  O   . HOH G 4 .   ? 1.286   1.076   21.159  1.00 34.38 ? 432 HOH A O   1 
HETATM 1377 O  O   . HOH G 4 .   ? -6.328  -0.297  -23.918 1.00 29.47 ? 433 HOH A O   1 
HETATM 1378 O  O   . HOH G 4 .   ? 1.757   9.163   -19.050 1.00 28.68 ? 434 HOH A O   1 
HETATM 1379 O  O   . HOH G 4 .   ? 2.893   -8.212  19.310  1.00 31.70 ? 435 HOH A O   1 
HETATM 1380 O  O   . HOH G 4 .   ? 11.022  5.525   -3.512  1.00 32.66 ? 436 HOH A O   1 
HETATM 1381 O  O   . HOH G 4 .   ? 6.132   -5.875  -2.550  1.00 32.48 ? 437 HOH A O   1 
HETATM 1382 O  O   . HOH G 4 .   ? -10.386 -7.569  -9.948  1.00 34.73 ? 438 HOH A O   1 
HETATM 1383 O  O   . HOH G 4 .   ? 17.185  7.192   -0.819  1.00 36.06 ? 439 HOH A O   1 
HETATM 1384 O  O   . HOH G 4 .   ? 4.500   -11.696 15.199  1.00 33.68 ? 440 HOH A O   1 
HETATM 1385 O  O   . HOH G 4 .   ? -5.843  -5.389  -17.419 1.00 33.64 ? 441 HOH A O   1 
HETATM 1386 O  O   . HOH G 4 .   ? -2.851  7.228   -20.462 1.00 33.13 ? 442 HOH A O   1 
HETATM 1387 O  O   . HOH G 4 .   ? -0.076  -6.411  -21.244 1.00 33.56 ? 443 HOH A O   1 
HETATM 1388 O  O   . HOH G 4 .   ? 9.171   -4.549  -8.872  1.00 32.67 ? 444 HOH A O   1 
HETATM 1389 O  O   . HOH G 4 .   ? -1.342  -10.537 17.891  1.00 30.35 ? 445 HOH A O   1 
HETATM 1390 O  O   . HOH G 4 .   ? 5.910   -7.048  17.748  1.00 39.58 ? 446 HOH A O   1 
HETATM 1391 O  O   . HOH G 4 .   ? 5.588   0.562   -23.654 1.00 30.66 ? 447 HOH A O   1 
HETATM 1392 O  O   . HOH G 4 .   ? -17.178 0.488   -6.184  1.00 31.67 ? 448 HOH A O   1 
HETATM 1393 O  O   . HOH G 4 .   ? 6.171   8.323   -8.537  1.00 28.92 ? 449 HOH A O   1 
HETATM 1394 O  O   . HOH G 4 .   ? 5.549   -9.608  -7.752  1.00 35.95 ? 450 HOH A O   1 
HETATM 1395 O  O   . HOH G 4 .   ? 8.126   -5.713  17.017  1.00 38.32 ? 451 HOH A O   1 
HETATM 1396 O  O   . HOH G 4 .   ? -7.672  1.603   1.397   1.00 28.11 ? 452 HOH A O   1 
HETATM 1397 O  O   . HOH G 4 .   ? -11.303 8.428   -15.543 1.00 32.89 ? 453 HOH A O   1 
HETATM 1398 O  O   . HOH G 4 .   ? 6.665   -2.150  -20.798 1.00 30.59 ? 454 HOH A O   1 
HETATM 1399 O  O   . HOH G 4 .   ? 15.522  12.584  -12.022 1.00 39.47 ? 455 HOH A O   1 
HETATM 1400 O  O   . HOH G 4 .   ? -17.837 -4.073  -16.283 1.00 33.98 ? 456 HOH A O   1 
HETATM 1401 O  O   . HOH G 4 .   ? 15.607  -6.200  -6.511  1.00 42.85 ? 457 HOH A O   1 
HETATM 1402 O  O   . HOH G 4 .   ? -6.402  0.497   -21.287 1.00 28.05 ? 458 HOH A O   1 
HETATM 1403 O  O   . HOH G 4 .   ? 3.076   13.320  -6.542  1.00 32.46 ? 459 HOH A O   1 
HETATM 1404 O  O   . HOH G 4 .   ? -8.380  -10.208 -2.645  1.00 34.12 ? 460 HOH A O   1 
HETATM 1405 O  O   . HOH G 4 .   ? -3.389  7.660   -11.155 1.00 36.37 ? 461 HOH A O   1 
HETATM 1406 O  O   . HOH G 4 .   ? 12.589  -3.847  -3.668  1.00 33.00 ? 462 HOH A O   1 
HETATM 1407 O  O   . HOH G 4 .   ? -8.741  -4.225  23.264  1.00 39.69 ? 463 HOH A O   1 
HETATM 1408 O  O   . HOH G 4 .   ? -7.042  -4.332  -19.261 1.00 34.11 ? 464 HOH A O   1 
HETATM 1409 O  O   . HOH G 4 .   ? 4.621   -10.285 18.451  1.00 33.99 ? 465 HOH A O   1 
HETATM 1410 O  O   . HOH G 4 .   ? -14.138 1.102   -1.973  1.00 40.22 ? 466 HOH A O   1 
HETATM 1411 O  O   . HOH G 4 .   ? 6.052   5.440   14.482  1.00 46.01 ? 467 HOH A O   1 
HETATM 1412 O  O   . HOH G 4 .   ? 17.036  -1.236  -5.563  1.00 35.21 ? 468 HOH A O   1 
HETATM 1413 O  O   . HOH G 4 .   ? 9.163   -8.766  7.594   1.00 39.21 ? 469 HOH A O   1 
HETATM 1414 O  O   . HOH G 4 .   ? -2.021  -12.432 -11.754 1.00 38.13 ? 470 HOH A O   1 
HETATM 1415 O  O   . HOH G 4 .   ? -4.416  10.377  -19.170 1.00 39.36 ? 471 HOH A O   1 
HETATM 1416 O  O   . HOH G 4 .   ? 7.848   -8.622  -8.898  1.00 33.92 ? 472 HOH A O   1 
HETATM 1417 O  O   . HOH G 4 .   ? 8.569   5.328   -2.666  1.00 39.26 ? 473 HOH A O   1 
HETATM 1418 O  O   . HOH G 4 .   ? -9.154  2.064   14.216  1.00 36.71 ? 474 HOH A O   1 
HETATM 1419 O  O   . HOH G 4 .   ? -11.162 -7.680  19.551  1.00 42.40 ? 475 HOH A O   1 
HETATM 1420 O  O   . HOH G 4 .   ? -6.070  -5.469  18.456  1.00 31.99 ? 476 HOH A O   1 
HETATM 1421 O  O   . HOH G 4 .   ? 6.625   3.845   -3.431  1.00 44.94 ? 477 HOH A O   1 
HETATM 1422 O  O   . HOH G 4 .   ? 3.877   5.604   21.296  1.00 42.75 ? 478 HOH A O   1 
HETATM 1423 O  O   . HOH G 4 .   ? -5.233  10.468  -13.880 1.00 33.91 ? 479 HOH A O   1 
HETATM 1424 O  O   . HOH G 4 .   ? -10.251 6.603   2.865   1.00 42.86 ? 480 HOH A O   1 
HETATM 1425 O  O   . HOH G 4 .   ? -0.270  14.622  -7.268  1.00 37.76 ? 481 HOH A O   1 
HETATM 1426 O  O   . HOH G 4 .   ? 0.990   2.089   -3.608  1.00 37.56 ? 482 HOH A O   1 
HETATM 1427 O  O   . HOH G 4 .   ? -1.583  -14.647 -13.367 1.00 43.55 ? 483 HOH A O   1 
HETATM 1428 O  O   . HOH G 4 .   ? 15.445  -3.736  -4.808  1.00 33.10 ? 484 HOH A O   1 
HETATM 1429 O  O   . HOH G 4 .   ? -8.767  -10.054 -0.108  1.00 47.25 ? 485 HOH A O   1 
HETATM 1430 O  O   . HOH G 4 .   ? 10.514  -6.822  -7.510  1.00 47.86 ? 486 HOH A O   1 
HETATM 1431 O  O   . HOH G 4 .   ? 1.981   -5.101  -24.740 1.00 36.00 ? 487 HOH A O   1 
HETATM 1432 O  O   . HOH G 4 .   ? 2.814   -9.609  -4.880  1.00 40.69 ? 488 HOH A O   1 
HETATM 1433 O  O   . HOH G 4 .   ? -8.405  3.241   3.568   1.00 37.76 ? 489 HOH A O   1 
HETATM 1434 O  O   . HOH G 4 .   ? -17.087 -6.615  -16.292 1.00 41.02 ? 490 HOH A O   1 
HETATM 1435 O  O   . HOH G 4 .   ? 11.769  -3.070  11.440  1.00 46.11 ? 491 HOH A O   1 
HETATM 1436 O  O   . HOH G 4 .   ? -14.716 5.294   -7.822  1.00 42.12 ? 492 HOH A O   1 
HETATM 1437 O  O   . HOH G 4 .   ? -12.539 -4.534  0.803   1.00 50.23 ? 493 HOH A O   1 
HETATM 1438 O  O   . HOH G 4 .   ? 2.571   13.157  13.914  1.00 40.37 ? 494 HOH A O   1 
HETATM 1439 O  O   . HOH G 4 .   ? -17.646 -3.552  -6.475  1.00 48.43 ? 495 HOH A O   1 
HETATM 1440 O  O   . HOH G 4 .   ? 3.549   2.813   26.524  1.00 46.35 ? 496 HOH A O   1 
HETATM 1441 O  O   . HOH G 4 .   ? -5.763  -8.106  17.455  1.00 44.31 ? 497 HOH A O   1 
HETATM 1442 O  O   . HOH G 4 .   ? 13.926  -8.251  -8.722  1.00 44.31 ? 498 HOH A O   1 
HETATM 1443 O  O   . HOH G 4 .   ? -7.101  -7.084  4.752   1.00 38.42 ? 499 HOH A O   1 
HETATM 1444 O  O   . HOH G 4 .   ? -15.774 -7.837  -8.076  1.00 44.25 ? 500 HOH A O   1 
HETATM 1445 O  O   . HOH G 4 .   ? -16.712 -7.427  -18.574 1.00 60.13 ? 501 HOH A O   1 
HETATM 1446 O  O   . HOH G 4 .   ? -4.998  2.740   25.968  1.00 42.40 ? 502 HOH A O   1 
HETATM 1447 O  O   . HOH G 4 .   ? 8.575   -10.094 5.515   1.00 51.68 ? 503 HOH A O   1 
HETATM 1448 O  O   . HOH G 4 .   ? -13.508 -7.805  18.299  1.00 53.38 ? 504 HOH A O   1 
HETATM 1449 O  O   . HOH G 4 .   ? -9.343  -8.574  18.134  1.00 50.16 ? 505 HOH A O   1 
HETATM 1450 O  O   . HOH G 4 .   ? -7.943  5.931   3.421   1.00 42.82 ? 506 HOH A O   1 
HETATM 1451 O  O   . HOH G 4 .   ? -11.483 4.296   2.917   1.00 48.70 ? 507 HOH A O   1 
HETATM 1452 O  O   . HOH G 4 .   ? 2.990   9.469   -21.274 1.00 37.88 ? 508 HOH A O   1 
HETATM 1453 O  O   . HOH G 4 .   ? 21.044  -2.927  -4.930  1.00 39.29 ? 509 HOH A O   1 
HETATM 1454 O  O   . HOH G 4 .   ? -9.091  -7.496  15.134  1.00 47.02 ? 510 HOH A O   1 
HETATM 1455 O  O   . HOH G 4 .   ? -0.218  2.132   25.497  1.00 45.92 ? 511 HOH A O   1 
HETATM 1456 O  O   . HOH G 4 .   ? 8.384   -3.718  18.488  1.00 42.04 ? 512 HOH A O   1 
HETATM 1457 O  O   . HOH G 4 .   ? 5.650   -7.437  -19.045 1.00 52.55 ? 513 HOH A O   1 
HETATM 1458 O  O   . HOH G 4 .   ? 3.453   -2.033  -25.450 1.00 39.61 ? 514 HOH A O   1 
HETATM 1459 O  O   . HOH G 4 .   ? -11.160 2.123   3.835   1.00 43.08 ? 515 HOH A O   1 
HETATM 1460 O  O   . HOH G 4 .   ? -11.372 1.715   6.826   1.00 46.51 ? 516 HOH A O   1 
HETATM 1461 O  O   . HOH G 4 .   ? -8.524  8.926   -18.303 1.00 45.93 ? 517 HOH A O   1 
HETATM 1462 O  O   . HOH G 4 .   ? -12.824 -6.969  -11.287 1.00 33.67 ? 518 HOH A O   1 
HETATM 1463 O  O   . HOH G 4 .   ? -4.021  -13.283 11.715  1.00 41.18 ? 519 HOH A O   1 
HETATM 1464 O  O   . HOH G 4 .   ? 9.889   2.003   7.793   1.00 37.62 ? 520 HOH A O   1 
HETATM 1465 O  O   . HOH G 4 .   ? 7.474   11.835  11.732  1.00 48.39 ? 521 HOH A O   1 
HETATM 1466 O  O   . HOH G 4 .   ? -8.214  -12.674 -7.449  1.00 48.34 ? 522 HOH A O   1 
HETATM 1467 O  O   . HOH G 4 .   ? 7.221   -10.789 -18.302 1.00 54.86 ? 523 HOH A O   1 
HETATM 1468 O  O   . HOH G 4 .   ? 9.311   -16.277 13.758  1.00 46.52 ? 524 HOH A O   1 
HETATM 1469 O  O   . HOH G 4 .   ? 11.619  -15.396 9.969   1.00 48.60 ? 525 HOH A O   1 
HETATM 1470 O  O   . HOH G 4 .   ? -11.644 -7.733  14.009  1.00 47.92 ? 526 HOH A O   1 
HETATM 1471 O  O   . HOH G 4 .   ? 10.178  -4.435  7.929   1.00 45.16 ? 527 HOH A O   1 
HETATM 1472 O  O   . HOH G 4 .   ? 22.352  9.736   -5.764  1.00 42.68 ? 528 HOH A O   1 
HETATM 1473 O  O   . HOH G 4 .   ? -13.334 8.080   -13.548 1.00 37.63 ? 529 HOH A O   1 
HETATM 1474 O  O   . HOH G 4 .   ? -1.508  -8.978  -19.960 1.00 43.17 ? 530 HOH A O   1 
HETATM 1475 O  O   . HOH G 4 .   ? -6.701  10.728  -16.632 1.00 50.60 ? 531 HOH A O   1 
HETATM 1476 O  O   . HOH G 4 .   ? -2.431  -14.395 13.555  1.00 47.86 ? 532 HOH A O   1 
HETATM 1477 O  O   . HOH G 4 .   ? 14.107  -7.446  -4.632  1.00 45.77 ? 533 HOH A O   1 
HETATM 1478 O  O   . HOH G 4 .   ? 10.830  2.081   2.627   1.00 51.17 ? 534 HOH A O   1 
HETATM 1479 O  O   . HOH G 4 .   ? -10.153 4.080   19.696  1.00 47.32 ? 535 HOH A O   1 
HETATM 1480 O  O   . HOH G 4 .   ? 1.391   -17.925 0.018   1.00 51.30 ? 536 HOH A O   1 
HETATM 1481 O  O   . HOH G 4 .   ? -2.311  -6.165  -22.969 1.00 39.23 ? 537 HOH A O   1 
HETATM 1482 O  O   . HOH G 4 .   ? 0.641   -13.485 6.646   1.00 42.31 ? 538 HOH A O   1 
HETATM 1483 O  O   . HOH G 4 .   ? -0.714  -16.639 -2.905  1.00 57.28 ? 539 HOH A O   1 
HETATM 1484 O  O   . HOH G 4 .   ? 1.021   8.094   -24.734 1.00 49.19 ? 540 HOH A O   1 
HETATM 1485 O  O   . HOH G 4 .   ? -2.466  -16.733 2.003   1.00 46.34 ? 541 HOH A O   1 
HETATM 1486 O  O   . HOH G 4 .   ? 22.655  10.422  -3.154  1.00 39.95 ? 542 HOH A O   1 
HETATM 1487 O  O   . HOH G 4 .   ? -5.792  11.775  -5.735  1.00 36.42 ? 543 HOH A O   1 
HETATM 1488 O  O   . HOH G 4 .   ? 10.831  -5.630  -4.390  1.00 49.93 ? 544 HOH A O   1 
HETATM 1489 O  O   . HOH G 4 .   ? -12.418 -3.501  20.066  1.00 53.13 ? 545 HOH A O   1 
HETATM 1490 O  O   . HOH G 4 .   ? -12.583 -1.632  4.188   1.00 55.30 ? 546 HOH A O   1 
HETATM 1491 O  O   . HOH G 4 .   ? 6.368   1.817   -7.831  1.00 41.91 ? 547 HOH A O   1 
HETATM 1492 O  O   . HOH G 4 .   ? 6.967   -5.102  -20.044 1.00 50.20 ? 548 HOH A O   1 
HETATM 1493 O  O   . HOH G 4 .   ? 6.558   -18.366 12.759  1.00 56.15 ? 549 HOH A O   1 
HETATM 1494 O  O   . HOH G 4 .   ? 12.739  -3.844  8.396   1.00 42.90 ? 550 HOH A O   1 
HETATM 1495 O  O   . HOH G 4 .   ? 4.246   -7.529  -1.584  1.00 50.14 ? 551 HOH A O   1 
HETATM 1496 O  O   . HOH G 4 .   ? 2.167   0.077   -3.466  1.00 35.86 ? 552 HOH A O   1 
HETATM 1497 O  O   . HOH G 4 .   ? 18.936  -1.493  -7.461  1.00 31.61 ? 553 HOH A O   1 
HETATM 1498 O  O   . HOH G 4 .   ? -13.749 -5.969  -9.176  1.00 31.13 ? 554 HOH A O   1 
HETATM 1499 O  O   . HOH G 4 .   ? -5.604  15.971  12.678  1.00 45.53 ? 555 HOH A O   1 
HETATM 1500 O  O   . HOH G 4 .   ? -10.087 -11.239 -4.677  1.00 40.01 ? 556 HOH A O   1 
HETATM 1501 O  O   . HOH G 4 .   ? 18.754  6.450   1.495   1.00 38.55 ? 557 HOH A O   1 
HETATM 1502 O  O   . HOH G 4 .   ? -4.310  -9.810  -2.844  1.00 38.60 ? 558 HOH A O   1 
HETATM 1503 O  O   . HOH G 4 .   ? -4.807  5.872   -22.156 1.00 34.79 ? 559 HOH A O   1 
HETATM 1504 O  O   . HOH H 4 .   ? -12.367 5.445   -8.881  1.00 29.03 ? 25  HOH B O   1 
HETATM 1505 O  O   . HOH H 4 .   ? -8.838  7.084   -9.525  1.00 30.58 ? 26  HOH B O   1 
HETATM 1506 O  O   . HOH H 4 .   ? 4.514   3.714   -1.837  1.00 38.49 ? 27  HOH B O   1 
HETATM 1507 O  O   . HOH H 4 .   ? 8.046   0.090   4.508   1.00 38.46 ? 28  HOH B O   1 
HETATM 1508 O  O   . HOH H 4 .   ? 3.134   1.789   -1.505  1.00 35.18 ? 29  HOH B O   1 
HETATM 1509 O  O   . HOH H 4 .   ? -7.981  9.692   -7.528  1.00 41.46 ? 30  HOH B O   1 
HETATM 1510 O  O   . HOH H 4 .   ? -5.838  7.831   1.293   1.00 42.64 ? 31  HOH B O   1 
HETATM 1511 O  O   . HOH H 4 .   ? 4.310   7.499   3.795   1.00 48.78 ? 32  HOH B O   1 
HETATM 1512 O  O   . HOH H 4 .   ? -15.301 5.641   -3.124  1.00 53.68 ? 33  HOH B O   1 
HETATM 1513 O  O   . HOH H 4 .   ? -15.266 10.304  -3.955  1.00 64.65 ? 34  HOH B O   1 
# 
